data_3FMC
#
_entry.id   3FMC
#
_cell.length_a   98.279
_cell.length_b   140.101
_cell.length_c   164.170
_cell.angle_alpha   90.000
_cell.angle_beta   90.000
_cell.angle_gamma   90.000
#
_symmetry.space_group_name_H-M   'P 21 21 21'
#
loop_
_entity.id
_entity.type
_entity.pdbx_description
1 polymer 'Putative succinylglutamate desuccinylase / aspartoacylase'
2 non-polymer 'SULFATE ION'
3 non-polymer GLYCEROL
4 water water
#
_entity_poly.entity_id   1
_entity_poly.type   'polypeptide(L)'
_entity_poly.pdbx_seq_one_letter_code
;G(MSE)RVDKHEVRVGELAAGQPLSLPVYRFKGKGAGPSVYIQANVHGAEVQGNAVIYQL(MSE)KLLEHYELLGDISLV
PLANPLGINQKSGEFTLGRFDPITGVNWNREYLDHGFNIEVWYQEHSHLDDDTLITAFRATLVEECARRLNNPWGVTTGH
RLAVTLQS(MSE)AHRADIVLDLHTGPKSCKHLYCPEYERSAAQYFSIPYTLLIPNSFGGA(MSE)DEAAFVPWWTLAEV
ASSHGRELGVRVSALTLELGSQERIDLDDALEDAEGILAYLSHRGVIAETVLPKP(MSE)KRYGCFLKNYRKFHAPKAG
(MSE)VEYLGKVGVP(MSE)KATDPLVNLLRLDLYGTGEELTVLRLPEDGVPILHFASASVHQGTELYKV(MSE)TKVFE
L
;
_entity_poly.pdbx_strand_id   A,B,C,D
#
# COMPACT_ATOMS: atom_id res chain seq x y z
N VAL A 4 -4.96 31.32 24.53
CA VAL A 4 -5.65 30.21 23.78
C VAL A 4 -5.71 28.92 24.62
N ASP A 5 -6.92 28.57 25.08
CA ASP A 5 -7.18 27.35 25.83
C ASP A 5 -7.00 26.15 24.87
N LYS A 6 -6.31 25.12 25.31
CA LYS A 6 -6.11 23.90 24.49
C LYS A 6 -6.48 22.66 25.27
N HIS A 7 -7.19 21.73 24.66
CA HIS A 7 -7.40 20.42 25.28
C HIS A 7 -7.24 19.36 24.19
N GLU A 8 -7.21 18.11 24.59
CA GLU A 8 -7.09 16.99 23.65
C GLU A 8 -8.36 16.13 23.69
N VAL A 9 -8.76 15.64 22.54
CA VAL A 9 -9.97 14.85 22.37
C VAL A 9 -9.55 13.50 21.79
N ARG A 10 -9.94 12.41 22.45
CA ARG A 10 -9.58 11.07 22.04
C ARG A 10 -10.52 10.61 20.93
N VAL A 11 -9.95 10.12 19.84
CA VAL A 11 -10.73 9.66 18.70
C VAL A 11 -10.49 8.19 18.32
N GLY A 12 -9.53 7.55 18.95
CA GLY A 12 -9.25 6.13 18.59
C GLY A 12 -8.04 5.61 19.35
N GLU A 13 -7.54 4.48 18.90
CA GLU A 13 -6.39 3.82 19.52
C GLU A 13 -5.84 2.81 18.52
N LEU A 14 -4.51 2.68 18.54
CA LEU A 14 -3.77 1.82 17.63
C LEU A 14 -3.37 0.52 18.35
N ALA A 15 -3.18 -0.50 17.54
CA ALA A 15 -2.83 -1.86 17.93
C ALA A 15 -1.71 -1.97 18.92
N ALA A 16 -0.62 -1.20 18.70
CA ALA A 16 0.54 -1.20 19.63
C ALA A 16 0.30 -0.47 20.96
N GLY A 17 -0.85 0.18 21.10
CA GLY A 17 -1.28 0.82 22.34
C GLY A 17 -1.45 2.31 22.34
N GLN A 18 -0.95 2.97 21.30
CA GLN A 18 -0.96 4.44 21.26
C GLN A 18 -2.36 5.02 21.07
N PRO A 19 -2.73 5.98 21.91
CA PRO A 19 -4.00 6.64 21.71
C PRO A 19 -3.93 7.59 20.52
N LEU A 20 -5.06 7.74 19.86
CA LEU A 20 -5.21 8.68 18.76
C LEU A 20 -6.03 9.85 19.32
N SER A 21 -5.42 11.03 19.37
N SER A 21 -5.44 11.04 19.33
CA SER A 21 -6.06 12.22 19.91
CA SER A 21 -6.11 12.20 19.88
C SER A 21 -5.84 13.41 19.00
C SER A 21 -5.85 13.42 18.99
N LEU A 22 -6.70 14.42 19.18
CA LEU A 22 -6.67 15.68 18.43
C LEU A 22 -6.48 16.86 19.37
N PRO A 23 -5.75 17.91 18.91
CA PRO A 23 -5.59 19.10 19.71
C PRO A 23 -6.73 20.04 19.35
N VAL A 24 -7.43 20.59 20.37
CA VAL A 24 -8.58 21.46 20.16
C VAL A 24 -8.19 22.77 20.83
N TYR A 25 -8.12 23.83 20.03
CA TYR A 25 -7.73 25.16 20.47
C TYR A 25 -8.97 26.00 20.55
N ARG A 26 -9.18 26.70 21.68
CA ARG A 26 -10.41 27.48 21.87
C ARG A 26 -10.10 28.94 22.26
N PHE A 27 -10.80 29.85 21.59
CA PHE A 27 -10.74 31.26 21.86
C PHE A 27 -12.13 31.59 22.46
N LYS A 28 -12.16 32.19 23.64
CA LYS A 28 -13.41 32.54 24.30
C LYS A 28 -13.91 33.89 23.78
N GLY A 29 -15.16 33.93 23.36
CA GLY A 29 -15.77 35.16 22.89
C GLY A 29 -16.33 35.95 24.06
N LYS A 30 -16.46 37.25 23.87
CA LYS A 30 -17.01 38.17 24.90
C LYS A 30 -17.98 38.99 24.12
N GLY A 31 -19.21 38.49 24.04
CA GLY A 31 -20.25 39.14 23.25
C GLY A 31 -21.32 38.15 22.83
N ALA A 32 -22.19 38.58 21.91
CA ALA A 32 -23.30 37.74 21.45
C ALA A 32 -23.08 37.24 20.04
N GLY A 33 -21.82 37.17 19.60
CA GLY A 33 -21.51 36.72 18.25
C GLY A 33 -21.67 35.21 18.10
N PRO A 34 -21.85 34.75 16.85
CA PRO A 34 -22.02 33.32 16.62
C PRO A 34 -20.80 32.53 16.98
N SER A 35 -21.01 31.26 17.38
CA SER A 35 -19.88 30.38 17.69
C SER A 35 -19.42 29.68 16.39
N VAL A 36 -18.13 29.41 16.34
CA VAL A 36 -17.48 28.81 15.17
C VAL A 36 -16.67 27.55 15.55
N TYR A 37 -16.74 26.56 14.69
CA TYR A 37 -15.92 25.34 14.81
C TYR A 37 -15.19 25.18 13.47
N ILE A 38 -13.86 25.09 13.52
CA ILE A 38 -12.98 24.95 12.32
C ILE A 38 -12.13 23.70 12.50
N GLN A 39 -12.03 22.87 11.46
CA GLN A 39 -11.17 21.69 11.53
C GLN A 39 -10.42 21.55 10.20
N ALA A 40 -9.29 20.85 10.24
CA ALA A 40 -8.44 20.64 9.06
C ALA A 40 -7.85 19.23 9.07
N ASN A 41 -7.54 18.72 7.87
CA ASN A 41 -6.72 17.54 7.68
C ASN A 41 -7.42 16.23 8.07
N VAL A 42 -8.73 16.17 7.86
CA VAL A 42 -9.46 14.89 7.99
C VAL A 42 -8.91 13.95 6.94
N HIS A 43 -8.61 14.50 5.74
CA HIS A 43 -7.95 13.78 4.67
C HIS A 43 -6.46 14.03 4.92
N GLY A 44 -5.76 12.95 5.20
CA GLY A 44 -4.35 12.98 5.61
C GLY A 44 -3.39 13.76 4.76
N ALA A 45 -3.56 13.71 3.43
CA ALA A 45 -2.65 14.41 2.53
C ALA A 45 -2.91 15.90 2.42
N GLU A 46 -4.07 16.33 2.93
CA GLU A 46 -4.55 17.70 2.74
C GLU A 46 -4.04 18.61 3.87
N VAL A 47 -2.72 18.73 3.93
CA VAL A 47 -2.06 19.35 5.08
C VAL A 47 -2.10 20.88 5.18
N GLN A 48 -2.34 21.56 4.05
CA GLN A 48 -2.33 23.03 4.08
C GLN A 48 -3.35 23.62 5.05
N GLY A 49 -4.47 22.94 5.27
CA GLY A 49 -5.42 23.39 6.26
C GLY A 49 -4.82 23.67 7.63
N ASN A 50 -3.76 22.96 8.00
CA ASN A 50 -3.08 23.17 9.28
C ASN A 50 -2.39 24.55 9.27
N ALA A 51 -1.74 24.88 8.15
CA ALA A 51 -1.10 26.18 7.99
C ALA A 51 -2.13 27.31 8.02
N VAL A 52 -3.34 27.08 7.48
CA VAL A 52 -4.43 28.06 7.52
C VAL A 52 -4.88 28.29 8.96
N ILE A 53 -5.04 27.21 9.72
CA ILE A 53 -5.40 27.29 11.16
C ILE A 53 -4.31 28.04 11.91
N TYR A 54 -3.05 27.73 11.64
CA TYR A 54 -1.91 28.42 12.27
C TYR A 54 -2.00 29.93 12.05
N GLN A 55 -2.19 30.31 10.78
CA GLN A 55 -2.25 31.76 10.41
C GLN A 55 -3.48 32.39 10.99
N LEU A 56 -4.61 31.69 10.96
CA LEU A 56 -5.83 32.25 11.51
C LEU A 56 -5.68 32.53 13.04
N LYS A 58 -2.90 33.08 14.65
CA LYS A 58 -1.99 34.21 14.84
C LYS A 58 -2.74 35.53 14.63
N LEU A 59 -3.59 35.59 13.61
CA LEU A 59 -4.38 36.79 13.36
C LEU A 59 -5.41 37.04 14.46
N LEU A 60 -6.17 36.01 14.84
CA LEU A 60 -7.24 36.16 15.84
C LEU A 60 -6.76 36.75 17.16
N GLU A 61 -5.48 36.55 17.44
CA GLU A 61 -4.85 37.08 18.65
C GLU A 61 -4.83 38.61 18.69
N HIS A 62 -5.25 39.27 17.61
CA HIS A 62 -5.30 40.74 17.56
C HIS A 62 -6.69 41.28 17.19
N TYR A 63 -7.72 40.46 17.33
CA TYR A 63 -9.07 40.90 17.06
C TYR A 63 -9.91 40.78 18.33
N GLU A 64 -11.06 41.43 18.32
CA GLU A 64 -11.96 41.38 19.43
C GLU A 64 -12.98 40.32 19.12
N LEU A 65 -12.88 39.19 19.81
CA LEU A 65 -13.79 38.07 19.58
C LEU A 65 -15.12 38.27 20.29
N LEU A 66 -16.19 38.30 19.51
CA LEU A 66 -17.52 38.43 20.03
C LEU A 66 -18.16 37.05 20.20
N GLY A 67 -17.69 36.08 19.43
CA GLY A 67 -18.15 34.70 19.56
C GLY A 67 -17.03 33.71 19.80
N ASP A 68 -17.38 32.55 20.34
CA ASP A 68 -16.38 31.52 20.58
C ASP A 68 -15.89 30.93 19.28
N ILE A 69 -14.60 30.60 19.25
CA ILE A 69 -14.04 29.86 18.12
C ILE A 69 -13.22 28.67 18.64
N SER A 70 -13.52 27.49 18.10
CA SER A 70 -12.76 26.28 18.36
C SER A 70 -12.07 25.84 17.08
N LEU A 71 -10.78 25.49 17.15
CA LEU A 71 -10.03 25.05 15.95
C LEU A 71 -9.34 23.70 16.19
N VAL A 72 -9.55 22.78 15.25
CA VAL A 72 -9.04 21.40 15.34
C VAL A 72 -8.16 21.07 14.12
N PRO A 73 -6.88 21.42 14.19
CA PRO A 73 -5.95 21.03 13.13
C PRO A 73 -5.62 19.56 13.39
N LEU A 74 -4.93 18.93 12.45
CA LEU A 74 -4.46 17.56 12.63
C LEU A 74 -5.57 16.62 13.08
N ALA A 75 -6.72 16.76 12.43
CA ALA A 75 -7.97 16.13 12.84
C ALA A 75 -8.12 14.63 12.60
N ASN A 76 -7.16 14.01 11.92
CA ASN A 76 -7.19 12.56 11.65
C ASN A 76 -5.79 12.01 11.66
N PRO A 77 -5.18 11.86 12.88
CA PRO A 77 -3.80 11.37 12.90
C PRO A 77 -3.59 10.02 12.21
N LEU A 78 -4.56 9.10 12.30
CA LEU A 78 -4.37 7.80 11.64
C LEU A 78 -4.18 7.99 10.11
N GLY A 79 -4.97 8.87 9.51
CA GLY A 79 -4.79 9.18 8.06
C GLY A 79 -3.55 10.03 7.76
N ILE A 80 -3.29 11.02 8.61
CA ILE A 80 -2.17 11.94 8.48
C ILE A 80 -0.82 11.17 8.50
N ASN A 81 -0.75 10.16 9.35
CA ASN A 81 0.49 9.44 9.53
C ASN A 81 0.67 8.23 8.60
N GLN A 82 -0.27 8.01 7.69
CA GLN A 82 -0.24 6.82 6.83
C GLN A 82 0.49 7.10 5.53
N LYS A 83 1.67 6.51 5.36
CA LYS A 83 2.42 6.64 4.09
C LYS A 83 2.35 5.36 3.26
N SER A 84 2.40 5.55 1.94
CA SER A 84 2.54 4.46 0.95
C SER A 84 3.48 5.05 -0.09
N GLY A 85 4.72 4.56 -0.12
CA GLY A 85 5.71 5.25 -0.93
C GLY A 85 5.91 6.66 -0.36
N GLU A 86 6.19 7.63 -1.23
CA GLU A 86 6.49 8.99 -0.83
C GLU A 86 5.23 9.86 -0.92
N PHE A 87 4.11 9.30 -0.46
CA PHE A 87 2.78 9.90 -0.59
C PHE A 87 1.99 9.49 0.65
N THR A 88 1.21 10.42 1.17
CA THR A 88 0.33 10.13 2.29
C THR A 88 -0.91 9.46 1.74
N LEU A 89 -1.14 8.21 2.17
CA LEU A 89 -2.34 7.45 1.82
C LEU A 89 -3.38 7.81 2.89
N GLY A 90 -3.97 9.00 2.76
CA GLY A 90 -4.70 9.61 3.84
C GLY A 90 -6.15 9.89 3.66
N ARG A 91 -6.68 9.40 2.55
CA ARG A 91 -8.04 9.73 2.13
C ARG A 91 -9.10 8.75 2.61
N PHE A 92 -8.69 7.51 2.80
CA PHE A 92 -9.61 6.46 3.21
C PHE A 92 -8.94 5.48 4.14
N ASP A 93 -9.79 4.73 4.84
CA ASP A 93 -9.30 3.66 5.71
C ASP A 93 -8.52 2.69 4.82
N PRO A 94 -7.22 2.49 5.09
CA PRO A 94 -6.40 1.62 4.22
C PRO A 94 -6.82 0.15 4.28
N ILE A 95 -7.55 -0.21 5.34
CA ILE A 95 -8.07 -1.56 5.47
C ILE A 95 -9.29 -1.79 4.57
N THR A 96 -10.23 -0.86 4.62
CA THR A 96 -11.53 -1.07 3.94
C THR A 96 -11.82 -0.27 2.71
N GLY A 97 -11.07 0.84 2.56
CA GLY A 97 -11.21 1.75 1.41
C GLY A 97 -12.23 2.84 1.63
N VAL A 98 -12.81 2.89 2.85
CA VAL A 98 -13.88 3.86 3.11
C VAL A 98 -13.31 5.23 3.35
N ASN A 99 -13.73 6.19 2.52
CA ASN A 99 -13.36 7.59 2.64
C ASN A 99 -13.72 8.12 4.03
N TRP A 100 -12.75 8.74 4.72
CA TRP A 100 -12.96 9.22 6.05
C TRP A 100 -14.05 10.29 6.06
N ASN A 101 -14.15 11.07 4.99
CA ASN A 101 -15.19 12.11 4.86
C ASN A 101 -16.49 11.55 4.25
N ARG A 102 -16.68 10.23 4.35
CA ARG A 102 -17.96 9.63 4.07
C ARG A 102 -18.54 8.91 5.31
N GLU A 103 -17.91 9.11 6.46
CA GLU A 103 -18.27 8.45 7.72
C GLU A 103 -19.09 9.27 8.71
N TYR A 104 -19.59 10.42 8.30
CA TYR A 104 -20.36 11.22 9.26
C TYR A 104 -21.78 10.61 9.43
N LEU A 105 -22.46 11.08 10.46
CA LEU A 105 -23.77 10.55 10.89
C LEU A 105 -24.98 11.34 10.35
N ASP A 106 -25.82 10.64 9.60
CA ASP A 106 -27.06 11.17 9.09
C ASP A 106 -28.06 11.00 10.20
N HIS A 107 -28.55 12.08 10.75
CA HIS A 107 -29.56 11.92 11.82
C HIS A 107 -30.86 11.36 11.22
N GLY A 108 -31.21 10.17 11.66
CA GLY A 108 -32.35 9.42 11.14
C GLY A 108 -33.74 9.90 11.57
N PHE A 109 -33.84 10.37 12.81
CA PHE A 109 -35.10 10.74 13.41
C PHE A 109 -36.04 11.62 12.57
N ASN A 110 -37.32 11.50 12.84
CA ASN A 110 -38.32 12.21 12.07
C ASN A 110 -38.38 13.65 12.58
N ILE A 111 -37.94 14.57 11.73
CA ILE A 111 -37.88 16.00 12.10
C ILE A 111 -39.28 16.62 12.18
N GLU A 112 -40.19 16.15 11.32
CA GLU A 112 -41.60 16.55 11.39
C GLU A 112 -42.15 16.25 12.80
N VAL A 113 -41.90 15.04 13.29
CA VAL A 113 -42.36 14.66 14.62
C VAL A 113 -41.62 15.43 15.71
N TRP A 114 -40.31 15.58 15.55
CA TRP A 114 -39.54 16.29 16.54
C TRP A 114 -40.07 17.71 16.67
N TYR A 115 -40.31 18.35 15.52
CA TYR A 115 -40.80 19.73 15.47
C TYR A 115 -42.15 19.85 16.21
N GLN A 116 -43.10 18.98 15.86
CA GLN A 116 -44.42 19.01 16.50
C GLN A 116 -44.30 18.86 18.00
N GLU A 117 -43.41 17.98 18.43
CA GLU A 117 -43.22 17.79 19.87
C GLU A 117 -42.53 18.95 20.58
N HIS A 118 -41.97 19.91 19.84
CA HIS A 118 -41.28 21.07 20.45
C HIS A 118 -41.83 22.42 19.97
N SER A 119 -42.84 22.38 19.12
CA SER A 119 -43.35 23.60 18.49
C SER A 119 -43.93 24.65 19.43
N HIS A 120 -44.17 24.25 20.68
CA HIS A 120 -44.70 25.15 21.70
C HIS A 120 -43.57 25.97 22.35
N LEU A 121 -42.31 25.60 22.07
CA LEU A 121 -41.16 26.29 22.63
C LEU A 121 -40.84 27.54 21.83
N ASP A 122 -40.22 28.54 22.48
CA ASP A 122 -39.83 29.73 21.72
C ASP A 122 -38.62 29.37 20.85
N ASP A 123 -38.33 30.22 19.86
CA ASP A 123 -37.23 29.97 18.92
C ASP A 123 -35.94 29.55 19.56
N ASP A 124 -35.46 30.33 20.54
CA ASP A 124 -34.17 30.02 21.15
C ASP A 124 -34.18 28.72 21.93
N THR A 125 -35.28 28.45 22.61
CA THR A 125 -35.45 27.23 23.40
C THR A 125 -35.54 26.03 22.50
N LEU A 126 -36.26 26.19 21.40
CA LEU A 126 -36.41 25.14 20.41
C LEU A 126 -35.03 24.82 19.79
N ILE A 127 -34.27 25.85 19.45
CA ILE A 127 -32.95 25.70 18.85
C ILE A 127 -32.00 24.97 19.79
N THR A 128 -32.03 25.34 21.06
CA THR A 128 -31.20 24.71 22.10
C THR A 128 -31.58 23.25 22.22
N ALA A 129 -32.86 22.95 22.17
CA ALA A 129 -33.33 21.58 22.29
C ALA A 129 -32.90 20.75 21.07
N PHE A 130 -33.01 21.33 19.88
CA PHE A 130 -32.64 20.61 18.66
C PHE A 130 -31.14 20.28 18.68
N ARG A 131 -30.32 21.24 19.09
CA ARG A 131 -28.87 21.06 19.17
C ARG A 131 -28.57 19.91 20.16
N ALA A 132 -29.24 19.94 21.31
CA ALA A 132 -29.08 18.88 22.30
C ALA A 132 -29.44 17.49 21.73
N THR A 133 -30.52 17.43 20.93
CA THR A 133 -30.94 16.19 20.34
C THR A 133 -29.83 15.67 19.39
N LEU A 134 -29.26 16.53 18.56
CA LEU A 134 -28.15 16.10 17.68
C LEU A 134 -26.92 15.63 18.47
N VAL A 135 -26.53 16.35 19.52
CA VAL A 135 -25.37 15.98 20.33
C VAL A 135 -25.63 14.60 21.01
N GLU A 136 -26.85 14.42 21.49
CA GLU A 136 -27.22 13.17 22.15
C GLU A 136 -27.26 12.02 21.16
N GLU A 137 -27.74 12.26 19.95
CA GLU A 137 -27.76 11.22 18.92
C GLU A 137 -26.34 10.74 18.59
N CYS A 138 -25.38 11.64 18.64
CA CYS A 138 -23.99 11.26 18.42
C CYS A 138 -23.51 10.34 19.53
N ALA A 139 -23.81 10.72 20.77
CA ALA A 139 -23.45 9.92 21.93
C ALA A 139 -24.05 8.53 21.87
N ARG A 140 -25.31 8.46 21.50
N ARG A 140 -25.32 8.47 21.47
CA ARG A 140 -25.99 7.18 21.37
CA ARG A 140 -26.07 7.21 21.34
C ARG A 140 -25.27 6.29 20.38
C ARG A 140 -25.43 6.27 20.31
N ARG A 141 -24.95 6.87 19.22
CA ARG A 141 -24.28 6.12 18.18
C ARG A 141 -23.00 5.47 18.64
N LEU A 142 -22.21 6.20 19.45
CA LEU A 142 -20.93 5.74 19.92
C LEU A 142 -21.07 4.75 21.06
N ASN A 143 -22.25 4.72 21.67
CA ASN A 143 -22.52 3.81 22.78
C ASN A 143 -23.00 2.40 22.40
N ASN A 144 -23.03 2.06 21.13
CA ASN A 144 -23.50 0.76 20.67
C ASN A 144 -22.56 -0.39 21.07
N PRO A 145 -23.10 -1.50 21.68
CA PRO A 145 -22.22 -2.59 22.10
C PRO A 145 -21.56 -3.36 20.95
N TRP A 146 -22.11 -3.22 19.74
CA TRP A 146 -21.46 -3.82 18.57
C TRP A 146 -20.32 -2.92 18.02
N GLY A 147 -20.17 -1.74 18.60
CA GLY A 147 -19.09 -0.80 18.22
C GLY A 147 -19.39 -0.11 16.90
N VAL A 148 -18.45 0.73 16.47
CA VAL A 148 -18.57 1.45 15.20
C VAL A 148 -17.21 1.37 14.49
N THR A 149 -17.18 1.71 13.21
CA THR A 149 -15.89 1.65 12.49
C THR A 149 -14.88 2.67 13.02
N THR A 150 -13.63 2.44 12.68
CA THR A 150 -12.57 3.34 13.06
C THR A 150 -12.91 4.76 12.55
N GLY A 151 -13.33 4.86 11.30
CA GLY A 151 -13.61 6.19 10.74
C GLY A 151 -14.87 6.79 11.28
N HIS A 152 -15.85 5.94 11.63
CA HIS A 152 -17.13 6.44 12.18
C HIS A 152 -16.91 7.05 13.54
N ARG A 153 -16.11 6.40 14.40
CA ARG A 153 -15.78 6.99 15.70
C ARG A 153 -15.14 8.35 15.55
N LEU A 154 -14.19 8.47 14.62
CA LEU A 154 -13.54 9.75 14.38
C LEU A 154 -14.55 10.81 13.95
N ALA A 155 -15.30 10.48 12.92
CA ALA A 155 -16.22 11.43 12.30
C ALA A 155 -17.32 11.87 13.25
N VAL A 156 -17.87 10.94 14.01
CA VAL A 156 -18.94 11.26 14.96
C VAL A 156 -18.40 12.10 16.10
N THR A 157 -17.17 11.83 16.50
CA THR A 157 -16.53 12.65 17.53
C THR A 157 -16.36 14.12 17.09
N LEU A 158 -15.91 14.32 15.85
CA LEU A 158 -15.78 15.65 15.25
C LEU A 158 -17.15 16.29 15.09
N GLN A 159 -18.12 15.49 14.64
CA GLN A 159 -19.49 15.97 14.41
C GLN A 159 -20.17 16.48 15.67
N SER A 160 -19.99 15.77 16.76
CA SER A 160 -20.53 16.17 18.03
C SER A 160 -20.04 17.57 18.38
N ALA A 162 -18.81 19.82 16.20
CA ALA A 162 -19.35 20.72 15.14
C ALA A 162 -20.78 21.11 15.43
N HIS A 163 -21.59 20.16 15.89
CA HIS A 163 -23.00 20.44 16.19
C HIS A 163 -23.20 21.53 17.24
N ARG A 164 -22.20 21.74 18.08
CA ARG A 164 -22.31 22.73 19.15
C ARG A 164 -22.20 24.14 18.63
N ALA A 165 -21.60 24.30 17.44
CA ALA A 165 -21.35 25.62 16.85
C ALA A 165 -22.46 26.13 15.95
N ASP A 166 -22.45 27.44 15.73
CA ASP A 166 -23.39 28.08 14.82
C ASP A 166 -22.86 28.03 13.38
N ILE A 167 -21.54 27.97 13.27
CA ILE A 167 -20.80 28.00 12.02
C ILE A 167 -19.68 26.96 12.03
N VAL A 168 -19.70 26.10 11.01
CA VAL A 168 -18.71 25.03 10.82
C VAL A 168 -17.95 25.26 9.49
N LEU A 169 -16.63 25.33 9.62
CA LEU A 169 -15.73 25.46 8.47
C LEU A 169 -14.82 24.22 8.46
N ASP A 170 -14.93 23.43 7.41
CA ASP A 170 -14.13 22.19 7.24
C ASP A 170 -13.07 22.52 6.23
N LEU A 171 -11.80 22.50 6.62
CA LEU A 171 -10.71 22.87 5.71
C LEU A 171 -10.06 21.64 5.06
N HIS A 172 -10.15 21.58 3.72
CA HIS A 172 -9.56 20.54 2.89
C HIS A 172 -8.65 21.10 1.80
N THR A 173 -8.13 20.20 0.98
CA THR A 173 -7.45 20.60 -0.24
C THR A 173 -7.87 19.64 -1.31
N GLY A 174 -7.68 20.03 -2.57
CA GLY A 174 -7.84 19.10 -3.67
C GLY A 174 -6.50 18.41 -3.93
N PRO A 175 -6.37 17.62 -5.01
CA PRO A 175 -5.09 16.97 -5.35
C PRO A 175 -4.08 17.98 -5.99
N LYS A 176 -4.10 18.09 -7.32
CA LYS A 176 -3.48 19.24 -8.04
C LYS A 176 -4.71 20.11 -8.29
N SER A 177 -4.86 21.22 -7.55
CA SER A 177 -6.13 21.91 -7.51
C SER A 177 -6.08 23.41 -7.32
N CYS A 178 -7.08 24.13 -7.82
CA CYS A 178 -7.24 25.52 -7.48
C CYS A 178 -8.03 25.62 -6.17
N LYS A 179 -8.15 26.82 -5.65
CA LYS A 179 -8.96 27.06 -4.45
C LYS A 179 -10.40 27.05 -4.88
N HIS A 180 -11.22 26.27 -4.15
CA HIS A 180 -12.66 26.23 -4.38
C HIS A 180 -13.42 26.05 -3.06
N LEU A 181 -14.74 26.22 -3.10
CA LEU A 181 -15.60 26.28 -1.91
C LEU A 181 -16.90 25.54 -2.15
N TYR A 182 -17.36 24.79 -1.15
CA TYR A 182 -18.65 24.19 -1.19
C TYR A 182 -19.53 24.99 -0.23
N CYS A 183 -20.65 25.51 -0.74
N CYS A 183 -20.72 25.27 -0.70
CA CYS A 183 -21.66 26.24 0.06
CA CYS A 183 -21.64 26.12 -0.01
C CYS A 183 -22.99 25.57 -0.17
C CYS A 183 -23.04 25.59 -0.22
N PRO A 184 -23.82 25.40 0.87
CA PRO A 184 -25.18 24.91 0.59
C PRO A 184 -25.95 26.04 -0.12
N GLU A 185 -26.97 25.70 -0.90
CA GLU A 185 -27.70 26.67 -1.69
C GLU A 185 -28.27 27.85 -0.89
N TYR A 186 -28.67 27.58 0.36
CA TYR A 186 -29.23 28.60 1.21
C TYR A 186 -28.22 29.67 1.65
N GLU A 187 -26.91 29.42 1.51
CA GLU A 187 -25.94 30.45 1.90
C GLU A 187 -24.91 30.70 0.79
N ARG A 188 -25.42 30.82 -0.44
CA ARG A 188 -24.66 31.25 -1.57
C ARG A 188 -23.86 32.54 -1.27
N SER A 189 -24.43 33.43 -0.46
CA SER A 189 -23.78 34.69 -0.13
C SER A 189 -22.44 34.54 0.56
N ALA A 190 -22.22 33.39 1.22
CA ALA A 190 -20.97 33.17 1.96
C ALA A 190 -19.76 33.32 1.08
N ALA A 191 -19.90 32.93 -0.18
CA ALA A 191 -18.80 32.98 -1.13
C ALA A 191 -18.25 34.39 -1.32
N GLN A 192 -19.09 35.39 -1.14
CA GLN A 192 -18.68 36.79 -1.31
C GLN A 192 -17.59 37.23 -0.34
N TYR A 193 -17.49 36.56 0.82
CA TYR A 193 -16.58 36.99 1.90
C TYR A 193 -15.25 36.26 1.89
N PHE A 194 -15.25 34.97 1.51
CA PHE A 194 -13.98 34.22 1.40
C PHE A 194 -13.24 34.74 0.17
N SER A 195 -11.96 34.38 0.04
CA SER A 195 -11.13 34.72 -1.11
C SER A 195 -10.98 33.52 -2.05
N ILE A 196 -12.12 33.01 -2.51
CA ILE A 196 -12.09 31.76 -3.27
C ILE A 196 -12.85 31.96 -4.58
N PRO A 197 -12.16 31.78 -5.71
CA PRO A 197 -12.78 32.11 -6.98
C PRO A 197 -13.91 31.24 -7.52
N TYR A 198 -14.01 29.99 -7.08
CA TYR A 198 -14.97 29.05 -7.64
C TYR A 198 -15.71 28.36 -6.50
N THR A 199 -17.04 28.43 -6.56
CA THR A 199 -17.88 27.85 -5.54
C THR A 199 -18.85 26.86 -6.13
N LEU A 200 -19.00 25.72 -5.45
CA LEU A 200 -19.99 24.71 -5.76
C LEU A 200 -21.16 24.85 -4.77
N LEU A 201 -22.36 25.02 -5.33
CA LEU A 201 -23.58 25.22 -4.54
C LEU A 201 -24.21 23.84 -4.41
N ILE A 202 -24.43 23.43 -3.17
CA ILE A 202 -24.86 22.08 -2.90
C ILE A 202 -26.27 22.01 -2.25
N PRO A 203 -27.00 20.94 -2.55
CA PRO A 203 -28.35 20.84 -2.08
C PRO A 203 -28.53 20.29 -0.65
N ASN A 204 -29.78 20.25 -0.23
CA ASN A 204 -30.11 19.75 1.10
C ASN A 204 -30.19 18.24 1.00
N SER A 205 -29.05 17.61 1.01
CA SER A 205 -28.95 16.17 0.84
C SER A 205 -27.74 15.66 1.61
N PHE A 206 -27.93 14.58 2.36
CA PHE A 206 -26.85 14.03 3.11
C PHE A 206 -26.09 13.03 2.26
N GLY A 207 -24.78 13.23 2.16
CA GLY A 207 -23.92 12.35 1.39
C GLY A 207 -22.69 11.83 2.11
N GLY A 208 -22.68 11.89 3.43
CA GLY A 208 -21.61 11.37 4.25
C GLY A 208 -20.57 12.29 4.78
N ALA A 209 -20.57 13.55 4.31
CA ALA A 209 -19.52 14.51 4.63
C ALA A 209 -19.89 15.42 5.77
N ASP A 211 -19.89 18.80 6.16
CA ASP A 211 -20.78 19.95 5.97
C ASP A 211 -22.27 19.56 5.90
N GLU A 212 -22.58 18.53 5.14
CA GLU A 212 -23.92 17.99 5.02
C GLU A 212 -24.40 17.50 6.38
N ALA A 213 -23.53 16.79 7.10
CA ALA A 213 -23.87 16.26 8.41
C ALA A 213 -24.31 17.41 9.35
N ALA A 214 -23.64 18.55 9.21
CA ALA A 214 -23.89 19.71 10.06
C ALA A 214 -25.10 20.52 9.63
N PHE A 215 -25.28 20.73 8.33
CA PHE A 215 -26.39 21.60 7.87
C PHE A 215 -27.71 20.93 7.57
N VAL A 216 -27.68 19.67 7.16
CA VAL A 216 -28.94 19.02 6.73
C VAL A 216 -30.04 19.01 7.82
N PRO A 217 -29.68 18.67 9.07
CA PRO A 217 -30.74 18.67 10.09
C PRO A 217 -31.36 20.06 10.28
N TRP A 218 -30.54 21.10 10.23
CA TRP A 218 -31.05 22.46 10.45
C TRP A 218 -31.81 23.05 9.28
N TRP A 219 -31.39 22.73 8.07
CA TRP A 219 -32.05 23.20 6.88
C TRP A 219 -33.42 22.51 6.79
N THR A 220 -33.44 21.22 7.10
CA THR A 220 -34.68 20.45 7.11
C THR A 220 -35.65 20.96 8.20
N LEU A 221 -35.15 21.22 9.39
CA LEU A 221 -35.94 21.75 10.50
C LEU A 221 -36.54 23.08 10.05
N ALA A 222 -35.71 23.92 9.42
CA ALA A 222 -36.21 25.24 8.95
C ALA A 222 -37.39 25.09 7.99
N GLU A 223 -37.28 24.16 7.06
CA GLU A 223 -38.34 23.94 6.09
C GLU A 223 -39.62 23.38 6.68
N VAL A 224 -39.46 22.46 7.63
CA VAL A 224 -40.58 21.87 8.35
C VAL A 224 -41.26 22.99 9.16
N ALA A 225 -40.50 23.80 9.92
CA ALA A 225 -41.06 24.87 10.70
C ALA A 225 -41.86 25.82 9.81
N SER A 226 -41.26 26.24 8.70
CA SER A 226 -41.94 27.17 7.78
C SER A 226 -43.20 26.55 7.18
N SER A 227 -43.18 25.25 6.94
CA SER A 227 -44.37 24.58 6.40
C SER A 227 -45.54 24.63 7.38
N HIS A 228 -45.28 24.86 8.68
CA HIS A 228 -46.35 24.99 9.68
C HIS A 228 -46.55 26.42 10.10
N GLY A 229 -46.14 27.34 9.23
CA GLY A 229 -46.30 28.76 9.47
C GLY A 229 -45.32 29.42 10.41
N ARG A 230 -44.25 28.74 10.79
CA ARG A 230 -43.26 29.33 11.70
C ARG A 230 -41.94 29.55 11.00
N GLU A 231 -41.58 30.81 10.82
CA GLU A 231 -40.34 31.14 10.14
C GLU A 231 -39.20 31.13 11.14
N LEU A 232 -38.66 29.94 11.39
CA LEU A 232 -37.53 29.75 12.28
C LEU A 232 -36.22 30.20 11.61
N GLY A 233 -36.03 29.76 10.37
CA GLY A 233 -34.82 30.04 9.63
C GLY A 233 -33.76 28.95 9.80
N VAL A 234 -32.81 28.88 8.87
CA VAL A 234 -31.69 27.94 8.93
C VAL A 234 -30.68 28.54 9.91
N ARG A 235 -30.45 27.82 11.02
CA ARG A 235 -29.67 28.32 12.15
C ARG A 235 -28.22 27.90 12.24
N VAL A 236 -27.71 27.21 11.22
N VAL A 236 -27.72 27.23 11.21
CA VAL A 236 -26.30 26.79 11.18
CA VAL A 236 -26.31 26.88 11.16
C VAL A 236 -25.74 27.03 9.77
C VAL A 236 -25.77 27.17 9.76
N SER A 237 -24.48 27.46 9.71
CA SER A 237 -23.74 27.62 8.48
C SER A 237 -22.68 26.51 8.50
N ALA A 238 -22.50 25.82 7.37
CA ALA A 238 -21.43 24.79 7.29
C ALA A 238 -20.89 24.81 5.86
N LEU A 239 -19.61 25.12 5.76
CA LEU A 239 -18.96 25.34 4.47
C LEU A 239 -17.67 24.54 4.40
N THR A 240 -17.27 24.14 3.21
CA THR A 240 -16.07 23.34 3.04
C THR A 240 -15.17 24.09 2.09
N LEU A 241 -13.99 24.44 2.59
CA LEU A 241 -12.99 25.16 1.83
C LEU A 241 -11.94 24.20 1.32
N GLU A 242 -11.77 24.17 -0.01
CA GLU A 242 -10.79 23.30 -0.66
C GLU A 242 -9.63 24.22 -1.10
N LEU A 243 -8.62 24.29 -0.27
CA LEU A 243 -7.58 25.28 -0.41
C LEU A 243 -6.37 24.91 -1.16
N GLY A 244 -6.55 24.72 -2.44
CA GLY A 244 -5.43 24.45 -3.31
C GLY A 244 -5.03 22.99 -3.30
N SER A 245 -3.73 22.74 -3.44
CA SER A 245 -3.23 21.41 -3.65
C SER A 245 -2.82 20.69 -2.36
N GLN A 246 -2.82 19.37 -2.45
CA GLN A 246 -2.46 18.52 -1.32
C GLN A 246 -0.93 18.42 -1.22
N GLU A 247 -0.46 17.75 -0.16
CA GLU A 247 0.94 17.48 0.04
C GLU A 247 1.79 18.71 -0.09
N ARG A 248 1.31 19.79 0.51
N ARG A 248 1.32 19.81 0.48
CA ARG A 248 1.94 21.10 0.38
CA ARG A 248 2.11 21.03 0.45
C ARG A 248 1.66 21.95 1.60
C ARG A 248 1.71 21.90 1.61
N ILE A 249 2.71 22.63 2.11
CA ILE A 249 2.54 23.65 3.13
C ILE A 249 3.08 24.94 2.46
N ASP A 250 2.25 25.98 2.44
CA ASP A 250 2.67 27.29 1.89
C ASP A 250 2.11 28.35 2.84
N LEU A 251 2.98 28.79 3.73
CA LEU A 251 2.55 29.72 4.78
C LEU A 251 2.01 31.07 4.28
N ASP A 252 2.63 31.64 3.25
CA ASP A 252 2.11 32.90 2.70
C ASP A 252 0.73 32.72 2.09
N ASP A 253 0.55 31.64 1.35
CA ASP A 253 -0.75 31.37 0.74
C ASP A 253 -1.83 31.10 1.80
N ALA A 254 -1.45 30.39 2.86
CA ALA A 254 -2.32 30.07 3.99
C ALA A 254 -2.82 31.37 4.68
N LEU A 255 -1.95 32.38 4.73
CA LEU A 255 -2.32 33.68 5.29
C LEU A 255 -3.43 34.32 4.47
N GLU A 256 -3.30 34.26 3.14
CA GLU A 256 -4.32 34.80 2.30
C GLU A 256 -5.64 34.11 2.56
N ASP A 257 -5.60 32.79 2.76
CA ASP A 257 -6.83 32.02 3.01
C ASP A 257 -7.45 32.46 4.35
N ALA A 258 -6.59 32.61 5.35
CA ALA A 258 -6.98 33.02 6.70
C ALA A 258 -7.59 34.43 6.68
N GLU A 259 -7.05 35.34 5.85
CA GLU A 259 -7.60 36.69 5.70
C GLU A 259 -9.02 36.66 5.14
N GLY A 260 -9.26 35.79 4.19
CA GLY A 260 -10.62 35.59 3.69
C GLY A 260 -11.57 35.04 4.73
N ILE A 261 -11.10 34.09 5.54
CA ILE A 261 -11.92 33.54 6.61
C ILE A 261 -12.31 34.67 7.60
N LEU A 262 -11.36 35.54 7.93
CA LEU A 262 -11.60 36.67 8.82
C LEU A 262 -12.70 37.59 8.28
N ALA A 263 -12.74 37.75 6.95
CA ALA A 263 -13.75 38.58 6.29
C ALA A 263 -15.14 37.98 6.53
N TYR A 264 -15.24 36.65 6.40
CA TYR A 264 -16.50 35.96 6.67
C TYR A 264 -16.82 36.08 8.16
N LEU A 265 -15.82 35.89 9.04
CA LEU A 265 -16.04 36.02 10.50
C LEU A 265 -16.49 37.44 10.87
N SER A 266 -15.91 38.46 10.23
CA SER A 266 -16.31 39.85 10.44
C SER A 266 -17.77 40.07 10.00
N HIS A 267 -18.09 39.59 8.81
CA HIS A 267 -19.46 39.65 8.27
C HIS A 267 -20.47 39.03 9.23
N ARG A 268 -20.11 37.88 9.83
CA ARG A 268 -21.05 37.18 10.71
C ARG A 268 -21.08 37.69 12.12
N GLY A 269 -20.24 38.69 12.41
CA GLY A 269 -20.19 39.29 13.75
C GLY A 269 -19.47 38.46 14.78
N VAL A 270 -18.58 37.56 14.34
CA VAL A 270 -17.82 36.76 15.23
C VAL A 270 -16.69 37.61 15.83
N ILE A 271 -16.16 38.52 15.00
CA ILE A 271 -15.15 39.49 15.43
C ILE A 271 -15.78 40.87 15.30
N ALA A 272 -15.36 41.79 16.17
CA ALA A 272 -15.96 43.14 16.24
C ALA A 272 -15.50 44.00 15.08
N GLU A 273 -14.24 43.85 14.71
CA GLU A 273 -13.68 44.64 13.64
C GLU A 273 -14.31 44.36 12.26
N THR A 274 -14.31 45.42 11.44
CA THR A 274 -14.77 45.30 10.08
C THR A 274 -13.58 44.86 9.24
N VAL A 275 -13.70 43.67 8.64
CA VAL A 275 -12.69 43.14 7.74
C VAL A 275 -13.45 42.92 6.44
N LEU A 276 -13.11 43.68 5.41
CA LEU A 276 -13.80 43.59 4.15
C LEU A 276 -13.27 42.44 3.27
N PRO A 277 -14.14 41.89 2.42
CA PRO A 277 -13.72 40.85 1.49
C PRO A 277 -12.74 41.37 0.48
N LYS A 278 -11.93 40.48 -0.05
CA LYS A 278 -10.98 40.82 -1.10
C LYS A 278 -11.74 41.09 -2.38
N PRO A 279 -11.47 42.23 -3.03
CA PRO A 279 -12.15 42.50 -4.27
C PRO A 279 -11.57 41.62 -5.39
N LYS A 281 -13.16 38.58 -8.73
CA LYS A 281 -14.28 37.90 -9.39
C LYS A 281 -14.51 36.53 -8.71
N ARG A 282 -15.77 36.21 -8.52
CA ARG A 282 -16.19 34.99 -7.88
C ARG A 282 -17.26 34.36 -8.75
N TYR A 283 -17.05 33.08 -9.06
CA TYR A 283 -17.90 32.31 -9.91
C TYR A 283 -18.43 31.10 -9.14
N GLY A 284 -19.45 30.49 -9.73
CA GLY A 284 -20.05 29.30 -9.15
C GLY A 284 -20.64 28.34 -10.16
N CYS A 285 -21.01 27.18 -9.67
CA CYS A 285 -21.84 26.25 -10.42
C CYS A 285 -22.63 25.40 -9.43
N PHE A 286 -23.75 24.89 -9.87
CA PHE A 286 -24.54 24.02 -9.06
C PHE A 286 -23.89 22.64 -9.16
N LEU A 287 -23.84 21.95 -8.02
CA LEU A 287 -23.14 20.66 -7.88
C LEU A 287 -23.38 19.67 -9.04
N LYS A 288 -24.63 19.60 -9.51
CA LYS A 288 -24.96 18.68 -10.59
C LYS A 288 -24.17 18.92 -11.87
N ASN A 289 -23.64 20.12 -12.05
CA ASN A 289 -22.81 20.43 -13.21
C ASN A 289 -21.28 20.31 -13.02
N TYR A 290 -20.89 19.71 -11.90
CA TYR A 290 -19.46 19.50 -11.58
C TYR A 290 -19.22 18.09 -12.13
N ARG A 291 -18.37 18.03 -13.14
CA ARG A 291 -18.17 16.81 -13.94
C ARG A 291 -16.83 16.17 -13.76
N LYS A 292 -16.83 14.85 -13.85
CA LYS A 292 -15.60 14.06 -13.74
C LYS A 292 -15.19 13.62 -15.14
N PHE A 293 -13.93 13.88 -15.49
CA PHE A 293 -13.40 13.47 -16.80
C PHE A 293 -12.44 12.30 -16.59
N HIS A 294 -12.79 11.12 -17.11
CA HIS A 294 -11.98 9.91 -16.94
C HIS A 294 -11.17 9.61 -18.20
N ALA A 295 -9.97 9.05 -18.02
CA ALA A 295 -9.12 8.66 -19.12
C ALA A 295 -9.87 7.71 -20.06
N PRO A 296 -10.03 8.08 -21.34
CA PRO A 296 -10.68 7.18 -22.29
C PRO A 296 -9.79 6.05 -22.79
N LYS A 297 -8.48 6.22 -22.57
N LYS A 297 -8.50 6.15 -22.46
CA LYS A 297 -7.40 5.26 -22.91
CA LYS A 297 -7.44 5.25 -22.92
C LYS A 297 -6.37 5.39 -21.83
C LYS A 297 -6.31 5.42 -21.91
N ALA A 298 -5.55 4.36 -21.65
CA ALA A 298 -4.46 4.41 -20.67
C ALA A 298 -3.28 5.13 -21.28
N GLY A 299 -2.37 5.57 -20.44
CA GLY A 299 -1.09 6.07 -20.96
C GLY A 299 -0.44 7.06 -20.04
N VAL A 301 0.69 11.03 -19.17
N VAL A 301 0.56 10.96 -19.21
CA VAL A 301 -0.11 12.25 -19.23
CA VAL A 301 -0.11 12.23 -19.46
C VAL A 301 0.66 13.55 -18.98
C VAL A 301 0.63 13.50 -19.03
N GLU A 302 0.53 14.48 -19.93
CA GLU A 302 1.04 15.83 -19.77
C GLU A 302 -0.24 16.70 -19.64
N TYR A 303 -0.42 17.35 -18.48
CA TYR A 303 -1.63 18.10 -18.19
C TYR A 303 -1.54 19.49 -18.85
N LEU A 304 -2.51 19.79 -19.71
CA LEU A 304 -2.55 21.10 -20.45
C LEU A 304 -3.52 22.10 -19.85
N GLY A 305 -4.67 21.62 -19.35
CA GLY A 305 -5.69 22.43 -18.68
C GLY A 305 -5.18 22.89 -17.35
N LYS A 306 -5.03 24.20 -17.22
CA LYS A 306 -4.51 24.78 -15.99
C LYS A 306 -5.64 24.93 -15.03
N VAL A 307 -5.43 24.51 -13.79
CA VAL A 307 -6.52 24.58 -12.81
C VAL A 307 -6.93 26.00 -12.59
N GLY A 308 -8.24 26.22 -12.52
CA GLY A 308 -8.79 27.55 -12.23
C GLY A 308 -8.85 28.50 -13.43
N VAL A 309 -8.57 27.99 -14.61
CA VAL A 309 -8.58 28.79 -15.85
C VAL A 309 -9.70 28.26 -16.77
N PRO A 310 -10.67 29.12 -17.13
CA PRO A 310 -11.73 28.67 -18.04
C PRO A 310 -11.21 28.16 -19.36
N LYS A 312 -12.74 26.16 -23.23
CA LYS A 312 -13.91 25.96 -24.07
C LYS A 312 -14.01 24.52 -24.51
N ALA A 313 -15.24 24.12 -24.84
CA ALA A 313 -15.47 22.82 -25.43
C ALA A 313 -14.49 22.58 -26.58
N THR A 314 -13.84 21.41 -26.55
CA THR A 314 -12.86 20.90 -27.52
C THR A 314 -11.42 21.36 -27.26
N ASP A 315 -11.20 22.26 -26.28
CA ASP A 315 -9.83 22.70 -25.97
C ASP A 315 -9.03 21.52 -25.42
N PRO A 316 -7.72 21.49 -25.68
CA PRO A 316 -6.90 20.37 -25.16
C PRO A 316 -6.86 20.34 -23.64
N LEU A 317 -7.12 19.18 -23.06
CA LEU A 317 -7.04 19.02 -21.62
C LEU A 317 -5.72 18.30 -21.28
N VAL A 318 -5.40 17.23 -22.02
CA VAL A 318 -4.11 16.58 -21.81
C VAL A 318 -3.53 16.06 -23.12
N ASN A 319 -2.22 15.91 -23.13
CA ASN A 319 -1.54 15.13 -24.14
C ASN A 319 -1.37 13.73 -23.52
N LEU A 320 -1.74 12.71 -24.28
CA LEU A 320 -1.58 11.30 -23.87
C LEU A 320 -0.46 10.64 -24.69
N LEU A 321 0.61 10.21 -24.02
CA LEU A 321 1.79 9.66 -24.62
C LEU A 321 1.87 8.14 -24.43
N ARG A 322 2.10 7.45 -25.53
CA ARG A 322 2.11 5.99 -25.59
C ARG A 322 3.33 5.48 -26.28
N LEU A 323 4.39 5.26 -25.51
CA LEU A 323 5.65 4.79 -26.06
C LEU A 323 5.55 3.41 -26.67
N ASP A 324 4.55 2.63 -26.21
CA ASP A 324 4.30 1.30 -26.77
C ASP A 324 3.74 1.36 -28.19
N LEU A 325 3.26 2.54 -28.58
CA LEU A 325 2.57 2.77 -29.85
C LEU A 325 3.42 3.71 -30.83
N TYR A 326 4.72 3.81 -30.58
CA TYR A 326 5.57 4.69 -31.32
C TYR A 326 5.51 4.31 -32.76
N GLY A 327 5.38 5.32 -33.62
CA GLY A 327 5.33 5.11 -35.07
C GLY A 327 4.02 4.61 -35.66
N THR A 328 3.02 4.36 -34.82
CA THR A 328 1.77 3.81 -35.27
C THR A 328 0.79 4.85 -35.70
N GLY A 329 0.92 6.06 -35.17
CA GLY A 329 -0.05 7.11 -35.43
C GLY A 329 -0.74 7.56 -34.15
N GLU A 330 -0.70 6.76 -33.11
CA GLU A 330 -1.33 7.05 -31.83
C GLU A 330 -0.38 7.22 -30.65
N GLU A 331 0.90 7.46 -30.91
N GLU A 331 0.89 7.48 -30.98
CA GLU A 331 1.84 7.58 -29.80
CA GLU A 331 1.96 7.68 -30.00
C GLU A 331 1.68 8.87 -29.03
C GLU A 331 1.66 8.84 -29.08
N LEU A 332 1.06 9.88 -29.65
CA LEU A 332 0.78 11.13 -28.98
C LEU A 332 -0.57 11.68 -29.45
N THR A 333 -1.53 11.68 -28.55
CA THR A 333 -2.89 12.12 -28.86
C THR A 333 -3.34 13.17 -27.85
N VAL A 334 -4.36 13.94 -28.21
CA VAL A 334 -4.88 15.01 -27.38
C VAL A 334 -6.26 14.60 -26.89
N LEU A 335 -6.50 14.72 -25.58
CA LEU A 335 -7.83 14.46 -25.02
C LEU A 335 -8.42 15.83 -24.78
N ARG A 336 -9.68 16.02 -25.17
CA ARG A 336 -10.29 17.35 -25.14
C ARG A 336 -11.49 17.44 -24.21
N LEU A 337 -11.74 18.67 -23.77
CA LEU A 337 -12.80 18.97 -22.84
C LEU A 337 -14.14 18.93 -23.54
N PRO A 338 -15.09 18.11 -23.04
CA PRO A 338 -16.36 18.02 -23.74
C PRO A 338 -17.28 19.23 -23.76
N GLU A 339 -17.20 20.13 -22.77
CA GLU A 339 -18.13 21.26 -22.65
C GLU A 339 -17.36 22.40 -22.05
N ASP A 340 -17.78 23.63 -22.33
CA ASP A 340 -17.14 24.78 -21.73
C ASP A 340 -17.18 24.60 -20.21
N GLY A 341 -16.07 24.93 -19.56
CA GLY A 341 -16.01 24.84 -18.11
C GLY A 341 -14.69 25.26 -17.55
N VAL A 342 -14.56 25.11 -16.24
CA VAL A 342 -13.34 25.49 -15.58
C VAL A 342 -12.82 24.24 -14.85
N PRO A 343 -11.64 23.77 -15.27
CA PRO A 343 -11.01 22.65 -14.59
C PRO A 343 -10.61 23.11 -13.23
N ILE A 344 -11.07 22.40 -12.21
CA ILE A 344 -10.78 22.72 -10.82
C ILE A 344 -9.54 21.98 -10.30
N LEU A 345 -9.44 20.71 -10.66
CA LEU A 345 -8.40 19.84 -10.16
C LEU A 345 -8.08 18.76 -11.16
N HIS A 346 -6.88 18.19 -11.02
CA HIS A 346 -6.45 17.09 -11.83
C HIS A 346 -5.66 16.04 -11.01
N PHE A 347 -5.52 14.88 -11.61
CA PHE A 347 -4.87 13.72 -11.01
C PHE A 347 -3.42 14.07 -10.70
N ALA A 348 -2.94 13.59 -9.55
CA ALA A 348 -1.61 13.93 -9.07
C ALA A 348 -0.46 13.15 -9.67
N SER A 349 -0.75 12.15 -10.48
CA SER A 349 0.21 11.25 -11.09
C SER A 349 0.12 11.43 -12.61
N ALA A 350 1.16 11.06 -13.33
CA ALA A 350 1.25 11.22 -14.80
C ALA A 350 1.03 9.93 -15.57
N SER A 351 0.60 8.86 -14.90
CA SER A 351 0.35 7.61 -15.55
C SER A 351 -1.02 7.14 -15.10
N VAL A 352 -1.84 6.84 -16.11
CA VAL A 352 -3.23 6.46 -15.89
C VAL A 352 -3.63 5.18 -16.60
N HIS A 353 -4.59 4.47 -16.01
CA HIS A 353 -5.22 3.37 -16.63
C HIS A 353 -6.48 3.90 -17.29
N GLN A 354 -7.07 3.13 -18.20
CA GLN A 354 -8.35 3.55 -18.77
C GLN A 354 -9.30 3.74 -17.58
N GLY A 355 -10.00 4.85 -17.55
CA GLY A 355 -10.96 5.11 -16.49
C GLY A 355 -10.45 5.91 -15.31
N THR A 356 -9.14 6.05 -15.16
CA THR A 356 -8.60 6.88 -14.09
C THR A 356 -9.17 8.30 -14.21
N GLU A 357 -9.62 8.87 -13.10
CA GLU A 357 -10.16 10.21 -13.12
C GLU A 357 -9.05 11.23 -13.36
N LEU A 358 -9.08 11.90 -14.52
CA LEU A 358 -8.06 12.89 -14.88
C LEU A 358 -8.33 14.29 -14.32
N TYR A 359 -9.57 14.73 -14.41
CA TYR A 359 -9.97 16.03 -13.94
C TYR A 359 -11.36 16.07 -13.41
N LYS A 360 -11.61 17.08 -12.57
N LYS A 360 -11.60 17.10 -12.60
CA LYS A 360 -12.97 17.49 -12.22
CA LYS A 360 -12.94 17.51 -12.22
C LYS A 360 -13.12 18.92 -12.76
C LYS A 360 -13.12 18.95 -12.77
N VAL A 361 -14.24 19.18 -13.44
CA VAL A 361 -14.54 20.45 -14.15
C VAL A 361 -15.92 20.99 -13.85
N THR A 363 -18.96 22.93 -14.94
CA THR A 363 -19.58 23.31 -16.19
C THR A 363 -20.79 24.21 -15.86
N LYS A 364 -21.30 24.92 -16.87
CA LYS A 364 -22.40 25.83 -16.72
C LYS A 364 -22.13 26.83 -15.61
N VAL A 365 -20.90 27.35 -15.62
CA VAL A 365 -20.38 28.27 -14.62
C VAL A 365 -20.97 29.66 -14.84
N PHE A 366 -21.24 30.36 -13.73
CA PHE A 366 -21.74 31.73 -13.77
C PHE A 366 -21.04 32.57 -12.74
N GLU A 367 -21.07 33.90 -12.95
CA GLU A 367 -20.53 34.79 -11.95
C GLU A 367 -21.57 34.81 -10.83
N LEU A 368 -21.09 34.71 -9.59
CA LEU A 368 -21.98 34.67 -8.45
C LEU A 368 -22.74 35.99 -8.32
N VAL B 4 -16.73 -26.77 -25.21
CA VAL B 4 -16.59 -25.44 -24.53
C VAL B 4 -15.95 -24.41 -25.45
N ASP B 5 -16.65 -23.32 -25.72
CA ASP B 5 -16.13 -22.23 -26.54
C ASP B 5 -15.44 -21.23 -25.61
N LYS B 6 -14.24 -20.79 -25.98
CA LYS B 6 -13.52 -19.77 -25.25
C LYS B 6 -13.58 -18.45 -26.02
N HIS B 7 -13.71 -17.36 -25.26
CA HIS B 7 -13.74 -16.01 -25.78
C HIS B 7 -12.98 -15.13 -24.79
N GLU B 8 -12.67 -13.92 -25.21
CA GLU B 8 -12.01 -12.94 -24.35
C GLU B 8 -12.71 -11.65 -24.48
N VAL B 9 -12.99 -11.02 -23.35
CA VAL B 9 -13.68 -9.77 -23.32
C VAL B 9 -12.78 -8.72 -22.68
N ARG B 10 -12.68 -7.56 -23.30
CA ARG B 10 -11.87 -6.46 -22.77
C ARG B 10 -12.65 -5.65 -21.80
N VAL B 11 -11.99 -5.31 -20.69
CA VAL B 11 -12.60 -4.53 -19.63
C VAL B 11 -11.82 -3.28 -19.22
N GLY B 12 -10.62 -3.10 -19.78
CA GLY B 12 -9.79 -1.96 -19.42
C GLY B 12 -8.45 -1.95 -20.11
N GLU B 13 -7.54 -1.07 -19.65
CA GLU B 13 -6.23 -0.94 -20.23
C GLU B 13 -5.30 -0.36 -19.20
N LEU B 14 -4.09 -0.90 -19.14
CA LEU B 14 -3.09 -0.45 -18.20
C LEU B 14 -2.18 0.63 -18.81
N ALA B 15 -1.69 1.51 -17.96
CA ALA B 15 -0.81 2.63 -18.36
C ALA B 15 0.32 2.22 -19.30
N ALA B 16 1.01 1.11 -19.02
CA ALA B 16 2.16 0.70 -19.87
C ALA B 16 1.71 0.14 -21.23
N GLY B 17 0.41 -0.05 -21.41
CA GLY B 17 -0.18 -0.39 -22.70
C GLY B 17 -0.97 -1.66 -22.83
N GLN B 18 -0.82 -2.58 -21.87
N GLN B 18 -0.86 -2.54 -21.85
CA GLN B 18 -1.52 -3.85 -21.94
CA GLN B 18 -1.47 -3.84 -21.91
C GLN B 18 -3.03 -3.69 -21.77
C GLN B 18 -2.99 -3.82 -21.65
N PRO B 19 -3.81 -4.41 -22.55
CA PRO B 19 -5.24 -4.46 -22.33
C PRO B 19 -5.54 -5.38 -21.17
N LEU B 20 -6.63 -5.09 -20.48
CA LEU B 20 -7.16 -5.88 -19.37
C LEU B 20 -8.31 -6.67 -19.99
N SER B 21 -8.25 -7.98 -19.87
CA SER B 21 -9.28 -8.79 -20.47
C SER B 21 -9.58 -10.00 -19.59
N LEU B 22 -10.75 -10.60 -19.86
CA LEU B 22 -11.27 -11.73 -19.11
C LEU B 22 -11.51 -12.92 -20.06
N PRO B 23 -11.29 -14.14 -19.57
CA PRO B 23 -11.63 -15.33 -20.31
C PRO B 23 -13.10 -15.66 -20.06
N VAL B 24 -13.86 -15.88 -21.13
CA VAL B 24 -15.27 -16.28 -21.02
C VAL B 24 -15.41 -17.68 -21.67
N TYR B 25 -15.80 -18.66 -20.88
CA TYR B 25 -16.03 -20.03 -21.33
C TYR B 25 -17.53 -20.21 -21.46
N ARG B 26 -17.97 -20.65 -22.62
CA ARG B 26 -19.38 -20.82 -22.89
C ARG B 26 -19.74 -22.23 -23.37
N PHE B 27 -20.66 -22.87 -22.65
CA PHE B 27 -21.17 -24.18 -23.01
C PHE B 27 -22.54 -23.94 -23.60
N LYS B 28 -22.79 -24.42 -24.82
CA LYS B 28 -24.11 -24.22 -25.44
C LYS B 28 -25.02 -25.35 -24.96
N GLY B 29 -26.23 -24.97 -24.55
CA GLY B 29 -27.22 -25.95 -24.14
C GLY B 29 -27.98 -26.42 -25.36
N LYS B 30 -28.51 -27.64 -25.29
CA LYS B 30 -29.32 -28.22 -26.37
C LYS B 30 -30.66 -28.48 -25.72
N GLY B 31 -31.53 -27.47 -25.75
CA GLY B 31 -32.85 -27.58 -25.13
C GLY B 31 -33.41 -26.26 -24.67
N ALA B 32 -34.45 -26.34 -23.87
CA ALA B 32 -35.13 -25.15 -23.42
C ALA B 32 -34.79 -24.78 -21.96
N GLY B 33 -33.65 -25.24 -21.47
CA GLY B 33 -33.27 -24.94 -20.09
C GLY B 33 -32.93 -23.47 -19.92
N PRO B 34 -32.98 -22.96 -18.67
CA PRO B 34 -32.58 -21.56 -18.47
C PRO B 34 -31.10 -21.35 -18.74
N SER B 35 -30.74 -20.11 -19.10
CA SER B 35 -29.35 -19.76 -19.33
C SER B 35 -28.72 -19.29 -18.04
N VAL B 36 -27.44 -19.57 -17.90
CA VAL B 36 -26.71 -19.27 -16.67
C VAL B 36 -25.44 -18.46 -16.95
N TYR B 37 -25.13 -17.53 -16.02
CA TYR B 37 -23.92 -16.73 -16.06
C TYR B 37 -23.26 -16.88 -14.68
N ILE B 38 -22.01 -17.27 -14.69
CA ILE B 38 -21.23 -17.51 -13.46
C ILE B 38 -19.92 -16.75 -13.55
N GLN B 39 -19.57 -15.97 -12.52
CA GLN B 39 -18.25 -15.26 -12.50
C GLN B 39 -17.57 -15.41 -11.16
N ALA B 40 -16.25 -15.23 -11.14
CA ALA B 40 -15.49 -15.31 -9.91
C ALA B 40 -14.35 -14.29 -9.88
N ASN B 41 -13.95 -13.95 -8.67
CA ASN B 41 -12.71 -13.21 -8.40
C ASN B 41 -12.80 -11.74 -8.81
N VAL B 42 -14.00 -11.14 -8.68
CA VAL B 42 -14.16 -9.71 -8.85
C VAL B 42 -13.36 -9.03 -7.75
N HIS B 43 -13.40 -9.59 -6.53
CA HIS B 43 -12.52 -9.14 -5.46
C HIS B 43 -11.24 -9.97 -5.60
N GLY B 44 -10.12 -9.31 -5.86
CA GLY B 44 -8.86 -10.01 -6.22
C GLY B 44 -8.32 -11.10 -5.30
N ALA B 45 -8.53 -10.93 -4.01
CA ALA B 45 -8.03 -11.95 -3.07
C ALA B 45 -8.90 -13.19 -3.01
N GLU B 46 -10.11 -13.14 -3.59
CA GLU B 46 -11.13 -14.18 -3.41
C GLU B 46 -11.01 -15.21 -4.52
N VAL B 47 -9.86 -15.86 -4.52
CA VAL B 47 -9.45 -16.70 -5.64
C VAL B 47 -10.09 -18.08 -5.69
N GLN B 48 -10.64 -18.55 -4.57
CA GLN B 48 -11.20 -19.91 -4.54
C GLN B 48 -12.27 -20.09 -5.61
N GLY B 49 -13.00 -19.03 -5.96
CA GLY B 49 -14.03 -19.10 -7.01
C GLY B 49 -13.53 -19.61 -8.34
N ASN B 50 -12.28 -19.32 -8.66
CA ASN B 50 -11.65 -19.87 -9.84
C ASN B 50 -11.62 -21.41 -9.80
N ALA B 51 -11.23 -21.96 -8.65
CA ALA B 51 -11.18 -23.42 -8.44
C ALA B 51 -12.59 -24.02 -8.57
N VAL B 52 -13.58 -23.32 -8.05
CA VAL B 52 -14.97 -23.77 -8.18
C VAL B 52 -15.33 -23.78 -9.67
N ILE B 53 -14.97 -22.74 -10.43
CA ILE B 53 -15.28 -22.72 -11.86
C ILE B 53 -14.55 -23.87 -12.57
N TYR B 54 -13.27 -24.07 -12.25
CA TYR B 54 -12.50 -25.18 -12.84
C TYR B 54 -13.28 -26.54 -12.64
N GLN B 55 -13.65 -26.80 -11.39
CA GLN B 55 -14.30 -28.07 -11.02
C GLN B 55 -15.69 -28.20 -11.65
N LEU B 56 -16.43 -27.11 -11.72
CA LEU B 56 -17.74 -27.13 -12.38
C LEU B 56 -17.63 -27.43 -13.88
N LYS B 58 -15.20 -29.06 -15.38
CA LYS B 58 -14.79 -30.46 -15.46
C LYS B 58 -16.00 -31.43 -15.31
N LEU B 59 -16.90 -31.09 -14.38
CA LEU B 59 -18.13 -31.86 -14.15
C LEU B 59 -19.08 -31.69 -15.33
N LEU B 60 -19.26 -30.45 -15.81
CA LEU B 60 -20.25 -30.14 -16.85
C LEU B 60 -19.99 -30.93 -18.12
N GLU B 61 -18.73 -31.28 -18.33
CA GLU B 61 -18.35 -32.05 -19.51
C GLU B 61 -19.01 -33.44 -19.49
N HIS B 62 -19.51 -33.89 -18.33
CA HIS B 62 -20.19 -35.18 -18.26
C HIS B 62 -21.70 -35.07 -18.10
N TYR B 63 -22.29 -33.89 -18.30
CA TYR B 63 -23.73 -33.75 -18.15
C TYR B 63 -24.33 -33.33 -19.45
N GLU B 64 -25.66 -33.45 -19.52
CA GLU B 64 -26.39 -33.04 -20.69
C GLU B 64 -26.94 -31.65 -20.45
N LEU B 65 -26.37 -30.67 -21.15
CA LEU B 65 -26.78 -29.29 -20.99
C LEU B 65 -28.01 -28.93 -21.80
N LEU B 66 -29.04 -28.46 -21.11
CA LEU B 66 -30.29 -28.06 -21.71
C LEU B 66 -30.36 -26.54 -21.88
N GLY B 67 -29.55 -25.81 -21.12
CA GLY B 67 -29.48 -24.36 -21.22
C GLY B 67 -28.03 -23.95 -21.37
N ASP B 68 -27.81 -22.74 -21.87
CA ASP B 68 -26.45 -22.20 -22.05
C ASP B 68 -25.82 -21.82 -20.73
N ILE B 69 -24.52 -22.05 -20.57
CA ILE B 69 -23.81 -21.63 -19.35
C ILE B 69 -22.56 -20.87 -19.74
N SER B 70 -22.41 -19.63 -19.28
CA SER B 70 -21.16 -18.86 -19.48
C SER B 70 -20.43 -18.71 -18.13
N LEU B 71 -19.12 -18.96 -18.14
CA LEU B 71 -18.30 -18.93 -16.93
C LEU B 71 -17.12 -17.93 -17.11
N VAL B 72 -17.01 -16.99 -16.19
CA VAL B 72 -16.01 -15.94 -16.24
C VAL B 72 -15.12 -15.99 -14.97
N PRO B 73 -14.09 -16.86 -15.00
CA PRO B 73 -13.17 -16.86 -13.90
C PRO B 73 -12.26 -15.64 -14.09
N LEU B 74 -11.47 -15.32 -13.07
CA LEU B 74 -10.47 -14.29 -13.19
C LEU B 74 -11.09 -13.00 -13.72
N ALA B 75 -12.22 -12.61 -13.13
CA ALA B 75 -13.04 -11.54 -13.68
C ALA B 75 -12.57 -10.11 -13.46
N ASN B 76 -11.49 -9.92 -12.70
CA ASN B 76 -10.96 -8.58 -12.40
C ASN B 76 -9.44 -8.63 -12.31
N PRO B 77 -8.77 -8.78 -13.48
CA PRO B 77 -7.29 -8.87 -13.42
C PRO B 77 -6.57 -7.71 -12.71
N LEU B 78 -7.10 -6.50 -12.84
CA LEU B 78 -6.46 -5.35 -12.15
C LEU B 78 -6.45 -5.59 -10.66
N GLY B 79 -7.56 -6.07 -10.09
CA GLY B 79 -7.57 -6.39 -8.66
C GLY B 79 -6.82 -7.64 -8.29
N ILE B 80 -6.96 -8.69 -9.12
CA ILE B 80 -6.30 -9.97 -8.90
C ILE B 80 -4.77 -9.83 -8.81
N ASN B 81 -4.22 -9.00 -9.71
CA ASN B 81 -2.76 -8.85 -9.83
C ASN B 81 -2.12 -7.83 -8.88
N GLN B 82 -2.95 -7.19 -8.07
CA GLN B 82 -2.51 -6.13 -7.15
C GLN B 82 -2.10 -6.69 -5.81
N LYS B 83 -0.79 -6.65 -5.56
CA LYS B 83 -0.23 -7.10 -4.31
C LYS B 83 0.19 -5.91 -3.44
N SER B 84 0.10 -6.11 -2.13
CA SER B 84 0.59 -5.17 -1.13
C SER B 84 1.09 -6.06 0.00
N GLY B 85 2.40 -6.11 0.16
CA GLY B 85 3.00 -7.09 1.05
C GLY B 85 2.70 -8.46 0.50
N GLU B 86 2.53 -9.43 1.39
CA GLU B 86 2.31 -10.80 0.99
C GLU B 86 0.83 -11.11 0.90
N PHE B 87 0.06 -10.22 0.31
N PHE B 87 0.04 -10.11 0.47
CA PHE B 87 -1.35 -10.45 0.15
CA PHE B 87 -1.44 -10.06 0.46
C PHE B 87 -1.81 -9.65 -1.04
C PHE B 87 -1.96 -9.38 -0.84
N THR B 88 -3.05 -9.90 -1.41
CA THR B 88 -3.65 -9.27 -2.59
C THR B 88 -4.52 -8.11 -2.10
N LEU B 89 -4.26 -6.91 -2.62
CA LEU B 89 -5.04 -5.71 -2.31
C LEU B 89 -6.04 -5.64 -3.46
N GLY B 90 -7.04 -6.51 -3.37
CA GLY B 90 -7.94 -6.79 -4.45
C GLY B 90 -9.37 -6.37 -4.31
N ARG B 91 -9.74 -5.79 -3.18
CA ARG B 91 -11.13 -5.48 -2.91
C ARG B 91 -11.65 -4.19 -3.46
N PHE B 92 -10.75 -3.21 -3.58
CA PHE B 92 -11.14 -1.88 -4.01
C PHE B 92 -10.07 -1.26 -4.92
N ASP B 93 -10.50 -0.23 -5.66
CA ASP B 93 -9.56 0.50 -6.51
C ASP B 93 -8.50 1.12 -5.54
N PRO B 94 -7.21 0.75 -5.69
CA PRO B 94 -6.19 1.27 -4.77
C PRO B 94 -6.00 2.78 -4.83
N ILE B 95 -6.43 3.40 -5.93
CA ILE B 95 -6.33 4.84 -6.09
C ILE B 95 -7.40 5.53 -5.26
N THR B 96 -8.64 5.06 -5.35
CA THR B 96 -9.77 5.79 -4.79
C THR B 96 -10.46 5.17 -3.57
N GLY B 97 -10.24 3.88 -3.38
CA GLY B 97 -10.82 3.13 -2.27
C GLY B 97 -12.19 2.56 -2.56
N VAL B 98 -12.69 2.75 -3.77
CA VAL B 98 -14.06 2.28 -4.11
C VAL B 98 -14.06 0.78 -4.37
N ASN B 99 -14.91 0.08 -3.62
CA ASN B 99 -15.09 -1.36 -3.71
C ASN B 99 -15.52 -1.72 -5.14
N TRP B 100 -14.84 -2.67 -5.76
CA TRP B 100 -15.15 -3.04 -7.13
C TRP B 100 -16.57 -3.58 -7.22
N ASN B 101 -17.03 -4.17 -6.11
CA ASN B 101 -18.38 -4.73 -6.03
C ASN B 101 -19.40 -3.70 -5.55
N ARG B 102 -19.10 -2.42 -5.71
CA ARG B 102 -20.07 -1.36 -5.51
C ARG B 102 -20.21 -0.48 -6.76
N GLU B 103 -19.66 -0.95 -7.87
CA GLU B 103 -19.62 -0.22 -9.15
C GLU B 103 -20.66 -0.61 -10.17
N TYR B 104 -21.59 -1.49 -9.80
CA TYR B 104 -22.58 -1.92 -10.75
C TYR B 104 -23.61 -0.82 -11.00
N LEU B 105 -24.37 -0.98 -12.06
CA LEU B 105 -25.29 0.04 -12.49
C LEU B 105 -26.75 -0.23 -12.06
N ASP B 106 -27.34 0.79 -11.43
CA ASP B 106 -28.74 0.79 -11.01
C ASP B 106 -29.41 1.49 -12.17
N HIS B 107 -30.31 0.80 -12.82
CA HIS B 107 -30.97 1.38 -13.98
C HIS B 107 -31.93 2.49 -13.56
N GLY B 108 -31.78 3.66 -14.16
CA GLY B 108 -32.60 4.80 -13.79
C GLY B 108 -34.00 4.89 -14.40
N PHE B 109 -34.20 4.25 -15.55
CA PHE B 109 -35.47 4.38 -16.26
C PHE B 109 -36.71 3.95 -15.46
N ASN B 110 -37.84 4.59 -15.76
CA ASN B 110 -39.07 4.33 -15.04
C ASN B 110 -39.70 3.01 -15.45
N ILE B 111 -39.68 2.04 -14.56
CA ILE B 111 -40.17 0.71 -14.88
C ILE B 111 -41.71 0.67 -15.06
N GLU B 112 -42.40 1.52 -14.32
CA GLU B 112 -43.84 1.66 -14.46
C GLU B 112 -44.19 2.11 -15.88
N VAL B 113 -43.54 3.17 -16.38
CA VAL B 113 -43.79 3.67 -17.72
C VAL B 113 -43.43 2.63 -18.74
N TRP B 114 -42.25 2.00 -18.56
CA TRP B 114 -41.80 0.95 -19.45
C TRP B 114 -42.84 -0.15 -19.54
N TYR B 115 -43.29 -0.62 -18.38
CA TYR B 115 -44.30 -1.67 -18.34
C TYR B 115 -45.55 -1.22 -19.12
N GLN B 116 -46.01 -0.01 -18.85
CA GLN B 116 -47.22 0.45 -19.55
C GLN B 116 -47.03 0.37 -21.06
N GLU B 117 -45.87 0.81 -21.53
CA GLU B 117 -45.58 0.78 -22.96
C GLU B 117 -45.41 -0.60 -23.55
N HIS B 118 -45.26 -1.65 -22.73
CA HIS B 118 -45.11 -3.02 -23.21
C HIS B 118 -46.13 -4.01 -22.70
N SER B 119 -47.11 -3.52 -21.94
CA SER B 119 -48.09 -4.40 -21.26
C SER B 119 -48.89 -5.31 -22.17
N HIS B 120 -49.05 -4.88 -23.42
CA HIS B 120 -49.74 -5.67 -24.43
C HIS B 120 -49.00 -6.94 -24.86
N LEU B 121 -47.70 -7.02 -24.61
CA LEU B 121 -46.93 -8.18 -25.04
C LEU B 121 -47.21 -9.36 -24.16
N ASP B 122 -47.05 -10.57 -24.68
CA ASP B 122 -47.16 -11.75 -23.87
C ASP B 122 -45.91 -11.82 -22.98
N ASP B 123 -45.89 -12.80 -22.08
CA ASP B 123 -44.80 -12.90 -21.12
C ASP B 123 -43.44 -12.99 -21.75
N ASP B 124 -43.24 -13.98 -22.61
CA ASP B 124 -41.94 -14.19 -23.23
C ASP B 124 -41.37 -12.99 -24.01
N THR B 125 -42.23 -12.26 -24.70
CA THR B 125 -41.80 -11.14 -25.53
C THR B 125 -41.52 -9.95 -24.64
N LEU B 126 -42.33 -9.80 -23.60
CA LEU B 126 -42.12 -8.73 -22.63
C LEU B 126 -40.74 -8.95 -21.93
N ILE B 127 -40.44 -10.20 -21.59
CA ILE B 127 -39.18 -10.57 -20.94
C ILE B 127 -38.00 -10.28 -21.92
N THR B 128 -38.14 -10.71 -23.17
CA THR B 128 -37.13 -10.43 -24.19
C THR B 128 -36.90 -8.92 -24.34
N ALA B 129 -37.98 -8.14 -24.36
CA ALA B 129 -37.90 -6.70 -24.51
C ALA B 129 -37.19 -6.06 -23.30
N PHE B 130 -37.50 -6.54 -22.09
CA PHE B 130 -36.94 -5.94 -20.90
C PHE B 130 -35.45 -6.23 -20.87
N ARG B 131 -35.11 -7.48 -21.17
CA ARG B 131 -33.72 -7.91 -21.20
C ARG B 131 -32.90 -7.07 -22.20
N ALA B 132 -33.46 -6.84 -23.38
CA ALA B 132 -32.82 -6.02 -24.42
C ALA B 132 -32.61 -4.60 -23.92
N THR B 133 -33.59 -4.06 -23.21
CA THR B 133 -33.48 -2.70 -22.64
C THR B 133 -32.30 -2.62 -21.66
N LEU B 134 -32.19 -3.61 -20.77
CA LEU B 134 -31.13 -3.64 -19.77
C LEU B 134 -29.74 -3.68 -20.41
N VAL B 135 -29.57 -4.57 -21.37
CA VAL B 135 -28.34 -4.69 -22.19
C VAL B 135 -28.04 -3.36 -22.87
N GLU B 136 -29.07 -2.74 -23.47
CA GLU B 136 -28.87 -1.49 -24.16
C GLU B 136 -28.45 -0.37 -23.22
N GLU B 137 -29.08 -0.31 -22.03
CA GLU B 137 -28.72 0.72 -21.03
C GLU B 137 -27.28 0.58 -20.59
N CYS B 138 -26.78 -0.65 -20.48
CA CYS B 138 -25.34 -0.83 -20.16
C CYS B 138 -24.45 -0.23 -21.24
N ALA B 139 -24.80 -0.49 -22.48
CA ALA B 139 -24.04 0.09 -23.62
C ALA B 139 -24.05 1.62 -23.57
N ARG B 140 -25.23 2.22 -23.38
CA ARG B 140 -25.37 3.68 -23.27
C ARG B 140 -24.47 4.27 -22.17
N ARG B 141 -24.38 3.54 -21.08
CA ARG B 141 -23.59 3.97 -19.95
C ARG B 141 -22.11 4.06 -20.27
N LEU B 142 -21.61 3.13 -21.08
CA LEU B 142 -20.19 3.12 -21.41
C LEU B 142 -19.82 4.14 -22.51
N ASN B 143 -20.83 4.64 -23.22
CA ASN B 143 -20.63 5.65 -24.25
C ASN B 143 -20.91 7.02 -23.62
N ASN B 144 -19.85 7.72 -23.19
CA ASN B 144 -19.94 9.01 -22.49
C ASN B 144 -18.61 9.74 -22.77
N PRO B 145 -18.64 10.96 -23.33
CA PRO B 145 -17.36 11.65 -23.60
C PRO B 145 -16.58 12.01 -22.34
N TRP B 146 -17.26 12.00 -21.18
CA TRP B 146 -16.59 12.24 -19.90
C TRP B 146 -16.03 10.94 -19.32
N GLY B 147 -16.37 9.80 -19.92
CA GLY B 147 -15.85 8.51 -19.52
C GLY B 147 -16.50 8.01 -18.26
N VAL B 148 -16.00 6.86 -17.81
CA VAL B 148 -16.48 6.20 -16.59
C VAL B 148 -15.28 5.68 -15.81
N THR B 149 -15.45 5.44 -14.51
CA THR B 149 -14.35 4.91 -13.70
C THR B 149 -13.85 3.57 -14.22
N THR B 150 -12.63 3.23 -13.82
CA THR B 150 -12.01 1.93 -14.11
C THR B 150 -12.93 0.79 -13.62
N GLY B 151 -13.41 0.92 -12.39
CA GLY B 151 -14.26 -0.09 -11.78
C GLY B 151 -15.62 -0.12 -12.44
N HIS B 152 -16.14 1.04 -12.83
CA HIS B 152 -17.46 1.09 -13.51
C HIS B 152 -17.45 0.45 -14.88
N ARG B 153 -16.38 0.67 -15.67
CA ARG B 153 -16.26 -0.03 -16.95
C ARG B 153 -16.24 -1.53 -16.72
N LEU B 154 -15.45 -2.01 -15.76
CA LEU B 154 -15.40 -3.44 -15.49
C LEU B 154 -16.79 -3.98 -15.12
N ALA B 155 -17.41 -3.33 -14.15
CA ALA B 155 -18.69 -3.78 -13.58
C ALA B 155 -19.81 -3.78 -14.62
N VAL B 156 -19.90 -2.74 -15.43
CA VAL B 156 -20.93 -2.63 -16.49
C VAL B 156 -20.74 -3.68 -17.60
N THR B 157 -19.49 -3.99 -17.92
CA THR B 157 -19.15 -5.03 -18.87
C THR B 157 -19.63 -6.41 -18.36
N LEU B 158 -19.34 -6.72 -17.11
CA LEU B 158 -19.78 -7.98 -16.49
C LEU B 158 -21.31 -8.05 -16.41
N GLN B 159 -21.92 -6.93 -16.04
CA GLN B 159 -23.35 -6.80 -15.85
C GLN B 159 -24.05 -6.97 -17.17
N SER B 160 -23.49 -6.43 -18.25
CA SER B 160 -24.16 -6.59 -19.54
C SER B 160 -24.26 -8.09 -19.90
N ALA B 162 -24.24 -10.54 -17.61
CA ALA B 162 -25.15 -11.12 -16.64
C ALA B 162 -26.64 -10.90 -17.00
N HIS B 163 -26.98 -9.71 -17.49
CA HIS B 163 -28.35 -9.38 -17.89
C HIS B 163 -28.93 -10.31 -18.98
N ARG B 164 -28.04 -10.90 -19.77
CA ARG B 164 -28.42 -11.82 -20.84
C ARG B 164 -28.85 -13.19 -20.35
N ALA B 165 -28.49 -13.54 -19.09
CA ALA B 165 -28.82 -14.82 -18.49
C ALA B 165 -30.08 -14.78 -17.63
N ASP B 166 -30.65 -15.97 -17.47
CA ASP B 166 -31.83 -16.18 -16.59
C ASP B 166 -31.38 -16.38 -15.14
N ILE B 167 -30.15 -16.88 -14.96
CA ILE B 167 -29.56 -17.18 -13.64
C ILE B 167 -28.15 -16.64 -13.58
N VAL B 168 -27.86 -15.88 -12.53
CA VAL B 168 -26.55 -15.27 -12.30
C VAL B 168 -26.00 -15.79 -10.99
N LEU B 169 -24.80 -16.36 -11.02
CA LEU B 169 -24.15 -16.81 -9.78
C LEU B 169 -22.82 -16.03 -9.66
N ASP B 170 -22.69 -15.23 -8.60
CA ASP B 170 -21.48 -14.42 -8.34
C ASP B 170 -20.70 -15.11 -7.24
N LEU B 171 -19.52 -15.61 -7.60
CA LEU B 171 -18.67 -16.38 -6.67
C LEU B 171 -17.61 -15.51 -5.99
N HIS B 172 -17.77 -15.44 -4.68
CA HIS B 172 -16.92 -14.69 -3.77
C HIS B 172 -16.38 -15.59 -2.67
N THR B 173 -15.55 -15.00 -1.83
CA THR B 173 -15.18 -15.60 -0.55
C THR B 173 -15.26 -14.51 0.51
N GLY B 174 -15.25 -14.91 1.78
CA GLY B 174 -15.11 -13.98 2.87
C GLY B 174 -13.63 -13.92 3.25
N PRO B 175 -13.28 -13.24 4.35
CA PRO B 175 -11.87 -13.15 4.78
C PRO B 175 -11.45 -14.47 5.43
N LYS B 176 -11.66 -14.59 6.74
N LYS B 176 -11.64 -14.60 6.74
CA LYS B 176 -11.56 -15.89 7.44
CA LYS B 176 -11.54 -15.91 7.40
C LYS B 176 -13.04 -16.12 7.60
C LYS B 176 -13.03 -16.14 7.60
N SER B 177 -13.60 -17.06 6.83
CA SER B 177 -15.02 -17.23 6.77
C SER B 177 -15.54 -18.64 6.52
N CYS B 178 -16.75 -18.91 6.99
CA CYS B 178 -17.46 -20.14 6.63
C CYS B 178 -18.17 -19.87 5.31
N LYS B 179 -18.69 -20.93 4.70
CA LYS B 179 -19.48 -20.82 3.51
C LYS B 179 -20.85 -20.25 3.85
N HIS B 180 -21.21 -19.21 3.10
CA HIS B 180 -22.50 -18.58 3.21
C HIS B 180 -23.02 -18.12 1.85
N LEU B 181 -24.32 -17.80 1.83
CA LEU B 181 -25.05 -17.47 0.62
C LEU B 181 -25.91 -16.25 0.82
N TYR B 182 -25.93 -15.39 -0.19
CA TYR B 182 -26.85 -14.27 -0.25
C TYR B 182 -27.91 -14.70 -1.28
N CYS B 183 -29.16 -14.64 -0.85
CA CYS B 183 -30.29 -15.12 -1.64
C CYS B 183 -31.44 -14.13 -1.51
N PRO B 184 -32.00 -13.68 -2.64
CA PRO B 184 -33.11 -12.73 -2.52
C PRO B 184 -34.34 -13.41 -1.88
N GLU B 185 -35.11 -12.64 -1.12
CA GLU B 185 -36.32 -13.14 -0.45
C GLU B 185 -37.30 -13.81 -1.38
N TYR B 186 -37.35 -13.38 -2.63
CA TYR B 186 -38.29 -13.99 -3.61
C TYR B 186 -37.95 -15.42 -4.03
N GLU B 187 -36.75 -15.90 -3.73
CA GLU B 187 -36.39 -17.27 -4.09
C GLU B 187 -35.65 -17.92 -2.94
N ARG B 188 -36.29 -17.89 -1.78
CA ARG B 188 -35.72 -18.55 -0.59
C ARG B 188 -35.46 -20.04 -0.80
N SER B 189 -36.25 -20.66 -1.69
CA SER B 189 -36.09 -22.07 -2.07
C SER B 189 -34.74 -22.44 -2.65
N ALA B 190 -34.08 -21.47 -3.28
CA ALA B 190 -32.75 -21.72 -3.85
C ALA B 190 -31.73 -22.31 -2.89
N ALA B 191 -31.77 -21.81 -1.65
CA ALA B 191 -30.84 -22.18 -0.59
C ALA B 191 -30.74 -23.68 -0.31
N GLN B 192 -31.84 -24.41 -0.49
N GLN B 192 -31.86 -24.39 -0.55
CA GLN B 192 -31.81 -25.85 -0.22
CA GLN B 192 -31.95 -25.83 -0.33
C GLN B 192 -31.00 -26.69 -1.21
C GLN B 192 -31.08 -26.69 -1.24
N TYR B 193 -30.67 -26.13 -2.38
CA TYR B 193 -29.92 -26.88 -3.39
C TYR B 193 -28.41 -26.80 -3.28
N PHE B 194 -27.93 -25.64 -2.83
CA PHE B 194 -26.47 -25.42 -2.67
C PHE B 194 -25.99 -26.15 -1.44
N SER B 195 -24.67 -26.28 -1.29
N SER B 195 -24.67 -26.28 -1.29
CA SER B 195 -24.05 -26.93 -0.15
CA SER B 195 -24.03 -26.93 -0.16
C SER B 195 -23.45 -25.88 0.78
C SER B 195 -23.45 -25.88 0.78
N ILE B 196 -24.33 -25.00 1.26
CA ILE B 196 -23.95 -23.89 2.06
C ILE B 196 -24.84 -23.80 3.32
N PRO B 197 -24.22 -23.89 4.51
CA PRO B 197 -25.00 -23.95 5.77
C PRO B 197 -25.72 -22.70 6.22
N TYR B 198 -25.25 -21.52 5.81
CA TYR B 198 -25.88 -20.28 6.23
C TYR B 198 -26.22 -19.37 5.05
N THR B 199 -27.48 -18.92 5.03
CA THR B 199 -28.01 -18.05 4.01
C THR B 199 -28.62 -16.77 4.57
N LEU B 200 -28.26 -15.63 3.97
CA LEU B 200 -28.81 -14.33 4.25
C LEU B 200 -29.82 -14.04 3.18
N LEU B 201 -31.05 -13.76 3.62
CA LEU B 201 -32.17 -13.44 2.69
C LEU B 201 -32.19 -11.95 2.55
N ILE B 202 -32.11 -11.46 1.31
CA ILE B 202 -31.93 -10.04 1.12
C ILE B 202 -33.12 -9.43 0.35
N PRO B 203 -33.42 -8.16 0.62
CA PRO B 203 -34.58 -7.51 0.03
C PRO B 203 -34.38 -6.87 -1.33
N ASN B 204 -35.45 -6.29 -1.85
CA ASN B 204 -35.43 -5.62 -3.15
C ASN B 204 -34.83 -4.24 -2.97
N SER B 205 -33.51 -4.18 -2.96
CA SER B 205 -32.80 -2.93 -2.76
C SER B 205 -31.47 -3.00 -3.51
N PHE B 206 -31.09 -1.92 -4.18
CA PHE B 206 -29.83 -1.84 -4.90
C PHE B 206 -28.79 -1.20 -4.02
N GLY B 207 -27.69 -1.89 -3.80
CA GLY B 207 -26.59 -1.39 -2.99
C GLY B 207 -25.23 -1.45 -3.69
N GLY B 208 -25.24 -1.50 -5.00
CA GLY B 208 -24.01 -1.44 -5.80
C GLY B 208 -23.42 -2.74 -6.24
N ALA B 209 -23.92 -3.87 -5.74
CA ALA B 209 -23.32 -5.19 -6.02
C ALA B 209 -23.95 -5.91 -7.24
N ASP B 211 -25.36 -8.97 -7.69
CA ASP B 211 -26.63 -9.69 -7.56
C ASP B 211 -27.82 -8.75 -7.61
N GLU B 212 -27.70 -7.68 -6.84
CA GLU B 212 -28.68 -6.60 -6.80
C GLU B 212 -28.87 -5.98 -8.18
N ALA B 213 -27.76 -5.65 -8.84
CA ALA B 213 -27.78 -5.09 -10.19
C ALA B 213 -28.61 -5.97 -11.15
N ALA B 214 -28.44 -7.28 -11.00
CA ALA B 214 -29.10 -8.28 -11.87
C ALA B 214 -30.55 -8.49 -11.52
N PHE B 215 -30.85 -8.55 -10.22
CA PHE B 215 -32.23 -8.87 -9.82
C PHE B 215 -33.14 -7.67 -9.58
N VAL B 216 -32.61 -6.52 -9.20
CA VAL B 216 -33.51 -5.38 -8.85
C VAL B 216 -34.47 -4.97 -10.00
N PRO B 217 -33.98 -4.83 -11.25
CA PRO B 217 -34.91 -4.44 -12.29
C PRO B 217 -36.09 -5.43 -12.49
N TRP B 218 -35.79 -6.71 -12.43
CA TRP B 218 -36.79 -7.76 -12.62
C TRP B 218 -37.78 -7.90 -11.45
N TRP B 219 -37.27 -7.66 -10.25
CA TRP B 219 -38.09 -7.72 -9.04
C TRP B 219 -39.03 -6.51 -9.06
N THR B 220 -38.50 -5.35 -9.40
CA THR B 220 -39.32 -4.19 -9.53
C THR B 220 -40.35 -4.38 -10.66
N LEU B 221 -39.94 -5.01 -11.77
CA LEU B 221 -40.88 -5.30 -12.87
C LEU B 221 -42.02 -6.20 -12.41
N ALA B 222 -41.69 -7.28 -11.69
CA ALA B 222 -42.67 -8.23 -11.12
C ALA B 222 -43.73 -7.50 -10.25
N GLU B 223 -43.27 -6.58 -9.41
CA GLU B 223 -44.11 -5.77 -8.54
C GLU B 223 -45.05 -4.90 -9.37
N VAL B 224 -44.52 -4.22 -10.37
CA VAL B 224 -45.32 -3.36 -11.26
C VAL B 224 -46.34 -4.20 -12.02
N ALA B 225 -45.90 -5.31 -12.63
CA ALA B 225 -46.80 -6.19 -13.38
C ALA B 225 -47.99 -6.62 -12.51
N SER B 226 -47.66 -7.15 -11.33
CA SER B 226 -48.65 -7.62 -10.37
C SER B 226 -49.64 -6.52 -9.95
N SER B 227 -49.16 -5.30 -9.77
CA SER B 227 -50.02 -4.20 -9.42
C SER B 227 -51.06 -3.96 -10.52
N HIS B 228 -50.77 -4.34 -11.76
CA HIS B 228 -51.72 -4.21 -12.87
C HIS B 228 -52.38 -5.56 -13.19
N GLY B 229 -52.44 -6.42 -12.18
CA GLY B 229 -53.10 -7.70 -12.31
C GLY B 229 -52.39 -8.76 -13.11
N ARG B 230 -51.11 -8.54 -13.42
CA ARG B 230 -50.37 -9.52 -14.17
C ARG B 230 -49.31 -10.15 -13.27
N GLU B 231 -49.44 -11.44 -12.99
CA GLU B 231 -48.48 -12.14 -12.13
C GLU B 231 -47.33 -12.70 -12.96
N LEU B 232 -46.49 -11.77 -13.40
CA LEU B 232 -45.35 -12.12 -14.23
C LEU B 232 -44.36 -12.97 -13.47
N GLY B 233 -44.04 -12.62 -12.23
CA GLY B 233 -43.03 -13.36 -11.47
C GLY B 233 -41.69 -12.66 -11.68
N VAL B 234 -40.72 -12.94 -10.79
CA VAL B 234 -39.36 -12.34 -10.89
C VAL B 234 -38.62 -13.31 -11.82
N ARG B 235 -38.31 -12.83 -13.02
CA ARG B 235 -37.80 -13.69 -14.09
C ARG B 235 -36.28 -13.92 -14.19
N VAL B 236 -35.57 -13.49 -13.17
CA VAL B 236 -34.15 -13.76 -13.07
C VAL B 236 -33.87 -14.24 -11.66
N SER B 237 -32.89 -15.13 -11.52
CA SER B 237 -32.36 -15.55 -10.22
C SER B 237 -30.93 -14.98 -10.16
N ALA B 238 -30.54 -14.44 -9.02
CA ALA B 238 -29.20 -13.88 -8.86
C ALA B 238 -28.77 -14.12 -7.44
N LEU B 239 -27.73 -14.93 -7.30
CA LEU B 239 -27.25 -15.35 -5.98
C LEU B 239 -25.74 -15.14 -5.83
N THR B 240 -25.29 -14.84 -4.61
CA THR B 240 -23.87 -14.63 -4.34
C THR B 240 -23.42 -15.67 -3.36
N LEU B 241 -22.43 -16.49 -3.75
CA LEU B 241 -21.88 -17.54 -2.95
C LEU B 241 -20.56 -17.05 -2.34
N GLU B 242 -20.49 -17.03 -1.01
CA GLU B 242 -19.28 -16.65 -0.29
C GLU B 242 -18.68 -17.97 0.18
N LEU B 243 -17.74 -18.48 -0.62
CA LEU B 243 -17.25 -19.85 -0.44
C LEU B 243 -15.99 -19.98 0.41
N GLY B 244 -16.14 -19.66 1.69
CA GLY B 244 -15.05 -19.90 2.60
C GLY B 244 -14.12 -18.69 2.61
N SER B 245 -12.86 -18.96 2.88
CA SER B 245 -11.85 -17.92 3.12
C SER B 245 -11.11 -17.49 1.83
N GLN B 246 -10.54 -16.28 1.89
CA GLN B 246 -9.80 -15.68 0.80
C GLN B 246 -8.37 -16.18 0.80
N GLU B 247 -7.63 -15.77 -0.22
CA GLU B 247 -6.21 -16.08 -0.31
C GLU B 247 -5.93 -17.59 -0.23
N ARG B 248 -6.80 -18.40 -0.80
N ARG B 248 -6.82 -18.38 -0.83
CA ARG B 248 -6.57 -19.84 -0.77
CA ARG B 248 -6.80 -19.83 -0.72
C ARG B 248 -7.29 -20.53 -1.90
C ARG B 248 -7.35 -20.55 -1.92
N ILE B 249 -6.67 -21.61 -2.35
CA ILE B 249 -7.17 -22.50 -3.39
C ILE B 249 -7.25 -23.86 -2.70
N ASP B 250 -8.42 -24.49 -2.71
CA ASP B 250 -8.57 -25.85 -2.14
C ASP B 250 -9.42 -26.58 -3.16
N LEU B 251 -8.78 -27.37 -4.02
CA LEU B 251 -9.52 -28.05 -5.11
C LEU B 251 -10.57 -29.05 -4.63
N ASP B 252 -10.25 -29.86 -3.62
CA ASP B 252 -11.30 -30.77 -3.04
C ASP B 252 -12.53 -30.03 -2.51
N ASP B 253 -12.30 -28.96 -1.76
CA ASP B 253 -13.36 -28.15 -1.25
C ASP B 253 -14.12 -27.50 -2.39
N ALA B 254 -13.40 -27.01 -3.42
CA ALA B 254 -14.04 -26.40 -4.56
C ALA B 254 -14.98 -27.40 -5.28
N LEU B 255 -14.59 -28.68 -5.30
CA LEU B 255 -15.43 -29.73 -5.92
C LEU B 255 -16.75 -29.84 -5.17
N GLU B 256 -16.70 -29.76 -3.85
N GLU B 256 -16.69 -29.80 -3.85
CA GLU B 256 -17.92 -29.83 -3.06
CA GLU B 256 -17.91 -29.83 -3.06
C GLU B 256 -18.84 -28.66 -3.40
C GLU B 256 -18.84 -28.66 -3.43
N ASP B 257 -18.26 -27.47 -3.59
CA ASP B 257 -19.03 -26.30 -3.93
C ASP B 257 -19.67 -26.49 -5.28
N ALA B 258 -18.86 -26.98 -6.22
CA ALA B 258 -19.34 -27.21 -7.59
C ALA B 258 -20.52 -28.21 -7.61
N GLU B 259 -20.40 -29.26 -6.80
CA GLU B 259 -21.49 -30.28 -6.70
C GLU B 259 -22.81 -29.67 -6.23
N GLY B 260 -22.73 -28.74 -5.28
CA GLY B 260 -23.88 -28.00 -4.79
C GLY B 260 -24.47 -27.11 -5.86
N ILE B 261 -23.62 -26.45 -6.63
CA ILE B 261 -24.08 -25.62 -7.73
C ILE B 261 -24.80 -26.52 -8.73
N LEU B 262 -24.23 -27.68 -9.01
CA LEU B 262 -24.85 -28.62 -9.95
C LEU B 262 -26.26 -29.06 -9.52
N ALA B 263 -26.44 -29.25 -8.24
CA ALA B 263 -27.76 -29.57 -7.66
C ALA B 263 -28.77 -28.47 -7.98
N TYR B 264 -28.35 -27.20 -7.87
CA TYR B 264 -29.24 -26.07 -8.22
C TYR B 264 -29.52 -26.06 -9.71
N LEU B 265 -28.49 -26.30 -10.54
CA LEU B 265 -28.68 -26.28 -11.98
C LEU B 265 -29.61 -27.42 -12.45
N SER B 266 -29.48 -28.58 -11.82
CA SER B 266 -30.36 -29.71 -12.06
C SER B 266 -31.80 -29.35 -11.67
N HIS B 267 -31.96 -28.79 -10.49
CA HIS B 267 -33.25 -28.30 -10.01
C HIS B 267 -33.89 -27.36 -11.01
N ARG B 268 -33.09 -26.46 -11.61
CA ARG B 268 -33.61 -25.47 -12.56
C ARG B 268 -33.75 -25.96 -14.00
N GLY B 269 -33.38 -27.21 -14.23
CA GLY B 269 -33.45 -27.81 -15.56
C GLY B 269 -32.40 -27.30 -16.54
N VAL B 270 -31.27 -26.84 -16.01
CA VAL B 270 -30.16 -26.36 -16.84
C VAL B 270 -29.46 -27.56 -17.41
N ILE B 271 -29.33 -28.60 -16.59
CA ILE B 271 -28.83 -29.89 -17.05
C ILE B 271 -29.99 -30.87 -16.94
N ALA B 272 -29.95 -31.92 -17.77
CA ALA B 272 -31.00 -32.94 -17.83
C ALA B 272 -30.97 -33.88 -16.65
N GLU B 273 -29.80 -34.29 -16.23
CA GLU B 273 -29.66 -35.22 -15.13
C GLU B 273 -30.16 -34.69 -13.77
N THR B 274 -30.57 -35.64 -12.94
CA THR B 274 -31.03 -35.34 -11.59
C THR B 274 -29.82 -35.42 -10.69
N VAL B 275 -29.48 -34.27 -10.10
CA VAL B 275 -28.39 -34.15 -9.12
C VAL B 275 -29.08 -33.59 -7.89
N LEU B 276 -29.08 -34.39 -6.83
CA LEU B 276 -29.76 -34.03 -5.59
C LEU B 276 -28.88 -33.17 -4.70
N PRO B 277 -29.51 -32.34 -3.86
CA PRO B 277 -28.73 -31.56 -2.90
C PRO B 277 -28.02 -32.46 -1.90
N LYS B 278 -26.91 -31.97 -1.34
CA LYS B 278 -26.21 -32.71 -0.33
C LYS B 278 -27.03 -32.66 0.95
N PRO B 279 -27.19 -33.79 1.66
CA PRO B 279 -27.91 -33.71 2.92
C PRO B 279 -27.08 -33.02 3.97
N LYS B 281 -27.73 -29.75 7.36
CA LYS B 281 -28.61 -28.73 7.93
C LYS B 281 -28.27 -27.36 7.34
N ARG B 282 -29.30 -26.61 7.00
CA ARG B 282 -29.17 -25.29 6.38
C ARG B 282 -30.02 -24.30 7.18
N TYR B 283 -29.43 -23.14 7.46
CA TYR B 283 -30.02 -22.08 8.25
C TYR B 283 -30.10 -20.79 7.45
N GLY B 284 -31.02 -19.94 7.88
CA GLY B 284 -31.25 -18.63 7.29
C GLY B 284 -31.27 -17.54 8.31
N CYS B 285 -31.19 -16.31 7.81
CA CYS B 285 -31.18 -15.10 8.59
C CYS B 285 -31.60 -13.98 7.66
N PHE B 286 -32.52 -13.11 8.09
CA PHE B 286 -32.86 -11.91 7.31
C PHE B 286 -31.70 -10.91 7.41
N LEU B 287 -31.41 -10.25 6.29
CA LEU B 287 -30.25 -9.36 6.24
C LEU B 287 -30.15 -8.34 7.36
N LYS B 288 -31.28 -7.80 7.80
CA LYS B 288 -31.24 -6.81 8.88
C LYS B 288 -30.62 -7.34 10.17
N ASN B 289 -30.66 -8.66 10.38
CA ASN B 289 -30.09 -9.28 11.60
C ASN B 289 -28.62 -9.72 11.50
N TYR B 290 -27.95 -9.33 10.41
CA TYR B 290 -26.55 -9.65 10.19
C TYR B 290 -25.80 -8.46 10.73
N ARG B 291 -25.03 -8.67 11.77
CA ARG B 291 -24.42 -7.60 12.53
C ARG B 291 -22.91 -7.62 12.43
N LYS B 292 -22.34 -6.42 12.54
CA LYS B 292 -20.92 -6.21 12.51
C LYS B 292 -20.43 -5.92 13.92
N PHE B 293 -19.41 -6.64 14.37
CA PHE B 293 -18.82 -6.44 15.67
C PHE B 293 -17.46 -5.80 15.51
N HIS B 294 -17.30 -4.59 16.05
CA HIS B 294 -16.07 -3.80 15.98
C HIS B 294 -15.29 -3.84 17.25
N ALA B 295 -13.98 -3.85 17.12
CA ALA B 295 -13.05 -3.84 18.25
C ALA B 295 -13.37 -2.63 19.15
N PRO B 296 -13.67 -2.89 20.44
CA PRO B 296 -13.98 -1.77 21.35
C PRO B 296 -12.75 -1.09 21.89
N LYS B 297 -11.61 -1.74 21.68
CA LYS B 297 -10.30 -1.35 22.15
C LYS B 297 -9.34 -1.97 21.13
N ALA B 298 -8.16 -1.35 20.98
CA ALA B 298 -7.10 -1.85 20.09
C ALA B 298 -6.35 -3.00 20.77
N GLY B 299 -5.66 -3.80 19.96
CA GLY B 299 -4.79 -4.85 20.47
C GLY B 299 -4.54 -6.04 19.58
N VAL B 301 -5.18 -10.03 18.82
CA VAL B 301 -6.31 -10.89 18.96
C VAL B 301 -6.11 -12.36 18.79
N GLU B 302 -6.58 -13.12 19.77
CA GLU B 302 -6.69 -14.56 19.63
C GLU B 302 -8.21 -14.80 19.37
N TYR B 303 -8.54 -15.32 18.21
CA TYR B 303 -9.93 -15.57 17.81
C TYR B 303 -10.44 -16.90 18.42
N LEU B 304 -11.50 -16.79 19.20
CA LEU B 304 -12.06 -17.98 19.89
C LEU B 304 -13.35 -18.43 19.22
N GLY B 305 -14.17 -17.48 18.77
CA GLY B 305 -15.39 -17.83 18.06
C GLY B 305 -15.00 -18.42 16.72
N LYS B 306 -15.43 -19.66 16.48
CA LYS B 306 -15.12 -20.35 15.24
C LYS B 306 -16.17 -20.03 14.21
N VAL B 307 -15.74 -19.82 12.96
CA VAL B 307 -16.70 -19.45 11.93
C VAL B 307 -17.68 -20.57 11.67
N GLY B 308 -18.94 -20.20 11.49
CA GLY B 308 -20.01 -21.14 11.20
C GLY B 308 -20.45 -21.98 12.39
N VAL B 309 -20.01 -21.62 13.60
CA VAL B 309 -20.38 -22.35 14.84
C VAL B 309 -21.22 -21.45 15.74
N PRO B 310 -22.51 -21.82 15.99
CA PRO B 310 -23.33 -20.96 16.83
C PRO B 310 -22.76 -20.77 18.21
N LYS B 312 -23.22 -18.22 22.06
CA LYS B 312 -24.03 -17.45 22.97
C LYS B 312 -23.33 -16.16 23.38
N ALA B 313 -24.15 -15.16 23.70
CA ALA B 313 -23.61 -13.88 24.21
C ALA B 313 -22.65 -14.01 25.40
N THR B 314 -22.80 -15.06 26.17
CA THR B 314 -21.94 -15.22 27.32
C THR B 314 -20.57 -15.84 26.96
N ASP B 315 -20.43 -16.38 25.74
CA ASP B 315 -19.21 -17.07 25.35
C ASP B 315 -18.09 -16.12 24.96
N PRO B 316 -16.85 -16.41 25.38
CA PRO B 316 -15.70 -15.60 24.89
C PRO B 316 -15.60 -15.61 23.36
N LEU B 317 -15.51 -14.43 22.76
CA LEU B 317 -15.38 -14.29 21.32
C LEU B 317 -13.91 -14.19 20.90
N VAL B 318 -13.17 -13.34 21.61
CA VAL B 318 -11.75 -13.23 21.39
C VAL B 318 -11.08 -12.93 22.70
N ASN B 319 -9.79 -13.28 22.77
CA ASN B 319 -8.91 -12.79 23.82
C ASN B 319 -8.15 -11.64 23.18
N LEU B 320 -8.09 -10.50 23.86
CA LEU B 320 -7.42 -9.28 23.41
C LEU B 320 -6.19 -9.03 24.30
N LEU B 321 -5.03 -9.14 23.68
CA LEU B 321 -3.73 -9.07 24.38
C LEU B 321 -3.09 -7.70 24.19
N ARG B 322 -2.64 -7.11 25.28
CA ARG B 322 -2.06 -5.78 25.25
C ARG B 322 -0.77 -5.77 26.06
N LEU B 323 0.33 -6.07 25.39
CA LEU B 323 1.66 -6.06 26.07
C LEU B 323 2.09 -4.76 26.68
N ASP B 324 1.56 -3.67 26.14
CA ASP B 324 1.83 -2.32 26.63
C ASP B 324 1.16 -2.06 28.00
N LEU B 325 0.19 -2.91 28.37
CA LEU B 325 -0.56 -2.80 29.64
C LEU B 325 -0.22 -3.92 30.64
N TYR B 326 0.90 -4.60 30.41
CA TYR B 326 1.29 -5.70 31.29
C TYR B 326 1.38 -5.19 32.73
N GLY B 327 0.83 -5.99 33.64
CA GLY B 327 0.85 -5.69 35.07
C GLY B 327 -0.31 -4.84 35.58
N THR B 328 -1.20 -4.40 34.71
CA THR B 328 -2.29 -3.50 35.07
C THR B 328 -3.64 -4.17 35.25
N GLY B 329 -3.85 -5.35 34.67
CA GLY B 329 -5.16 -5.94 34.72
C GLY B 329 -5.85 -5.86 33.38
N GLU B 330 -5.36 -4.99 32.49
CA GLU B 330 -5.94 -4.80 31.16
C GLU B 330 -5.11 -5.50 30.08
N GLU B 331 -4.06 -6.21 30.46
CA GLU B 331 -3.23 -6.87 29.47
C GLU B 331 -3.87 -8.00 28.71
N LEU B 332 -4.87 -8.65 29.29
CA LEU B 332 -5.57 -9.72 28.59
C LEU B 332 -7.02 -9.66 28.97
N THR B 333 -7.86 -9.24 28.05
CA THR B 333 -9.26 -9.13 28.33
C THR B 333 -10.05 -9.93 27.31
N VAL B 334 -11.23 -10.34 27.71
CA VAL B 334 -12.07 -11.16 26.90
C VAL B 334 -13.19 -10.30 26.33
N LEU B 335 -13.39 -10.38 25.01
CA LEU B 335 -14.51 -9.72 24.36
C LEU B 335 -15.59 -10.77 24.12
N ARG B 336 -16.83 -10.33 24.24
CA ARG B 336 -18.00 -11.16 24.03
C ARG B 336 -18.99 -10.49 23.11
N LEU B 337 -19.79 -11.27 22.38
N LEU B 337 -19.81 -11.31 22.44
CA LEU B 337 -20.79 -10.66 21.49
CA LEU B 337 -20.90 -10.82 21.58
C LEU B 337 -21.98 -10.24 22.33
C LEU B 337 -21.99 -10.19 22.45
N PRO B 338 -22.63 -9.11 21.98
CA PRO B 338 -23.75 -8.59 22.71
C PRO B 338 -24.99 -9.50 22.65
N GLU B 339 -25.01 -10.45 21.72
CA GLU B 339 -26.21 -11.22 21.47
C GLU B 339 -25.85 -12.59 20.95
N ASP B 340 -26.74 -13.57 21.17
CA ASP B 340 -26.52 -14.89 20.63
C ASP B 340 -26.50 -14.84 19.12
N GLY B 341 -25.69 -15.68 18.52
CA GLY B 341 -25.62 -15.76 17.06
C GLY B 341 -24.56 -16.67 16.53
N VAL B 342 -24.41 -16.66 15.21
CA VAL B 342 -23.47 -17.48 14.52
C VAL B 342 -22.43 -16.56 13.83
N PRO B 343 -21.22 -16.54 14.33
CA PRO B 343 -20.17 -15.78 13.63
C PRO B 343 -19.95 -16.43 12.25
N ILE B 344 -19.99 -15.62 11.20
CA ILE B 344 -19.80 -16.05 9.82
C ILE B 344 -18.35 -15.89 9.36
N LEU B 345 -17.74 -14.79 9.78
CA LEU B 345 -16.41 -14.42 9.32
C LEU B 345 -15.73 -13.51 10.34
N HIS B 346 -14.41 -13.52 10.31
CA HIS B 346 -13.67 -12.62 11.14
C HIS B 346 -12.47 -12.06 10.39
N PHE B 347 -11.91 -11.03 10.99
CA PHE B 347 -10.80 -10.29 10.45
C PHE B 347 -9.61 -11.19 10.23
N ALA B 348 -8.90 -10.95 9.12
CA ALA B 348 -7.82 -11.85 8.67
C ALA B 348 -6.47 -11.59 9.31
N SER B 349 -6.39 -10.54 10.12
CA SER B 349 -5.15 -10.15 10.79
C SER B 349 -5.35 -10.28 12.31
N ALA B 350 -4.23 -10.48 13.02
CA ALA B 350 -4.26 -10.55 14.49
C ALA B 350 -4.05 -9.24 15.22
N SER B 351 -3.99 -8.13 14.48
N SER B 351 -3.97 -8.12 14.52
CA SER B 351 -3.78 -6.83 15.05
CA SER B 351 -3.75 -6.86 15.19
C SER B 351 -4.92 -5.92 14.66
C SER B 351 -4.77 -5.83 14.69
N VAL B 352 -5.52 -5.27 15.65
CA VAL B 352 -6.62 -4.35 15.37
C VAL B 352 -6.46 -3.02 16.11
N HIS B 353 -6.99 -1.99 15.48
CA HIS B 353 -7.11 -0.70 16.06
C HIS B 353 -8.52 -0.65 16.62
N GLN B 354 -8.80 0.32 17.50
CA GLN B 354 -10.16 0.47 17.97
C GLN B 354 -11.03 0.73 16.74
N GLY B 355 -12.15 0.02 16.66
CA GLY B 355 -13.07 0.13 15.55
C GLY B 355 -12.88 -0.83 14.38
N THR B 356 -11.77 -1.54 14.30
CA THR B 356 -11.56 -2.52 13.24
C THR B 356 -12.69 -3.56 13.35
N GLU B 357 -13.24 -3.96 12.20
CA GLU B 357 -14.33 -4.91 12.19
C GLU B 357 -13.77 -6.28 12.48
N LEU B 358 -14.14 -6.83 13.65
CA LEU B 358 -13.63 -8.11 14.10
C LEU B 358 -14.37 -9.30 13.55
N TYR B 359 -15.71 -9.27 13.58
CA TYR B 359 -16.56 -10.34 13.10
C TYR B 359 -17.81 -9.78 12.47
N LYS B 360 -18.41 -10.58 11.61
CA LYS B 360 -19.76 -10.39 11.20
C LYS B 360 -20.51 -11.65 11.73
N VAL B 361 -21.71 -11.42 12.25
CA VAL B 361 -22.47 -12.41 13.01
C VAL B 361 -23.95 -12.43 12.59
N THR B 363 -27.60 -13.08 13.50
CA THR B 363 -28.40 -13.20 14.73
C THR B 363 -29.83 -13.60 14.29
N LYS B 364 -30.61 -14.11 15.24
CA LYS B 364 -31.99 -14.50 14.95
C LYS B 364 -32.03 -15.48 13.80
N VAL B 365 -31.17 -16.49 13.90
CA VAL B 365 -31.04 -17.49 12.86
C VAL B 365 -32.15 -18.52 12.98
N PHE B 366 -32.62 -19.02 11.83
CA PHE B 366 -33.64 -20.06 11.83
C PHE B 366 -33.29 -21.15 10.83
N GLU B 367 -33.83 -22.36 11.04
CA GLU B 367 -33.57 -23.45 10.12
C GLU B 367 -34.43 -23.21 8.88
N LEU B 368 -33.82 -23.42 7.73
CA LEU B 368 -34.52 -23.25 6.48
C LEU B 368 -35.43 -24.41 6.23
N ARG C 3 13.36 1.83 -41.10
CA ARG C 3 14.00 2.84 -40.20
C ARG C 3 14.13 2.25 -38.76
N VAL C 4 13.04 2.26 -37.98
CA VAL C 4 13.05 1.70 -36.63
C VAL C 4 12.39 0.34 -36.66
N ASP C 5 13.00 -0.64 -36.02
CA ASP C 5 12.43 -1.96 -35.91
C ASP C 5 11.99 -2.11 -34.44
N LYS C 6 10.84 -2.72 -34.19
N LYS C 6 10.89 -2.82 -34.23
CA LYS C 6 10.39 -2.97 -32.80
CA LYS C 6 10.37 -3.06 -32.90
C LYS C 6 10.16 -4.45 -32.55
C LYS C 6 10.33 -4.55 -32.61
N HIS C 7 10.62 -4.93 -31.38
CA HIS C 7 10.37 -6.30 -30.97
C HIS C 7 10.00 -6.26 -29.48
N GLU C 8 9.36 -7.31 -29.02
CA GLU C 8 8.95 -7.39 -27.63
C GLU C 8 9.78 -8.42 -26.93
N VAL C 9 10.13 -8.12 -25.69
CA VAL C 9 10.94 -8.99 -24.88
C VAL C 9 10.13 -9.26 -23.60
N ARG C 10 9.94 -10.54 -23.31
CA ARG C 10 9.23 -10.99 -22.13
C ARG C 10 10.10 -10.93 -20.87
N VAL C 11 9.55 -10.35 -19.79
CA VAL C 11 10.29 -10.20 -18.55
C VAL C 11 9.56 -10.80 -17.34
N GLY C 12 8.34 -11.29 -17.55
CA GLY C 12 7.58 -11.87 -16.43
C GLY C 12 6.19 -12.31 -16.81
N GLU C 13 5.37 -12.57 -15.79
CA GLU C 13 4.00 -12.98 -16.00
C GLU C 13 3.22 -12.71 -14.72
N LEU C 14 2.01 -12.24 -14.90
CA LEU C 14 1.10 -11.93 -13.82
C LEU C 14 0.20 -13.12 -13.47
N ALA C 15 -0.19 -13.18 -12.19
CA ALA C 15 -1.06 -14.20 -11.64
C ALA C 15 -2.30 -14.52 -12.49
N ALA C 16 -2.98 -13.50 -13.02
CA ALA C 16 -4.18 -13.74 -13.81
C ALA C 16 -3.85 -14.25 -15.21
N GLY C 17 -2.57 -14.25 -15.60
CA GLY C 17 -2.16 -14.88 -16.87
C GLY C 17 -1.44 -14.00 -17.87
N GLN C 18 -1.57 -12.69 -17.71
CA GLN C 18 -1.00 -11.77 -18.66
C GLN C 18 0.54 -11.72 -18.61
N PRO C 19 1.20 -11.77 -19.80
CA PRO C 19 2.63 -11.67 -19.80
C PRO C 19 3.07 -10.23 -19.51
N LEU C 20 4.27 -10.09 -18.96
CA LEU C 20 4.91 -8.78 -18.73
C LEU C 20 5.96 -8.72 -19.86
N SER C 21 5.86 -7.69 -20.71
CA SER C 21 6.75 -7.50 -21.81
C SER C 21 7.12 -6.03 -22.01
N LEU C 22 8.27 -5.85 -22.69
CA LEU C 22 8.88 -4.55 -22.93
C LEU C 22 8.93 -4.34 -24.45
N PRO C 23 8.72 -3.10 -24.91
CA PRO C 23 8.93 -2.76 -26.32
C PRO C 23 10.40 -2.35 -26.48
N VAL C 24 11.09 -2.97 -27.43
CA VAL C 24 12.51 -2.67 -27.73
C VAL C 24 12.57 -2.09 -29.14
N TYR C 25 12.98 -0.81 -29.25
CA TYR C 25 13.07 -0.12 -30.51
C TYR C 25 14.53 -0.09 -30.93
N ARG C 26 14.81 -0.43 -32.18
CA ARG C 26 16.18 -0.42 -32.65
C ARG C 26 16.34 0.32 -33.94
N PHE C 27 17.35 1.21 -33.94
CA PHE C 27 17.83 1.88 -35.14
C PHE C 27 19.16 1.20 -35.51
N LYS C 28 19.25 0.61 -36.70
CA LYS C 28 20.48 -0.03 -37.16
C LYS C 28 21.50 1.02 -37.64
N GLY C 29 22.74 0.91 -37.18
CA GLY C 29 23.77 1.81 -37.64
C GLY C 29 24.36 1.29 -38.95
N LYS C 30 24.84 2.22 -39.76
CA LYS C 30 25.44 1.89 -41.06
C LYS C 30 26.90 2.22 -40.95
N GLY C 31 27.60 1.63 -40.01
CA GLY C 31 28.98 2.03 -39.83
C GLY C 31 29.69 1.35 -38.70
N ALA C 32 30.77 1.99 -38.28
CA ALA C 32 31.62 1.43 -37.27
C ALA C 32 31.46 2.14 -35.95
N GLY C 33 30.40 2.91 -35.79
CA GLY C 33 30.19 3.66 -34.56
C GLY C 33 29.89 2.73 -33.39
N PRO C 34 30.05 3.23 -32.16
CA PRO C 34 29.69 2.37 -31.03
C PRO C 34 28.19 2.08 -30.98
N SER C 35 27.83 0.97 -30.35
CA SER C 35 26.42 0.62 -30.15
C SER C 35 25.94 1.21 -28.82
N VAL C 36 24.67 1.54 -28.78
CA VAL C 36 24.09 2.22 -27.62
C VAL C 36 22.79 1.49 -27.21
N TYR C 37 22.66 1.36 -25.90
CA TYR C 37 21.47 0.80 -25.27
C TYR C 37 20.92 1.83 -24.28
N ILE C 38 19.65 2.20 -24.45
CA ILE C 38 18.98 3.24 -23.63
C ILE C 38 17.69 2.63 -23.06
N GLN C 39 17.48 2.79 -21.76
CA GLN C 39 16.24 2.34 -21.12
C GLN C 39 15.68 3.41 -20.20
N ALA C 40 14.38 3.31 -19.91
CA ALA C 40 13.67 4.25 -19.07
C ALA C 40 12.62 3.53 -18.25
N ASN C 41 12.31 4.12 -17.11
CA ASN C 41 11.09 3.81 -16.30
C ASN C 41 11.18 2.44 -15.62
N VAL C 42 12.41 2.06 -15.24
CA VAL C 42 12.61 0.88 -14.42
C VAL C 42 11.93 1.14 -13.07
N HIS C 43 12.05 2.39 -12.58
CA HIS C 43 11.26 2.85 -11.41
C HIS C 43 9.96 3.42 -11.96
N GLY C 44 8.85 2.76 -11.61
CA GLY C 44 7.52 3.06 -12.20
C GLY C 44 7.03 4.52 -12.23
N ALA C 45 7.32 5.28 -11.17
CA ALA C 45 6.91 6.70 -11.08
C ALA C 45 7.76 7.62 -11.96
N GLU C 46 8.88 7.11 -12.44
CA GLU C 46 9.89 7.94 -13.14
C GLU C 46 9.63 7.97 -14.62
N VAL C 47 8.46 8.49 -14.98
CA VAL C 47 7.92 8.39 -16.32
C VAL C 47 8.53 9.34 -17.34
N GLN C 48 9.20 10.41 -16.90
CA GLN C 48 9.74 11.37 -17.87
C GLN C 48 10.73 10.74 -18.85
N GLY C 49 11.43 9.69 -18.44
CA GLY C 49 12.34 8.99 -19.32
C GLY C 49 11.70 8.45 -20.60
N ASN C 50 10.41 8.14 -20.55
CA ASN C 50 9.67 7.74 -21.74
C ASN C 50 9.57 8.92 -22.73
N ALA C 51 9.32 10.10 -22.17
CA ALA C 51 9.20 11.33 -22.97
C ALA C 51 10.56 11.64 -23.58
N VAL C 52 11.62 11.36 -22.84
CA VAL C 52 13.00 11.56 -23.37
C VAL C 52 13.29 10.60 -24.53
N ILE C 53 12.92 9.32 -24.37
CA ILE C 53 13.10 8.33 -25.42
C ILE C 53 12.27 8.72 -26.64
N TYR C 54 11.05 9.15 -26.40
CA TYR C 54 10.18 9.59 -27.48
C TYR C 54 10.86 10.71 -28.30
N GLN C 55 11.27 11.78 -27.63
CA GLN C 55 11.88 12.92 -28.32
C GLN C 55 13.17 12.50 -29.01
N LEU C 56 13.97 11.65 -28.38
CA LEU C 56 15.22 11.21 -28.96
C LEU C 56 14.94 10.44 -30.25
N LYS C 58 12.36 10.70 -32.21
CA LYS C 58 11.87 11.65 -33.23
C LYS C 58 13.03 12.41 -33.89
N LEU C 59 14.01 12.79 -33.06
CA LEU C 59 15.23 13.47 -33.57
C LEU C 59 16.11 12.54 -34.39
N LEU C 60 16.31 11.32 -33.90
CA LEU C 60 17.18 10.33 -34.53
C LEU C 60 16.72 10.00 -35.92
N GLU C 61 15.43 10.11 -36.17
CA GLU C 61 14.92 9.82 -37.49
C GLU C 61 15.56 10.69 -38.57
N HIS C 62 16.14 11.83 -38.18
CA HIS C 62 16.80 12.79 -39.07
C HIS C 62 18.32 12.88 -39.00
N TYR C 63 18.96 11.95 -38.31
CA TYR C 63 20.40 11.91 -38.22
C TYR C 63 20.89 10.68 -38.95
N GLU C 64 22.21 10.64 -39.15
CA GLU C 64 22.82 9.55 -39.85
C GLU C 64 23.49 8.67 -38.84
N LEU C 65 22.96 7.46 -38.62
CA LEU C 65 23.51 6.58 -37.59
C LEU C 65 24.64 5.73 -38.10
N LEU C 66 25.79 5.87 -37.44
CA LEU C 66 26.98 5.08 -37.71
C LEU C 66 27.01 3.85 -36.79
N GLY C 67 26.34 3.93 -35.64
CA GLY C 67 26.27 2.80 -34.74
C GLY C 67 24.82 2.49 -34.38
N ASP C 68 24.60 1.26 -33.93
CA ASP C 68 23.24 0.83 -33.55
C ASP C 68 22.79 1.52 -32.27
N ILE C 69 21.50 1.83 -32.20
CA ILE C 69 20.90 2.39 -30.97
C ILE C 69 19.62 1.59 -30.67
N SER C 70 19.54 0.99 -29.47
CA SER C 70 18.34 0.25 -28.99
C SER C 70 17.75 1.03 -27.84
N LEU C 71 16.44 1.22 -27.85
CA LEU C 71 15.78 2.00 -26.80
C LEU C 71 14.62 1.19 -26.23
N VAL C 72 14.58 1.20 -24.90
CA VAL C 72 13.61 0.41 -24.12
C VAL C 72 12.84 1.33 -23.15
N PRO C 73 11.78 1.97 -23.64
CA PRO C 73 10.90 2.78 -22.77
C PRO C 73 10.03 1.76 -22.01
N LEU C 74 9.37 2.20 -20.95
CA LEU C 74 8.41 1.36 -20.25
C LEU C 74 9.03 0.05 -19.83
N ALA C 75 10.22 0.17 -19.26
CA ALA C 75 11.06 -1.01 -19.01
C ALA C 75 10.61 -1.92 -17.84
N ASN C 76 9.61 -1.49 -17.08
CA ASN C 76 9.11 -2.28 -15.93
C ASN C 76 7.60 -2.15 -15.80
N PRO C 77 6.84 -2.86 -16.65
CA PRO C 77 5.40 -2.68 -16.58
C PRO C 77 4.76 -3.01 -15.20
N LEU C 78 5.34 -3.97 -14.47
CA LEU C 78 4.78 -4.35 -13.15
C LEU C 78 4.87 -3.14 -12.21
N GLY C 79 5.97 -2.42 -12.25
CA GLY C 79 6.13 -1.24 -11.38
C GLY C 79 5.38 -0.02 -11.92
N ILE C 80 5.43 0.16 -13.24
CA ILE C 80 4.75 1.27 -13.90
C ILE C 80 3.25 1.26 -13.65
N ASN C 81 2.66 0.06 -13.63
CA ASN C 81 1.23 -0.08 -13.53
C ASN C 81 0.69 -0.14 -12.08
N GLN C 82 1.60 -0.07 -11.13
CA GLN C 82 1.25 -0.20 -9.72
C GLN C 82 0.91 1.11 -9.05
N LYS C 83 -0.36 1.26 -8.70
CA LYS C 83 -0.84 2.45 -8.02
C LYS C 83 -1.15 2.18 -6.53
N SER C 84 -0.96 3.23 -5.73
CA SER C 84 -1.35 3.26 -4.33
C SER C 84 -1.80 4.69 -4.08
N GLY C 85 -3.08 4.91 -3.83
CA GLY C 85 -3.55 6.30 -3.79
C GLY C 85 -3.30 6.92 -5.16
N GLU C 86 -3.04 8.21 -5.20
CA GLU C 86 -2.83 8.96 -6.45
C GLU C 86 -1.33 9.09 -6.74
N PHE C 87 -0.64 7.97 -6.63
CA PHE C 87 0.81 7.89 -6.75
C PHE C 87 1.16 6.50 -7.30
N THR C 88 2.24 6.42 -8.03
CA THR C 88 2.73 5.16 -8.58
C THR C 88 3.68 4.57 -7.54
N LEU C 89 3.34 3.39 -7.03
CA LEU C 89 4.20 2.65 -6.04
C LEU C 89 5.08 1.77 -6.93
N GLY C 90 6.08 2.43 -7.55
CA GLY C 90 6.82 1.88 -8.64
C GLY C 90 8.28 1.63 -8.40
N ARG C 91 8.75 1.94 -7.19
CA ARG C 91 10.18 1.87 -6.90
C ARG C 91 10.71 0.51 -6.48
N PHE C 92 9.84 -0.27 -5.83
CA PHE C 92 10.22 -1.54 -5.28
C PHE C 92 9.11 -2.59 -5.43
N ASP C 93 9.52 -3.85 -5.31
CA ASP C 93 8.57 -4.94 -5.30
C ASP C 93 7.60 -4.67 -4.10
N PRO C 94 6.30 -4.48 -4.38
CA PRO C 94 5.36 -4.18 -3.29
C PRO C 94 5.20 -5.33 -2.30
N ILE C 95 5.60 -6.52 -2.71
CA ILE C 95 5.53 -7.70 -1.83
C ILE C 95 6.67 -7.71 -0.84
N THR C 96 7.89 -7.51 -1.34
CA THR C 96 9.10 -7.66 -0.53
C THR C 96 9.86 -6.42 -0.14
N GLY C 97 9.57 -5.30 -0.81
CA GLY C 97 10.26 -4.02 -0.61
C GLY C 97 11.57 -3.84 -1.35
N VAL C 98 12.00 -4.84 -2.11
CA VAL C 98 13.27 -4.81 -2.79
C VAL C 98 13.20 -3.87 -4.02
N ASN C 99 14.09 -2.89 -4.00
CA ASN C 99 14.22 -1.88 -5.06
C ASN C 99 14.50 -2.56 -6.38
N TRP C 100 13.73 -2.25 -7.41
CA TRP C 100 13.93 -2.89 -8.72
C TRP C 100 15.34 -2.63 -9.27
N ASN C 101 15.91 -1.48 -8.86
CA ASN C 101 17.28 -1.08 -9.28
C ASN C 101 18.36 -1.52 -8.30
N ARG C 102 18.03 -2.54 -7.51
CA ARG C 102 19.01 -3.21 -6.67
C ARG C 102 19.05 -4.69 -7.05
N GLU C 103 18.38 -5.06 -8.13
CA GLU C 103 18.28 -6.47 -8.56
C GLU C 103 19.21 -6.93 -9.67
N TYR C 104 20.15 -6.08 -10.08
CA TYR C 104 21.05 -6.50 -11.19
C TYR C 104 22.06 -7.53 -10.70
N LEU C 105 22.72 -8.18 -11.66
CA LEU C 105 23.60 -9.29 -11.40
C LEU C 105 25.05 -8.87 -11.34
N ASP C 106 25.69 -9.11 -10.19
CA ASP C 106 27.13 -8.88 -9.99
C ASP C 106 27.77 -10.17 -10.43
N HIS C 107 28.59 -10.08 -11.47
CA HIS C 107 29.26 -11.28 -11.94
C HIS C 107 30.30 -11.73 -10.93
N GLY C 108 30.13 -12.94 -10.44
CA GLY C 108 31.04 -13.46 -9.44
C GLY C 108 32.33 -14.11 -9.94
N PHE C 109 32.42 -14.44 -11.21
CA PHE C 109 33.62 -15.12 -11.70
C PHE C 109 34.92 -14.31 -11.48
N ASN C 110 36.02 -15.05 -11.33
CA ASN C 110 37.31 -14.41 -11.02
C ASN C 110 37.88 -13.82 -12.29
N ILE C 111 37.96 -12.49 -12.34
CA ILE C 111 38.39 -11.77 -13.55
C ILE C 111 39.90 -11.91 -13.77
N GLU C 112 40.65 -11.93 -12.69
CA GLU C 112 42.09 -12.17 -12.80
C GLU C 112 42.31 -13.51 -13.53
N VAL C 113 41.65 -14.58 -13.09
CA VAL C 113 41.76 -15.89 -13.74
C VAL C 113 41.24 -15.86 -15.15
N TRP C 114 40.09 -15.21 -15.37
CA TRP C 114 39.56 -15.12 -16.73
C TRP C 114 40.59 -14.40 -17.60
N TYR C 115 41.15 -13.30 -17.09
CA TYR C 115 42.15 -12.56 -17.86
C TYR C 115 43.33 -13.45 -18.24
N GLN C 116 43.91 -14.14 -17.26
CA GLN C 116 45.06 -15.02 -17.53
C GLN C 116 44.73 -16.02 -18.64
N GLU C 117 43.54 -16.59 -18.59
CA GLU C 117 43.10 -17.57 -19.59
C GLU C 117 42.82 -17.03 -20.97
N HIS C 118 42.67 -15.72 -21.12
CA HIS C 118 42.43 -15.11 -22.43
C HIS C 118 43.51 -14.10 -22.83
N SER C 119 44.53 -13.92 -22.00
CA SER C 119 45.51 -12.84 -22.23
C SER C 119 46.29 -12.94 -23.53
N HIS C 120 46.37 -14.15 -24.09
CA HIS C 120 47.06 -14.39 -25.36
C HIS C 120 46.28 -13.87 -26.55
N LEU C 121 45.00 -13.54 -26.34
CA LEU C 121 44.15 -13.00 -27.40
C LEU C 121 44.45 -11.55 -27.65
N ASP C 122 44.19 -11.09 -28.88
CA ASP C 122 44.35 -9.68 -29.20
C ASP C 122 43.20 -8.91 -28.54
N ASP C 123 43.33 -7.59 -28.44
CA ASP C 123 42.32 -6.77 -27.76
C ASP C 123 40.89 -7.03 -28.21
N ASP C 124 40.62 -6.94 -29.51
CA ASP C 124 39.26 -7.15 -30.02
C ASP C 124 38.71 -8.55 -29.74
N THR C 125 39.53 -9.56 -29.85
CA THR C 125 39.05 -10.90 -29.61
C THR C 125 38.82 -11.13 -28.11
N LEU C 126 39.67 -10.54 -27.28
CA LEU C 126 39.54 -10.65 -25.83
C LEU C 126 38.21 -9.98 -25.39
N ILE C 127 37.93 -8.82 -25.96
CA ILE C 127 36.72 -8.03 -25.67
C ILE C 127 35.46 -8.77 -26.09
N THR C 128 35.47 -9.35 -27.28
CA THR C 128 34.35 -10.13 -27.75
C THR C 128 34.11 -11.32 -26.83
N ALA C 129 35.17 -11.96 -26.39
CA ALA C 129 35.07 -13.12 -25.50
C ALA C 129 34.48 -12.72 -24.15
N PHE C 130 34.88 -11.56 -23.63
CA PHE C 130 34.45 -11.09 -22.33
C PHE C 130 32.96 -10.79 -22.37
N ARG C 131 32.53 -10.12 -23.42
CA ARG C 131 31.14 -9.80 -23.62
C ARG C 131 30.32 -11.07 -23.66
N ALA C 132 30.82 -12.08 -24.38
CA ALA C 132 30.11 -13.34 -24.50
C ALA C 132 29.97 -14.02 -23.15
N THR C 133 31.01 -13.94 -22.31
CA THR C 133 30.97 -14.50 -20.98
C THR C 133 29.91 -13.81 -20.13
N LEU C 134 29.85 -12.48 -20.21
CA LEU C 134 28.85 -11.73 -19.44
C LEU C 134 27.42 -12.10 -19.86
N VAL C 135 27.18 -12.20 -21.16
CA VAL C 135 25.88 -12.56 -21.74
C VAL C 135 25.51 -13.99 -21.33
N GLU C 136 26.50 -14.87 -21.35
CA GLU C 136 26.23 -16.26 -20.95
C GLU C 136 25.93 -16.40 -19.47
N GLU C 137 26.59 -15.58 -18.65
CA GLU C 137 26.39 -15.60 -17.21
C GLU C 137 24.96 -15.19 -16.80
N CYS C 138 24.38 -14.26 -17.57
CA CYS C 138 23.01 -13.82 -17.36
C CYS C 138 22.05 -14.99 -17.69
N ALA C 139 22.29 -15.67 -18.81
CA ALA C 139 21.49 -16.81 -19.22
C ALA C 139 21.58 -17.90 -18.16
N ARG C 140 22.76 -18.17 -17.66
CA ARG C 140 22.95 -19.19 -16.66
C ARG C 140 22.16 -18.85 -15.39
N ARG C 141 22.17 -17.59 -15.02
CA ARG C 141 21.45 -17.12 -13.84
C ARG C 141 19.94 -17.39 -13.91
N LEU C 142 19.34 -17.13 -15.06
CA LEU C 142 17.92 -17.34 -15.27
C LEU C 142 17.52 -18.80 -15.42
N ASN C 143 18.51 -19.67 -15.66
CA ASN C 143 18.26 -21.09 -15.86
C ASN C 143 18.63 -21.75 -14.55
N ASN C 144 17.67 -21.79 -13.64
CA ASN C 144 17.90 -22.28 -12.27
C ASN C 144 16.61 -22.94 -11.87
N PRO C 145 16.66 -24.23 -11.49
CA PRO C 145 15.41 -24.87 -11.10
C PRO C 145 14.71 -24.30 -9.86
N TRP C 146 15.44 -23.58 -9.05
CA TRP C 146 14.88 -22.90 -7.87
C TRP C 146 14.34 -21.53 -8.25
N GLY C 147 14.59 -21.11 -9.48
CA GLY C 147 14.05 -19.86 -10.01
C GLY C 147 14.71 -18.64 -9.43
N VAL C 148 14.24 -17.48 -9.86
CA VAL C 148 14.76 -16.22 -9.38
C VAL C 148 13.59 -15.26 -9.06
N THR C 149 13.89 -14.21 -8.33
CA THR C 149 12.83 -13.25 -7.97
C THR C 149 12.23 -12.56 -9.19
N THR C 150 11.06 -11.96 -9.01
CA THR C 150 10.39 -11.21 -10.06
C THR C 150 11.31 -10.11 -10.58
N GLY C 151 11.92 -9.39 -9.64
CA GLY C 151 12.78 -8.24 -9.96
C GLY C 151 14.09 -8.70 -10.56
N HIS C 152 14.63 -9.80 -10.09
CA HIS C 152 15.88 -10.31 -10.67
C HIS C 152 15.68 -10.76 -12.11
N ARG C 153 14.54 -11.39 -12.40
CA ARG C 153 14.30 -11.82 -13.77
C ARG C 153 14.25 -10.58 -14.66
N LEU C 154 13.58 -9.54 -14.21
CA LEU C 154 13.52 -8.32 -15.02
C LEU C 154 14.90 -7.73 -15.23
N ALA C 155 15.61 -7.51 -14.15
CA ALA C 155 16.90 -6.86 -14.19
C ALA C 155 17.91 -7.60 -15.05
N VAL C 156 17.94 -8.93 -14.89
CA VAL C 156 18.89 -9.77 -15.63
C VAL C 156 18.54 -9.76 -17.13
N THR C 157 17.25 -9.69 -17.48
CA THR C 157 16.81 -9.61 -18.89
C THR C 157 17.27 -8.27 -19.51
N LEU C 158 17.07 -7.17 -18.77
CA LEU C 158 17.56 -5.85 -19.22
C LEU C 158 19.07 -5.84 -19.34
N GLN C 159 19.73 -6.43 -18.36
CA GLN C 159 21.19 -6.48 -18.26
C GLN C 159 21.82 -7.19 -19.43
N SER C 160 21.25 -8.33 -19.80
CA SER C 160 21.78 -9.10 -20.92
C SER C 160 21.74 -8.26 -22.18
N ALA C 162 21.82 -4.89 -22.23
CA ALA C 162 22.75 -3.79 -21.95
C ALA C 162 24.21 -4.23 -22.22
N HIS C 163 24.54 -5.45 -21.79
CA HIS C 163 25.88 -6.00 -21.96
C HIS C 163 26.33 -6.07 -23.42
N ARG C 164 25.37 -6.15 -24.34
CA ARG C 164 25.70 -6.21 -25.76
C ARG C 164 26.16 -4.88 -26.35
N ALA C 165 25.87 -3.77 -25.70
CA ALA C 165 26.21 -2.42 -26.17
C ALA C 165 27.57 -1.88 -25.64
N ASP C 166 28.10 -0.88 -26.34
CA ASP C 166 29.31 -0.16 -25.93
C ASP C 166 28.97 0.95 -24.96
N ILE C 167 27.77 1.51 -25.09
CA ILE C 167 27.28 2.63 -24.28
C ILE C 167 25.91 2.29 -23.73
N VAL C 168 25.76 2.47 -22.42
CA VAL C 168 24.51 2.21 -21.72
C VAL C 168 24.04 3.47 -21.03
N LEU C 169 22.83 3.90 -21.35
CA LEU C 169 22.24 5.09 -20.71
C LEU C 169 20.94 4.67 -20.01
N ASP C 170 20.92 4.78 -18.69
CA ASP C 170 19.74 4.41 -17.85
C ASP C 170 19.05 5.72 -17.47
N LEU C 171 17.84 5.89 -17.94
CA LEU C 171 17.10 7.12 -17.69
C LEU C 171 16.17 6.98 -16.48
N HIS C 172 16.45 7.84 -15.51
CA HIS C 172 15.71 7.92 -14.25
C HIS C 172 15.22 9.35 -14.00
N THR C 173 14.53 9.50 -12.89
CA THR C 173 14.19 10.80 -12.32
C THR C 173 14.37 10.69 -10.81
N GLY C 174 14.47 11.85 -10.17
CA GLY C 174 14.43 11.95 -8.71
C GLY C 174 12.99 12.18 -8.32
N PRO C 175 12.73 12.41 -7.03
CA PRO C 175 11.37 12.66 -6.53
C PRO C 175 10.99 14.11 -6.88
N LYS C 176 11.30 15.09 -6.03
CA LYS C 176 11.23 16.53 -6.43
C LYS C 176 12.71 16.79 -6.63
N SER C 177 13.13 16.94 -7.89
CA SER C 177 14.57 16.92 -8.17
C SER C 177 15.00 17.79 -9.35
N CYS C 178 16.27 18.20 -9.30
CA CYS C 178 16.87 18.86 -10.44
C CYS C 178 17.47 17.75 -11.31
N LYS C 179 17.92 18.12 -12.50
CA LYS C 179 18.59 17.17 -13.39
C LYS C 179 20.03 16.95 -12.88
N HIS C 180 20.40 15.69 -12.77
CA HIS C 180 21.69 15.28 -12.33
C HIS C 180 22.14 14.01 -13.03
N LEU C 181 23.40 13.72 -12.92
CA LEU C 181 24.02 12.61 -13.62
C LEU C 181 24.96 11.83 -12.76
N TYR C 182 24.85 10.51 -12.86
CA TYR C 182 25.83 9.61 -12.29
C TYR C 182 26.78 9.20 -13.45
N CYS C 183 28.06 9.37 -13.17
CA CYS C 183 29.13 9.17 -14.14
C CYS C 183 30.28 8.49 -13.43
N PRO C 184 30.79 7.37 -13.98
CA PRO C 184 31.92 6.68 -13.38
C PRO C 184 33.17 7.53 -13.49
N GLU C 185 34.03 7.41 -12.49
CA GLU C 185 35.26 8.21 -12.45
C GLU C 185 36.12 8.04 -13.70
N TYR C 186 36.11 6.86 -14.33
CA TYR C 186 36.92 6.62 -15.52
C TYR C 186 36.44 7.40 -16.80
N GLU C 187 35.24 7.97 -16.81
CA GLU C 187 34.81 8.77 -17.92
C GLU C 187 34.20 10.08 -17.48
N ARG C 188 34.95 10.79 -16.64
CA ARG C 188 34.56 12.12 -16.17
C ARG C 188 34.23 13.08 -17.33
N SER C 189 34.88 12.89 -18.48
CA SER C 189 34.61 13.74 -19.62
C SER C 189 33.18 13.67 -20.13
N ALA C 190 32.46 12.57 -19.88
CA ALA C 190 31.12 12.44 -20.43
C ALA C 190 30.19 13.56 -19.99
N ALA C 191 30.37 14.04 -18.76
CA ALA C 191 29.52 15.09 -18.22
C ALA C 191 29.56 16.37 -19.04
N GLN C 192 30.68 16.61 -19.73
CA GLN C 192 30.84 17.81 -20.56
C GLN C 192 29.91 17.84 -21.77
N TYR C 193 29.32 16.69 -22.15
CA TYR C 193 28.48 16.59 -23.37
C TYR C 193 27.00 16.65 -23.12
N PHE C 194 26.55 16.13 -21.98
CA PHE C 194 25.15 16.20 -21.63
C PHE C 194 24.79 17.62 -21.14
N SER C 195 23.49 17.90 -21.07
CA SER C 195 22.93 19.17 -20.59
C SER C 195 22.44 19.02 -19.13
N ILE C 196 23.40 18.62 -18.28
CA ILE C 196 23.12 18.32 -16.89
C ILE C 196 24.08 19.10 -15.99
N PRO C 197 23.53 20.00 -15.15
CA PRO C 197 24.36 20.89 -14.31
C PRO C 197 25.14 20.21 -13.19
N TYR C 198 24.67 19.06 -12.70
CA TYR C 198 25.31 18.40 -11.53
C TYR C 198 25.58 16.94 -11.75
N THR C 199 26.83 16.54 -11.52
CA THR C 199 27.25 15.17 -11.76
C THR C 199 27.89 14.54 -10.51
N LEU C 200 27.48 13.30 -10.22
CA LEU C 200 28.07 12.49 -9.16
C LEU C 200 29.05 11.54 -9.84
N LEU C 201 30.33 11.65 -9.47
CA LEU C 201 31.39 10.77 -9.96
C LEU C 201 31.47 9.56 -9.05
N ILE C 202 31.28 8.38 -9.64
CA ILE C 202 31.11 7.14 -8.88
C ILE C 202 32.25 6.15 -9.11
N PRO C 203 32.60 5.39 -8.06
CA PRO C 203 33.73 4.49 -8.11
C PRO C 203 33.42 3.11 -8.66
N ASN C 204 34.47 2.30 -8.79
CA ASN C 204 34.33 0.91 -9.22
C ASN C 204 33.79 0.04 -8.07
N SER C 205 32.47 0.05 -7.93
CA SER C 205 31.84 -0.68 -6.85
C SER C 205 30.45 -1.10 -7.30
N PHE C 206 30.13 -2.38 -7.11
CA PHE C 206 28.80 -2.85 -7.43
C PHE C 206 27.82 -2.68 -6.27
N GLY C 207 26.74 -1.96 -6.53
CA GLY C 207 25.73 -1.74 -5.53
C GLY C 207 24.31 -2.14 -5.94
N GLY C 208 24.17 -2.98 -6.95
CA GLY C 208 22.88 -3.53 -7.37
C GLY C 208 22.20 -2.87 -8.55
N ALA C 209 22.71 -1.71 -8.99
CA ALA C 209 22.11 -0.90 -10.05
C ALA C 209 22.60 -1.24 -11.46
N ASP C 211 23.82 0.67 -14.05
CA ASP C 211 25.10 1.27 -14.50
C ASP C 211 26.27 0.48 -13.97
N GLU C 212 26.28 0.23 -12.67
CA GLU C 212 27.33 -0.60 -12.06
C GLU C 212 27.39 -1.98 -12.66
N ALA C 213 26.24 -2.61 -12.84
CA ALA C 213 26.19 -3.95 -13.40
C ALA C 213 26.83 -3.95 -14.79
N ALA C 214 26.61 -2.88 -15.53
CA ALA C 214 27.17 -2.73 -16.87
C ALA C 214 28.67 -2.43 -16.85
N PHE C 215 29.14 -1.55 -15.96
CA PHE C 215 30.55 -1.15 -16.05
C PHE C 215 31.49 -1.88 -15.13
N VAL C 216 31.03 -2.38 -13.99
CA VAL C 216 31.99 -3.01 -13.09
C VAL C 216 32.81 -4.13 -13.74
N PRO C 217 32.17 -5.03 -14.51
CA PRO C 217 33.05 -6.10 -15.03
C PRO C 217 34.17 -5.57 -15.92
N TRP C 218 33.81 -4.61 -16.74
CA TRP C 218 34.80 -3.99 -17.69
C TRP C 218 35.87 -3.15 -17.04
N TRP C 219 35.49 -2.43 -15.96
CA TRP C 219 36.42 -1.55 -15.24
C TRP C 219 37.40 -2.45 -14.51
N THR C 220 36.87 -3.49 -13.85
CA THR C 220 37.71 -4.45 -13.15
C THR C 220 38.68 -5.17 -14.13
N LEU C 221 38.20 -5.53 -15.31
CA LEU C 221 39.02 -6.17 -16.33
C LEU C 221 40.16 -5.22 -16.77
N ALA C 222 39.84 -3.93 -16.94
CA ALA C 222 40.84 -2.93 -17.34
C ALA C 222 41.90 -2.80 -16.26
N GLU C 223 41.45 -2.87 -15.00
CA GLU C 223 42.35 -2.82 -13.82
C GLU C 223 43.29 -3.99 -13.80
N VAL C 224 42.73 -5.17 -14.00
CA VAL C 224 43.51 -6.41 -14.06
C VAL C 224 44.53 -6.34 -15.20
N ALA C 225 44.11 -5.95 -16.40
CA ALA C 225 45.02 -5.86 -17.55
C ALA C 225 46.17 -4.86 -17.25
N SER C 226 45.82 -3.69 -16.69
CA SER C 226 46.83 -2.66 -16.31
C SER C 226 47.82 -3.14 -15.26
N SER C 227 47.35 -3.96 -14.31
CA SER C 227 48.26 -4.51 -13.32
C SER C 227 49.33 -5.38 -14.01
N HIS C 228 49.02 -5.89 -15.21
CA HIS C 228 49.98 -6.66 -16.01
C HIS C 228 50.63 -5.85 -17.12
N GLY C 229 50.54 -4.52 -17.03
CA GLY C 229 51.13 -3.66 -18.06
C GLY C 229 50.49 -3.69 -19.42
N ARG C 230 49.20 -4.09 -19.48
CA ARG C 230 48.46 -4.08 -20.73
C ARG C 230 47.28 -3.11 -20.64
N GLU C 231 47.21 -2.23 -21.62
CA GLU C 231 46.22 -1.23 -21.61
C GLU C 231 45.10 -1.69 -22.52
N LEU C 232 43.96 -2.00 -21.90
N LEU C 232 43.95 -1.99 -21.90
CA LEU C 232 42.75 -2.35 -22.64
CA LEU C 232 42.76 -2.39 -22.62
C LEU C 232 41.81 -1.17 -22.69
C LEU C 232 41.76 -1.22 -22.66
N GLY C 233 41.70 -0.45 -21.58
CA GLY C 233 40.75 0.63 -21.44
C GLY C 233 39.45 0.01 -20.90
N VAL C 234 38.54 0.84 -20.38
CA VAL C 234 37.21 0.39 -19.91
C VAL C 234 36.38 0.45 -21.18
N ARG C 235 36.00 -0.71 -21.71
N ARG C 235 35.96 -0.72 -21.68
CA ARG C 235 35.38 -0.78 -23.02
CA ARG C 235 35.31 -0.83 -22.99
C ARG C 235 33.87 -0.59 -23.05
C ARG C 235 33.86 -0.40 -23.06
N VAL C 236 33.30 -0.11 -21.96
N VAL C 236 33.25 -0.21 -21.90
CA VAL C 236 31.87 0.23 -21.92
CA VAL C 236 31.87 0.25 -21.92
C VAL C 236 31.65 1.50 -21.12
C VAL C 236 31.74 1.57 -21.20
N SER C 237 30.75 2.35 -21.60
CA SER C 237 30.35 3.57 -20.94
C SER C 237 28.96 3.25 -20.37
N ALA C 238 28.70 3.62 -19.13
CA ALA C 238 27.39 3.39 -18.48
C ALA C 238 27.14 4.54 -17.55
N LEU C 239 26.12 5.30 -17.92
CA LEU C 239 25.75 6.55 -17.23
C LEU C 239 24.28 6.50 -16.84
N THR C 240 23.93 7.15 -15.72
CA THR C 240 22.54 7.20 -15.28
C THR C 240 22.13 8.65 -15.22
N LEU C 241 21.11 8.98 -15.99
CA LEU C 241 20.61 10.32 -16.08
C LEU C 241 19.35 10.43 -15.23
N GLU C 242 19.36 11.37 -14.26
CA GLU C 242 18.23 11.61 -13.33
C GLU C 242 17.62 12.90 -13.80
N LEU C 243 16.62 12.78 -14.65
CA LEU C 243 16.03 13.91 -15.37
C LEU C 243 14.84 14.63 -14.74
N GLY C 244 15.11 15.29 -13.63
CA GLY C 244 14.06 16.08 -12.99
C GLY C 244 13.20 15.25 -12.05
N SER C 245 11.95 15.67 -11.95
CA SER C 245 11.05 15.13 -10.97
C SER C 245 10.24 13.96 -11.52
N GLN C 246 9.75 13.13 -10.61
CA GLN C 246 8.94 11.96 -10.97
C GLN C 246 7.50 12.38 -11.19
N GLU C 247 6.67 11.40 -11.56
CA GLU C 247 5.23 11.57 -11.75
C GLU C 247 4.85 12.76 -12.63
N ARG C 248 5.61 12.91 -13.72
N ARG C 248 5.64 12.98 -13.68
CA ARG C 248 5.42 14.02 -14.60
CA ARG C 248 5.35 14.06 -14.60
C ARG C 248 5.95 13.70 -15.99
C ARG C 248 5.96 13.75 -15.96
N ILE C 249 5.27 14.27 -16.97
CA ILE C 249 5.66 14.21 -18.39
C ILE C 249 5.71 15.67 -18.82
N ASP C 250 6.86 16.10 -19.34
CA ASP C 250 7.05 17.46 -19.86
C ASP C 250 7.81 17.30 -21.18
N LEU C 251 7.08 17.31 -22.26
CA LEU C 251 7.68 17.05 -23.59
C LEU C 251 8.73 18.09 -24.00
N ASP C 252 8.49 19.35 -23.69
CA ASP C 252 9.50 20.36 -24.01
C ASP C 252 10.78 20.14 -23.23
N ASP C 253 10.63 19.84 -21.94
CA ASP C 253 11.82 19.59 -21.13
C ASP C 253 12.56 18.33 -21.62
N ALA C 254 11.81 17.30 -21.98
CA ALA C 254 12.38 16.04 -22.52
C ALA C 254 13.17 16.28 -23.83
N LEU C 255 12.73 17.25 -24.63
CA LEU C 255 13.47 17.62 -25.85
C LEU C 255 14.87 18.13 -25.50
N GLU C 256 14.97 18.99 -24.51
N GLU C 256 14.96 18.97 -24.49
CA GLU C 256 16.28 19.47 -24.04
CA GLU C 256 16.25 19.49 -24.03
C GLU C 256 17.18 18.31 -23.62
C GLU C 256 17.17 18.37 -23.57
N ASP C 257 16.62 17.38 -22.86
CA ASP C 257 17.41 16.23 -22.43
C ASP C 257 17.89 15.41 -23.65
N ALA C 258 16.99 15.18 -24.60
CA ALA C 258 17.34 14.41 -25.81
C ALA C 258 18.45 15.12 -26.61
N GLU C 259 18.42 16.45 -26.62
CA GLU C 259 19.44 17.23 -27.36
C GLU C 259 20.82 17.06 -26.72
N GLY C 260 20.86 16.97 -25.40
CA GLY C 260 22.11 16.67 -24.70
C GLY C 260 22.64 15.29 -24.99
N ILE C 261 21.76 14.29 -24.97
CA ILE C 261 22.14 12.92 -25.30
C ILE C 261 22.73 12.92 -26.72
N LEU C 262 22.10 13.62 -27.64
CA LEU C 262 22.65 13.70 -29.02
C LEU C 262 24.07 14.26 -29.05
N ALA C 263 24.35 15.28 -28.25
CA ALA C 263 25.74 15.81 -28.18
C ALA C 263 26.73 14.70 -27.78
N TYR C 264 26.37 13.84 -26.79
CA TYR C 264 27.21 12.74 -26.39
C TYR C 264 27.38 11.75 -27.53
N LEU C 265 26.27 11.44 -28.20
CA LEU C 265 26.30 10.49 -29.33
C LEU C 265 27.19 11.01 -30.49
N SER C 266 27.11 12.31 -30.79
CA SER C 266 28.00 12.92 -31.80
C SER C 266 29.46 12.78 -31.34
N HIS C 267 29.73 13.19 -30.10
CA HIS C 267 31.05 13.01 -29.50
C HIS C 267 31.62 11.60 -29.64
N ARG C 268 30.80 10.56 -29.41
CA ARG C 268 31.24 9.17 -29.50
C ARG C 268 31.16 8.57 -30.89
N GLY C 269 30.75 9.35 -31.86
CA GLY C 269 30.67 8.89 -33.24
C GLY C 269 29.60 7.89 -33.54
N VAL C 270 28.52 7.96 -32.77
CA VAL C 270 27.35 7.11 -32.98
C VAL C 270 26.51 7.68 -34.11
N ILE C 271 26.47 9.02 -34.22
CA ILE C 271 25.82 9.74 -35.28
C ILE C 271 26.94 10.51 -36.05
N ALA C 272 26.76 10.70 -37.36
CA ALA C 272 27.78 11.38 -38.22
C ALA C 272 27.83 12.88 -37.99
N GLU C 273 26.67 13.46 -37.70
CA GLU C 273 26.54 14.88 -37.53
C GLU C 273 27.27 15.45 -36.33
N THR C 274 27.67 16.71 -36.47
CA THR C 274 28.25 17.46 -35.38
C THR C 274 27.13 18.04 -34.53
N VAL C 275 27.12 17.67 -33.24
CA VAL C 275 26.19 18.22 -32.25
C VAL C 275 27.10 18.57 -31.09
N LEU C 276 27.29 19.88 -30.88
CA LEU C 276 28.20 20.37 -29.82
C LEU C 276 27.46 20.56 -28.50
N PRO C 277 28.16 20.39 -27.36
CA PRO C 277 27.49 20.53 -26.08
C PRO C 277 26.92 21.90 -25.83
N LYS C 278 25.77 21.92 -25.15
CA LYS C 278 25.13 23.17 -24.75
C LYS C 278 26.08 23.88 -23.81
N PRO C 279 26.31 25.19 -24.04
CA PRO C 279 27.20 25.86 -23.10
C PRO C 279 26.40 26.13 -21.76
N LYS C 281 27.41 25.94 -17.08
CA LYS C 281 28.40 25.55 -16.04
C LYS C 281 28.02 24.14 -15.61
N ARG C 282 29.04 23.33 -15.40
CA ARG C 282 28.86 21.94 -15.04
C ARG C 282 29.66 21.65 -13.82
N TYR C 283 28.95 21.14 -12.80
CA TYR C 283 29.59 20.87 -11.52
C TYR C 283 29.55 19.40 -11.18
N GLY C 284 30.44 18.98 -10.29
CA GLY C 284 30.47 17.59 -9.84
C GLY C 284 30.88 17.46 -8.39
N CYS C 285 30.73 16.24 -7.88
CA CYS C 285 31.25 15.88 -6.58
C CYS C 285 31.44 14.38 -6.59
N PHE C 286 32.36 13.87 -5.78
CA PHE C 286 32.55 12.46 -5.66
C PHE C 286 31.38 11.93 -4.82
N LEU C 287 30.97 10.71 -5.13
CA LEU C 287 29.77 10.11 -4.54
C LEU C 287 29.77 10.11 -3.02
N LYS C 288 30.93 9.91 -2.41
CA LYS C 288 31.05 9.91 -0.94
C LYS C 288 30.62 11.25 -0.30
N ASN C 289 30.65 12.33 -1.09
CA ASN C 289 30.25 13.64 -0.60
C ASN C 289 28.78 14.02 -0.86
N TYR C 290 28.00 13.05 -1.35
CA TYR C 290 26.57 13.18 -1.60
C TYR C 290 25.89 12.70 -0.31
N ARG C 291 25.29 13.63 0.42
CA ARG C 291 24.73 13.42 1.74
C ARG C 291 23.20 13.41 1.82
N LYS C 292 22.68 12.61 2.72
CA LYS C 292 21.27 12.46 2.98
C LYS C 292 20.96 13.23 4.27
N PHE C 293 20.05 14.17 4.15
CA PHE C 293 19.57 14.95 5.27
C PHE C 293 18.19 14.41 5.71
N HIS C 294 18.14 13.83 6.93
CA HIS C 294 16.90 13.23 7.50
C HIS C 294 16.20 14.16 8.50
N ALA C 295 14.87 14.09 8.60
CA ALA C 295 14.13 14.93 9.49
C ALA C 295 14.59 14.65 10.95
N PRO C 296 15.05 15.68 11.67
CA PRO C 296 15.43 15.51 13.07
C PRO C 296 14.26 15.39 14.03
N LYS C 297 13.07 15.82 13.56
CA LYS C 297 11.88 15.88 14.29
C LYS C 297 10.78 15.66 13.23
N ALA C 298 9.63 15.12 13.60
CA ALA C 298 8.50 14.98 12.66
C ALA C 298 7.80 16.31 12.42
N GLY C 299 6.95 16.36 11.40
CA GLY C 299 6.11 17.49 11.22
C GLY C 299 5.72 17.78 9.80
N VAL C 301 6.14 20.16 6.48
CA VAL C 301 7.26 20.85 5.88
C VAL C 301 6.95 21.75 4.72
N GLU C 302 7.50 22.96 4.80
CA GLU C 302 7.51 23.92 3.71
C GLU C 302 8.96 23.90 3.21
N TYR C 303 9.18 23.48 1.97
CA TYR C 303 10.55 23.31 1.45
C TYR C 303 11.07 24.69 1.03
N LEU C 304 12.20 25.10 1.59
CA LEU C 304 12.80 26.41 1.24
C LEU C 304 13.99 26.27 0.31
N GLY C 305 14.80 25.24 0.49
CA GLY C 305 15.99 25.01 -0.34
C GLY C 305 15.52 24.55 -1.70
N LYS C 306 15.82 25.32 -2.74
CA LYS C 306 15.35 24.98 -4.09
C LYS C 306 16.36 24.02 -4.75
N VAL C 307 15.85 22.99 -5.39
CA VAL C 307 16.73 22.00 -5.99
C VAL C 307 17.63 22.60 -7.09
N GLY C 308 18.89 22.23 -7.08
CA GLY C 308 19.86 22.73 -8.05
C GLY C 308 20.44 24.10 -7.78
N VAL C 309 20.06 24.71 -6.65
CA VAL C 309 20.51 26.06 -6.26
C VAL C 309 21.47 25.92 -5.06
N PRO C 310 22.74 26.29 -5.22
CA PRO C 310 23.67 26.18 -4.12
C PRO C 310 23.24 26.97 -2.91
N LYS C 312 24.24 27.75 1.55
CA LYS C 312 25.26 27.72 2.57
C LYS C 312 24.69 27.09 3.81
N ALA C 313 25.52 26.71 4.78
N ALA C 313 25.66 26.57 4.56
CA ALA C 313 25.01 26.13 6.04
CA ALA C 313 25.50 25.93 5.84
C ALA C 313 24.05 27.04 6.83
C ALA C 313 24.88 26.96 6.72
N THR C 314 24.19 28.34 6.63
N THR C 314 23.80 26.53 7.37
CA THR C 314 23.43 29.33 7.38
CA THR C 314 23.02 27.37 8.24
C THR C 314 22.08 29.58 6.74
C THR C 314 21.96 28.14 7.45
N ASP C 315 21.85 28.95 5.59
N ASP C 315 21.85 27.94 6.14
CA ASP C 315 20.59 29.12 4.89
CA ASP C 315 20.78 28.64 5.37
C ASP C 315 19.55 28.11 5.40
C ASP C 315 19.47 27.87 5.55
N PRO C 316 18.31 28.55 5.50
CA PRO C 316 17.12 27.76 5.80
C PRO C 316 16.82 26.72 4.72
N LEU C 317 16.68 25.48 5.15
CA LEU C 317 16.38 24.38 4.27
C LEU C 317 14.85 24.18 4.21
N VAL C 318 14.19 24.14 5.37
CA VAL C 318 12.75 24.01 5.46
C VAL C 318 12.21 24.72 6.71
N ASN C 319 10.93 25.06 6.64
CA ASN C 319 10.17 25.43 7.82
C ASN C 319 9.48 24.15 8.24
N LEU C 320 9.52 23.87 9.54
CA LEU C 320 8.90 22.70 10.16
C LEU C 320 7.76 23.25 11.05
N LEU C 321 6.53 22.92 10.65
CA LEU C 321 5.29 23.41 11.26
C LEU C 321 4.65 22.31 12.10
N ARG C 322 4.33 22.67 13.34
CA ARG C 322 3.79 21.73 14.33
C ARG C 322 2.57 22.33 15.03
N LEU C 323 1.39 22.05 14.49
CA LEU C 323 0.14 22.57 15.06
C LEU C 323 -0.22 21.94 16.41
N ASP C 324 0.33 20.77 16.67
CA ASP C 324 0.20 20.10 17.95
C ASP C 324 1.01 20.80 19.06
N LEU C 325 1.93 21.68 18.67
CA LEU C 325 2.80 22.39 19.60
C LEU C 325 2.54 23.90 19.56
N TYR C 326 1.37 24.32 19.04
CA TYR C 326 1.05 25.72 18.92
C TYR C 326 1.10 26.37 20.29
N GLY C 327 1.67 27.58 20.34
CA GLY C 327 1.80 28.33 21.61
C GLY C 327 3.14 28.09 22.29
N THR C 328 4.00 27.30 21.69
CA THR C 328 5.34 27.06 22.20
C THR C 328 6.30 27.42 21.09
N GLY C 329 7.58 27.49 21.42
CA GLY C 329 8.59 27.85 20.45
C GLY C 329 8.76 26.82 19.34
N GLU C 330 8.28 25.60 19.57
CA GLU C 330 8.40 24.52 18.60
C GLU C 330 7.28 24.52 17.57
N GLU C 331 6.34 25.44 17.68
CA GLU C 331 5.19 25.52 16.72
C GLU C 331 5.66 25.69 15.27
N LEU C 332 6.78 26.40 15.08
CA LEU C 332 7.34 26.63 13.74
C LEU C 332 8.80 26.87 13.91
N THR C 333 9.63 25.98 13.36
CA THR C 333 11.09 26.09 13.46
C THR C 333 11.73 25.99 12.08
N VAL C 334 12.98 26.41 11.99
CA VAL C 334 13.73 26.37 10.71
C VAL C 334 14.78 25.31 10.86
N LEU C 335 14.84 24.39 9.90
CA LEU C 335 15.90 23.40 9.87
C LEU C 335 16.90 23.91 8.83
N ARG C 336 18.17 23.72 9.12
CA ARG C 336 19.26 24.17 8.28
C ARG C 336 20.23 23.09 7.91
N LEU C 337 20.83 23.19 6.73
N LEU C 337 20.97 23.37 6.84
CA LEU C 337 21.83 22.18 6.33
CA LEU C 337 21.99 22.51 6.22
C LEU C 337 23.08 22.38 7.16
C LEU C 337 23.23 22.47 7.14
N PRO C 338 23.72 21.27 7.51
CA PRO C 338 24.93 21.25 8.32
C PRO C 338 26.17 21.75 7.60
N GLU C 339 26.14 21.72 6.27
N GLU C 339 26.15 21.68 6.26
CA GLU C 339 27.29 22.10 5.49
CA GLU C 339 27.30 22.08 5.46
C GLU C 339 26.83 22.75 4.19
C GLU C 339 26.82 22.77 4.21
N ASP C 340 27.68 23.61 3.63
CA ASP C 340 27.41 24.23 2.34
C ASP C 340 27.30 23.10 1.32
N GLY C 341 26.39 23.24 0.37
CA GLY C 341 26.23 22.25 -0.66
C GLY C 341 25.13 22.65 -1.59
N VAL C 342 24.80 21.73 -2.49
CA VAL C 342 23.74 21.92 -3.48
C VAL C 342 22.63 20.86 -3.28
N PRO C 343 21.48 21.28 -2.79
CA PRO C 343 20.35 20.35 -2.68
C PRO C 343 19.95 19.89 -4.07
N ILE C 344 19.93 18.57 -4.28
CA ILE C 344 19.58 17.98 -5.59
C ILE C 344 18.11 17.60 -5.65
N LEU C 345 17.62 17.07 -4.54
CA LEU C 345 16.25 16.57 -4.52
C LEU C 345 15.74 16.61 -3.08
N HIS C 346 14.42 16.63 -2.96
CA HIS C 346 13.76 16.57 -1.68
C HIS C 346 12.52 15.67 -1.74
N PHE C 347 12.05 15.34 -0.55
CA PHE C 347 10.92 14.45 -0.35
C PHE C 347 9.72 15.01 -1.04
N ALA C 348 8.91 14.12 -1.63
CA ALA C 348 7.75 14.51 -2.43
C ALA C 348 6.47 14.81 -1.68
N SER C 349 6.49 14.63 -0.36
CA SER C 349 5.34 14.84 0.48
C SER C 349 5.70 15.91 1.56
N ALA C 350 4.69 16.60 2.07
CA ALA C 350 4.88 17.68 3.05
C ALA C 350 4.83 17.18 4.49
N SER C 351 4.59 15.90 4.70
CA SER C 351 4.46 15.39 6.07
C SER C 351 5.48 14.29 6.29
N VAL C 352 6.30 14.51 7.31
CA VAL C 352 7.39 13.63 7.62
C VAL C 352 7.36 13.14 9.07
N HIS C 353 7.89 11.96 9.25
CA HIS C 353 8.15 11.38 10.56
C HIS C 353 9.61 11.71 10.89
N GLN C 354 9.99 11.58 12.16
CA GLN C 354 11.40 11.70 12.46
C GLN C 354 12.15 10.64 11.61
N GLY C 355 13.22 11.06 10.97
CA GLY C 355 14.03 10.17 10.16
C GLY C 355 13.66 10.10 8.68
N THR C 356 12.54 10.67 8.27
CA THR C 356 12.19 10.66 6.86
C THR C 356 13.27 11.42 6.11
N GLU C 357 13.70 10.90 4.96
CA GLU C 357 14.77 11.57 4.20
C GLU C 357 14.21 12.83 3.55
N LEU C 358 14.65 13.97 4.04
CA LEU C 358 14.18 15.26 3.54
C LEU C 358 14.86 15.71 2.26
N TYR C 359 16.18 15.65 2.19
CA TYR C 359 16.93 16.05 1.01
C TYR C 359 18.13 15.18 0.80
N LYS C 360 18.59 15.12 -0.46
CA LYS C 360 19.95 14.67 -0.79
C LYS C 360 20.69 15.93 -1.31
N VAL C 361 21.90 16.11 -0.78
CA VAL C 361 22.71 17.29 -1.01
C VAL C 361 24.13 16.97 -1.43
N THR C 363 27.84 17.93 -1.51
CA THR C 363 28.74 18.76 -0.77
C THR C 363 30.13 18.65 -1.44
N LYS C 364 31.01 19.58 -1.07
CA LYS C 364 32.41 19.57 -1.62
C LYS C 364 32.34 19.55 -3.16
N VAL C 365 31.48 20.41 -3.68
CA VAL C 365 31.21 20.52 -5.10
C VAL C 365 32.28 21.35 -5.81
N PHE C 366 32.64 20.94 -7.02
CA PHE C 366 33.59 21.71 -7.80
C PHE C 366 33.17 21.77 -9.24
N GLU C 367 33.68 22.77 -9.96
CA GLU C 367 33.36 22.88 -11.39
C GLU C 367 34.13 21.79 -12.15
N LEU C 368 33.44 21.11 -13.04
CA LEU C 368 34.09 20.02 -13.78
C LEU C 368 34.91 20.63 -14.89
N VAL D 4 9.18 -6.82 38.53
CA VAL D 4 9.20 -6.27 37.12
C VAL D 4 9.10 -4.73 37.11
N ASP D 5 10.13 -4.07 36.58
CA ASP D 5 10.17 -2.63 36.46
C ASP D 5 9.84 -2.33 34.98
N LYS D 6 9.16 -1.24 34.69
CA LYS D 6 8.87 -0.89 33.31
C LYS D 6 9.28 0.54 33.02
N HIS D 7 9.89 0.77 31.87
CA HIS D 7 10.17 2.12 31.44
C HIS D 7 9.94 2.18 29.93
N GLU D 8 9.83 3.39 29.43
CA GLU D 8 9.58 3.59 28.00
C GLU D 8 10.78 4.20 27.32
N VAL D 9 11.06 3.75 26.10
CA VAL D 9 12.24 4.23 25.36
C VAL D 9 11.74 4.82 24.05
N ARG D 10 12.08 6.08 23.82
N ARG D 10 12.07 6.09 23.83
CA ARG D 10 11.67 6.80 22.60
CA ARG D 10 11.64 6.79 22.62
C ARG D 10 12.46 6.30 21.40
C ARG D 10 12.44 6.31 21.41
N VAL D 11 11.75 6.00 20.31
CA VAL D 11 12.42 5.55 19.08
C VAL D 11 12.09 6.36 17.84
N GLY D 12 11.15 7.29 17.97
CA GLY D 12 10.76 8.09 16.82
C GLY D 12 9.60 8.97 17.12
N GLU D 13 9.02 9.52 16.05
CA GLU D 13 7.94 10.50 16.17
C GLU D 13 7.21 10.56 14.86
N LEU D 14 5.88 10.58 14.93
CA LEU D 14 5.05 10.64 13.73
C LEU D 14 4.74 12.09 13.40
N ALA D 15 4.40 12.30 12.11
CA ALA D 15 4.03 13.58 11.51
C ALA D 15 3.03 14.40 12.31
N ALA D 16 1.92 13.77 12.75
CA ALA D 16 0.90 14.52 13.50
C ALA D 16 1.37 14.84 14.94
N GLY D 17 2.53 14.31 15.34
CA GLY D 17 3.18 14.70 16.60
C GLY D 17 3.36 13.62 17.65
N GLN D 18 2.72 12.48 17.41
CA GLN D 18 2.75 11.39 18.38
C GLN D 18 4.12 10.73 18.50
N PRO D 19 4.60 10.52 19.75
CA PRO D 19 5.87 9.85 19.88
C PRO D 19 5.78 8.36 19.58
N LEU D 20 6.88 7.79 19.14
CA LEU D 20 6.99 6.34 18.94
C LEU D 20 7.86 5.87 20.09
N SER D 21 7.28 5.04 20.97
N SER D 21 7.29 4.99 20.93
CA SER D 21 8.01 4.52 22.13
CA SER D 21 8.05 4.47 22.05
C SER D 21 7.78 3.03 22.33
C SER D 21 7.81 2.97 22.25
N LEU D 22 8.72 2.39 23.01
CA LEU D 22 8.70 0.95 23.29
C LEU D 22 8.58 0.73 24.77
N PRO D 23 7.81 -0.30 25.19
CA PRO D 23 7.73 -0.65 26.62
C PRO D 23 8.88 -1.59 26.94
N VAL D 24 9.74 -1.25 27.90
CA VAL D 24 10.86 -2.12 28.28
C VAL D 24 10.63 -2.64 29.70
N TYR D 25 10.43 -3.95 29.82
CA TYR D 25 10.18 -4.63 31.09
C TYR D 25 11.48 -5.21 31.55
N ARG D 26 11.85 -4.91 32.80
N ARG D 26 11.80 -4.95 32.82
CA ARG D 26 13.14 -5.35 33.36
CA ARG D 26 13.06 -5.38 33.39
C ARG D 26 13.02 -6.10 34.67
C ARG D 26 12.82 -6.23 34.62
N PHE D 27 13.58 -7.30 34.72
CA PHE D 27 13.59 -8.16 35.93
C PHE D 27 15.03 -8.12 36.42
N LYS D 28 15.23 -7.71 37.66
CA LYS D 28 16.57 -7.58 38.17
C LYS D 28 17.10 -8.93 38.73
N GLY D 29 18.32 -9.27 38.32
CA GLY D 29 18.99 -10.48 38.78
C GLY D 29 19.70 -10.24 40.10
N LYS D 30 19.94 -11.32 40.85
CA LYS D 30 20.60 -11.23 42.16
C LYS D 30 21.57 -12.36 42.12
N GLY D 31 22.78 -12.02 41.70
CA GLY D 31 23.83 -12.99 41.61
C GLY D 31 24.67 -12.83 40.37
N ALA D 32 25.31 -13.93 40.02
CA ALA D 32 26.13 -13.99 38.89
C ALA D 32 25.45 -15.03 38.04
N GLY D 33 24.75 -14.51 37.04
CA GLY D 33 24.20 -15.28 35.98
C GLY D 33 24.33 -14.34 34.79
N PRO D 34 24.33 -14.87 33.55
CA PRO D 34 24.35 -13.94 32.41
C PRO D 34 23.12 -13.06 32.33
N SER D 35 23.28 -11.86 31.76
CA SER D 35 22.15 -10.96 31.50
C SER D 35 21.52 -11.27 30.11
N VAL D 36 20.24 -10.96 29.99
CA VAL D 36 19.47 -11.32 28.80
C VAL D 36 18.66 -10.12 28.29
N TYR D 37 18.59 -10.04 26.96
CA TYR D 37 17.80 -9.05 26.26
C TYR D 37 16.94 -9.82 25.25
N ILE D 38 15.64 -9.63 25.33
CA ILE D 38 14.64 -10.29 24.52
C ILE D 38 13.76 -9.22 23.87
N GLN D 39 13.56 -9.31 22.56
CA GLN D 39 12.64 -8.38 21.88
C GLN D 39 11.75 -9.14 20.93
N ALA D 40 10.63 -8.53 20.58
CA ALA D 40 9.68 -9.11 19.64
C ALA D 40 9.01 -8.05 18.75
N ASN D 41 8.53 -8.50 17.59
CA ASN D 41 7.61 -7.75 16.70
C ASN D 41 8.29 -6.55 16.01
N VAL D 42 9.60 -6.66 15.76
CA VAL D 42 10.31 -5.68 14.90
C VAL D 42 9.63 -5.68 13.51
N HIS D 43 9.25 -6.88 13.05
CA HIS D 43 8.43 -7.01 11.85
C HIS D 43 7.00 -6.99 12.34
N GLY D 44 6.27 -5.99 11.88
CA GLY D 44 4.90 -5.70 12.34
C GLY D 44 3.89 -6.83 12.36
N ALA D 45 3.89 -7.65 11.32
CA ALA D 45 2.91 -8.75 11.27
C ALA D 45 3.24 -9.94 12.20
N GLU D 46 4.45 -9.95 12.77
CA GLU D 46 5.00 -11.14 13.48
C GLU D 46 4.66 -11.01 14.93
N VAL D 47 3.36 -11.05 15.22
CA VAL D 47 2.87 -10.66 16.54
C VAL D 47 2.95 -11.75 17.64
N GLN D 48 3.17 -13.01 17.28
CA GLN D 48 3.20 -14.07 18.28
C GLN D 48 4.31 -13.84 19.33
N GLY D 49 5.42 -13.23 18.91
CA GLY D 49 6.51 -12.95 19.83
C GLY D 49 6.02 -12.19 21.04
N ASN D 50 4.96 -11.37 20.87
CA ASN D 50 4.41 -10.67 21.99
C ASN D 50 3.80 -11.62 23.01
N ALA D 51 3.09 -12.60 22.50
CA ALA D 51 2.44 -13.63 23.35
C ALA D 51 3.55 -14.42 24.07
N VAL D 52 4.66 -14.66 23.37
CA VAL D 52 5.81 -15.37 23.95
C VAL D 52 6.39 -14.56 25.12
N ILE D 53 6.59 -13.26 24.92
CA ILE D 53 7.08 -12.39 25.98
C ILE D 53 6.11 -12.32 27.15
N TYR D 54 4.81 -12.23 26.88
CA TYR D 54 3.78 -12.22 27.92
C TYR D 54 3.91 -13.48 28.81
N GLN D 55 3.99 -14.65 28.19
CA GLN D 55 4.15 -15.92 28.91
C GLN D 55 5.46 -15.96 29.70
N LEU D 56 6.54 -15.53 29.07
CA LEU D 56 7.83 -15.46 29.76
C LEU D 56 7.78 -14.60 30.98
N LYS D 58 5.13 -13.82 32.84
CA LYS D 58 4.30 -14.46 33.87
C LYS D 58 5.15 -15.51 34.60
N LEU D 59 5.91 -16.28 33.83
CA LEU D 59 6.75 -17.34 34.39
C LEU D 59 7.91 -16.83 35.21
N LEU D 60 8.54 -15.75 34.72
CA LEU D 60 9.72 -15.19 35.38
C LEU D 60 9.44 -14.62 36.77
N GLU D 61 8.18 -14.29 37.04
N GLU D 61 8.18 -14.29 37.03
CA GLU D 61 7.78 -13.77 38.37
CA GLU D 61 7.76 -13.83 38.34
C GLU D 61 7.88 -14.81 39.49
C GLU D 61 8.16 -14.80 39.45
N HIS D 62 8.18 -16.07 39.15
N HIS D 62 8.07 -16.10 39.15
CA HIS D 62 8.31 -17.11 40.19
CA HIS D 62 8.31 -17.13 40.16
C HIS D 62 9.68 -17.78 40.21
C HIS D 62 9.56 -17.99 39.93
N TYR D 63 10.57 -17.40 39.29
CA TYR D 63 11.88 -18.00 39.20
C TYR D 63 12.88 -17.12 39.97
N GLU D 64 13.98 -17.72 40.36
CA GLU D 64 15.01 -17.01 41.07
C GLU D 64 15.97 -16.50 40.01
N LEU D 65 15.99 -15.20 39.76
CA LEU D 65 16.85 -14.65 38.72
C LEU D 65 18.24 -14.36 39.23
N LEU D 66 19.20 -14.95 38.55
CA LEU D 66 20.62 -14.78 38.84
C LEU D 66 21.24 -13.72 37.93
N GLY D 67 20.63 -13.47 36.77
CA GLY D 67 21.09 -12.43 35.85
C GLY D 67 19.91 -11.56 35.46
N ASP D 68 20.19 -10.33 35.04
CA ASP D 68 19.12 -9.42 34.63
C ASP D 68 18.46 -9.86 33.32
N ILE D 69 17.18 -9.57 33.17
CA ILE D 69 16.48 -9.88 31.92
C ILE D 69 15.68 -8.63 31.53
N SER D 70 15.85 -8.17 30.30
CA SER D 70 15.04 -7.05 29.75
C SER D 70 14.25 -7.63 28.59
N LEU D 71 12.95 -7.31 28.50
CA LEU D 71 12.07 -7.78 27.44
C LEU D 71 11.42 -6.56 26.81
N VAL D 72 11.39 -6.58 25.48
CA VAL D 72 10.88 -5.45 24.71
C VAL D 72 9.86 -6.00 23.69
N PRO D 73 8.60 -6.14 24.12
CA PRO D 73 7.60 -6.53 23.15
C PRO D 73 7.22 -5.28 22.35
N LEU D 74 6.44 -5.44 21.27
CA LEU D 74 5.95 -4.31 20.51
C LEU D 74 7.09 -3.35 20.13
N ALA D 75 8.17 -3.94 19.62
CA ALA D 75 9.45 -3.26 19.42
C ALA D 75 9.49 -2.35 18.18
N ASN D 76 8.41 -2.31 17.41
CA ASN D 76 8.37 -1.41 16.22
C ASN D 76 6.94 -0.88 16.00
N PRO D 77 6.49 0.09 16.80
CA PRO D 77 5.12 0.56 16.72
C PRO D 77 4.75 1.09 15.35
N LEU D 78 5.70 1.75 14.66
CA LEU D 78 5.39 2.24 13.31
C LEU D 78 4.99 1.07 12.37
N GLY D 79 5.75 -0.01 12.42
CA GLY D 79 5.47 -1.16 11.55
C GLY D 79 4.28 -1.97 12.04
N ILE D 80 4.13 -2.07 13.37
CA ILE D 80 3.04 -2.84 13.97
C ILE D 80 1.66 -2.27 13.61
N ASN D 81 1.60 -0.96 13.56
CA ASN D 81 0.36 -0.24 13.34
C ASN D 81 0.03 0.02 11.87
N GLN D 82 0.90 -0.40 10.99
CA GLN D 82 0.71 -0.14 9.55
C GLN D 82 -0.13 -1.20 8.86
N LYS D 83 -1.31 -0.81 8.39
CA LYS D 83 -2.20 -1.69 7.62
C LYS D 83 -2.25 -1.38 6.11
N SER D 84 -2.41 -2.44 5.31
CA SER D 84 -2.69 -2.33 3.89
C SER D 84 -3.70 -3.45 3.61
N GLY D 85 -4.97 -3.08 3.40
CA GLY D 85 -6.02 -4.08 3.37
C GLY D 85 -6.11 -4.68 4.77
N GLU D 86 -6.47 -5.94 4.85
CA GLU D 86 -6.69 -6.68 6.09
C GLU D 86 -5.42 -7.43 6.46
N PHE D 87 -4.30 -6.75 6.43
N PHE D 87 -4.27 -6.76 6.30
CA PHE D 87 -3.06 -7.32 6.87
CA PHE D 87 -2.91 -7.30 6.45
C PHE D 87 -2.16 -6.20 7.24
C PHE D 87 -1.98 -6.22 6.99
N THR D 88 -1.14 -6.58 7.98
CA THR D 88 -0.17 -5.66 8.51
C THR D 88 1.01 -5.58 7.53
N LEU D 89 1.26 -4.37 7.05
CA LEU D 89 2.37 -4.11 6.14
C LEU D 89 3.52 -3.67 7.04
N GLY D 90 4.09 -4.67 7.72
CA GLY D 90 5.00 -4.42 8.79
C GLY D 90 6.43 -4.81 8.65
N ARG D 91 6.82 -5.27 7.47
CA ARG D 91 8.18 -5.80 7.27
C ARG D 91 9.26 -4.78 6.90
N PHE D 92 8.82 -3.76 6.19
CA PHE D 92 9.72 -2.72 5.70
C PHE D 92 9.09 -1.35 5.78
N ASP D 93 9.95 -0.33 5.76
CA ASP D 93 9.50 1.05 5.69
C ASP D 93 8.59 1.20 4.47
N PRO D 94 7.32 1.58 4.67
CA PRO D 94 6.40 1.71 3.54
C PRO D 94 6.75 2.80 2.52
N ILE D 95 7.60 3.73 2.96
CA ILE D 95 8.06 4.79 2.08
C ILE D 95 9.16 4.32 1.18
N THR D 96 10.20 3.75 1.77
CA THR D 96 11.40 3.33 1.08
C THR D 96 11.57 1.86 0.69
N GLY D 97 10.80 0.96 1.31
CA GLY D 97 10.92 -0.49 1.08
C GLY D 97 12.01 -1.19 1.87
N VAL D 98 12.70 -0.44 2.75
CA VAL D 98 13.83 -1.00 3.47
C VAL D 98 13.34 -1.81 4.67
N ASN D 99 13.71 -3.10 4.66
CA ASN D 99 13.39 -4.07 5.73
C ASN D 99 13.91 -3.54 7.09
N TRP D 100 13.01 -3.44 8.05
CA TRP D 100 13.36 -2.93 9.40
C TRP D 100 14.52 -3.74 10.01
N ASN D 101 14.57 -5.02 9.66
CA ASN D 101 15.61 -5.95 10.15
C ASN D 101 16.82 -5.99 9.25
N ARG D 102 17.01 -4.94 8.45
CA ARG D 102 18.25 -4.75 7.68
C ARG D 102 18.90 -3.41 8.04
N GLU D 103 18.41 -2.79 9.11
CA GLU D 103 18.83 -1.47 9.49
C GLU D 103 19.79 -1.45 10.67
N TYR D 104 20.24 -2.61 11.14
CA TYR D 104 21.18 -2.61 12.24
C TYR D 104 22.57 -2.11 11.82
N LEU D 105 23.37 -1.78 12.82
CA LEU D 105 24.67 -1.14 12.63
C LEU D 105 25.82 -2.11 12.65
N ASP D 106 26.56 -2.16 11.56
CA ASP D 106 27.80 -2.95 11.48
C ASP D 106 28.88 -2.01 12.02
N HIS D 107 29.52 -2.37 13.13
CA HIS D 107 30.55 -1.53 13.66
C HIS D 107 31.76 -1.55 12.74
N GLY D 108 32.13 -0.37 12.27
CA GLY D 108 33.23 -0.24 11.33
C GLY D 108 34.62 -0.32 11.93
N PHE D 109 34.77 0.05 13.20
CA PHE D 109 36.10 0.13 13.83
C PHE D 109 36.96 -1.12 13.71
N ASN D 110 38.27 -0.90 13.62
CA ASN D 110 39.25 -1.95 13.48
C ASN D 110 39.42 -2.68 14.80
N ILE D 111 38.98 -3.92 14.80
CA ILE D 111 38.99 -4.76 15.99
C ILE D 111 40.41 -5.26 16.32
N GLU D 112 41.22 -5.48 15.29
CA GLU D 112 42.63 -5.85 15.48
C GLU D 112 43.33 -4.73 16.26
N VAL D 113 43.15 -3.48 15.83
CA VAL D 113 43.71 -2.33 16.56
C VAL D 113 43.10 -2.20 17.96
N TRP D 114 41.76 -2.26 18.05
CA TRP D 114 41.11 -2.22 19.33
C TRP D 114 41.71 -3.27 20.27
N TYR D 115 41.85 -4.50 19.80
CA TYR D 115 42.38 -5.57 20.64
C TYR D 115 43.81 -5.25 21.13
N GLN D 116 44.69 -4.83 20.23
N GLN D 116 44.67 -4.82 20.21
CA GLN D 116 46.06 -4.50 20.62
CA GLN D 116 46.04 -4.44 20.51
C GLN D 116 46.08 -3.40 21.69
C GLN D 116 46.09 -3.40 21.65
N GLU D 117 45.18 -2.42 21.59
CA GLU D 117 45.11 -1.37 22.61
C GLU D 117 44.57 -1.83 23.97
N HIS D 118 43.91 -2.99 24.02
CA HIS D 118 43.34 -3.50 25.28
C HIS D 118 43.87 -4.88 25.72
N SER D 119 44.81 -5.42 24.97
CA SER D 119 45.34 -6.77 25.23
C SER D 119 45.97 -6.95 26.61
N HIS D 120 46.39 -5.86 27.23
CA HIS D 120 46.98 -5.89 28.57
C HIS D 120 45.93 -6.07 29.65
N LEU D 121 44.66 -5.87 29.29
CA LEU D 121 43.56 -6.00 30.23
C LEU D 121 43.19 -7.45 30.38
N ASP D 122 42.71 -7.83 31.55
CA ASP D 122 42.24 -9.21 31.76
C ASP D 122 40.90 -9.39 31.03
N ASP D 123 40.43 -10.62 30.97
CA ASP D 123 39.20 -10.91 30.25
C ASP D 123 38.03 -10.01 30.64
N ASP D 124 37.65 -10.03 31.90
CA ASP D 124 36.48 -9.27 32.34
C ASP D 124 36.59 -7.75 32.12
N THR D 125 37.79 -7.20 32.30
CA THR D 125 38.04 -5.78 32.08
C THR D 125 37.97 -5.45 30.58
N LEU D 126 38.50 -6.37 29.77
CA LEU D 126 38.50 -6.24 28.31
C LEU D 126 37.08 -6.36 27.78
N ILE D 127 36.32 -7.33 28.30
CA ILE D 127 34.93 -7.53 27.89
C ILE D 127 34.11 -6.29 28.23
N THR D 128 34.29 -5.77 29.43
CA THR D 128 33.59 -4.58 29.83
C THR D 128 33.88 -3.39 28.91
N ALA D 129 35.16 -3.21 28.55
CA ALA D 129 35.61 -2.14 27.68
C ALA D 129 35.05 -2.28 26.26
N PHE D 130 35.07 -3.49 25.73
CA PHE D 130 34.55 -3.76 24.36
C PHE D 130 33.04 -3.43 24.28
N ARG D 131 32.29 -3.80 25.32
CA ARG D 131 30.87 -3.53 25.43
C ARG D 131 30.65 -2.02 25.48
N ALA D 132 31.42 -1.31 26.28
CA ALA D 132 31.32 0.15 26.35
C ALA D 132 31.58 0.78 24.96
N THR D 133 32.58 0.28 24.24
CA THR D 133 32.88 0.75 22.88
C THR D 133 31.69 0.56 21.93
N LEU D 134 31.07 -0.62 21.94
CA LEU D 134 29.88 -0.88 21.11
C LEU D 134 28.69 0.05 21.42
N VAL D 135 28.45 0.26 22.73
CA VAL D 135 27.39 1.15 23.16
C VAL D 135 27.68 2.59 22.73
N GLU D 136 28.93 3.02 22.89
CA GLU D 136 29.30 4.36 22.48
C GLU D 136 29.19 4.58 20.95
N GLU D 137 29.55 3.58 20.17
CA GLU D 137 29.44 3.66 18.71
C GLU D 137 27.98 3.84 18.28
N CYS D 138 27.05 3.17 18.95
CA CYS D 138 25.62 3.40 18.72
C CYS D 138 25.22 4.85 19.01
N ALA D 139 25.65 5.39 20.15
CA ALA D 139 25.35 6.78 20.50
C ALA D 139 25.90 7.77 19.43
N ARG D 140 27.12 7.50 19.00
CA ARG D 140 27.80 8.35 18.02
C ARG D 140 27.03 8.33 16.70
N ARG D 141 26.52 7.15 16.33
CA ARG D 141 25.76 6.99 15.10
C ARG D 141 24.51 7.86 15.11
N LEU D 142 23.81 7.89 16.24
CA LEU D 142 22.58 8.64 16.40
C LEU D 142 22.79 10.14 16.56
N ASN D 143 24.02 10.56 16.88
CA ASN D 143 24.38 11.98 17.02
C ASN D 143 25.04 12.41 15.71
N ASN D 144 24.22 12.76 14.75
CA ASN D 144 24.71 13.09 13.40
C ASN D 144 23.83 14.22 12.95
N PRO D 145 24.41 15.39 12.57
CA PRO D 145 23.55 16.47 12.17
C PRO D 145 22.80 16.17 10.87
N TRP D 146 23.26 15.21 10.08
CA TRP D 146 22.51 14.84 8.89
C TRP D 146 21.38 13.84 9.23
N GLY D 147 21.37 13.33 10.47
CA GLY D 147 20.33 12.40 10.91
C GLY D 147 20.50 11.02 10.36
N VAL D 148 19.52 10.16 10.66
CA VAL D 148 19.54 8.79 10.25
C VAL D 148 18.10 8.44 9.90
N THR D 149 17.95 7.36 9.14
CA THR D 149 16.61 6.95 8.70
C THR D 149 15.74 6.59 9.92
N THR D 150 14.45 6.56 9.66
CA THR D 150 13.47 6.15 10.62
C THR D 150 13.82 4.75 11.15
N GLY D 151 14.06 3.80 10.25
CA GLY D 151 14.35 2.43 10.64
C GLY D 151 15.69 2.31 11.33
N HIS D 152 16.69 3.08 10.91
CA HIS D 152 18.01 3.04 11.50
C HIS D 152 17.96 3.56 12.96
N ARG D 153 17.21 4.63 13.21
CA ARG D 153 17.07 5.13 14.59
C ARG D 153 16.46 4.02 15.48
N LEU D 154 15.39 3.41 15.01
CA LEU D 154 14.81 2.29 15.77
C LEU D 154 15.83 1.17 16.05
N ALA D 155 16.47 0.69 14.98
CA ALA D 155 17.38 -0.45 15.01
C ALA D 155 18.56 -0.22 15.93
N VAL D 156 19.16 0.96 15.81
CA VAL D 156 20.31 1.31 16.65
C VAL D 156 19.91 1.46 18.13
N THR D 157 18.73 2.01 18.39
CA THR D 157 18.22 2.14 19.76
C THR D 157 18.07 0.74 20.39
N LEU D 158 17.50 -0.18 19.63
CA LEU D 158 17.31 -1.59 20.11
C LEU D 158 18.67 -2.25 20.30
N GLN D 159 19.56 -2.04 19.32
CA GLN D 159 20.89 -2.60 19.34
C GLN D 159 21.72 -2.12 20.54
N SER D 160 21.58 -0.86 20.90
CA SER D 160 22.32 -0.33 22.04
C SER D 160 21.94 -1.10 23.32
N ALA D 162 20.57 -4.19 23.32
CA ALA D 162 21.04 -5.55 23.06
C ALA D 162 22.53 -5.73 23.38
N HIS D 163 23.34 -4.72 23.07
CA HIS D 163 24.77 -4.80 23.32
C HIS D 163 25.10 -4.94 24.79
N ARG D 164 24.24 -4.40 25.64
CA ARG D 164 24.43 -4.45 27.08
C ARG D 164 24.26 -5.84 27.71
N ALA D 165 23.67 -6.78 26.97
CA ALA D 165 23.37 -8.12 27.46
C ALA D 165 24.38 -9.16 26.98
N ASP D 166 24.43 -10.25 27.74
CA ASP D 166 25.25 -11.38 27.44
C ASP D 166 24.56 -12.31 26.47
N ILE D 167 23.23 -12.31 26.51
CA ILE D 167 22.40 -13.19 25.69
C ILE D 167 21.32 -12.34 25.03
N VAL D 168 21.21 -12.43 23.71
CA VAL D 168 20.22 -11.65 22.95
C VAL D 168 19.31 -12.64 22.23
N LEU D 169 17.99 -12.54 22.45
CA LEU D 169 17.00 -13.36 21.78
C LEU D 169 16.06 -12.44 21.01
N ASP D 170 16.02 -12.61 19.69
CA ASP D 170 15.18 -11.78 18.82
C ASP D 170 14.05 -12.68 18.38
N LEU D 171 12.83 -12.32 18.75
CA LEU D 171 11.64 -13.15 18.44
C LEU D 171 10.86 -12.66 17.21
N HIS D 172 10.82 -13.54 16.22
CA HIS D 172 10.17 -13.31 14.93
C HIS D 172 9.18 -14.43 14.66
N THR D 173 8.53 -14.36 13.51
CA THR D 173 7.76 -15.44 12.96
C THR D 173 8.04 -15.47 11.45
N GLY D 174 7.78 -16.59 10.81
CA GLY D 174 7.77 -16.67 9.38
C GLY D 174 6.37 -16.27 8.89
N PRO D 175 6.11 -16.43 7.58
CA PRO D 175 4.80 -16.06 7.00
C PRO D 175 3.81 -17.20 7.35
N LYS D 176 3.73 -18.21 6.50
CA LYS D 176 3.07 -19.50 6.86
C LYS D 176 4.32 -20.36 7.09
N SER D 177 4.60 -20.67 8.35
CA SER D 177 5.88 -21.25 8.68
C SER D 177 5.83 -22.18 9.86
N CYS D 178 6.77 -23.12 9.88
CA CYS D 178 6.96 -23.96 11.06
C CYS D 178 7.93 -23.19 11.97
N LYS D 179 8.17 -23.69 13.17
CA LYS D 179 9.10 -23.08 14.09
C LYS D 179 10.53 -23.42 13.65
N HIS D 180 11.37 -22.40 13.58
CA HIS D 180 12.78 -22.59 13.24
C HIS D 180 13.63 -21.60 13.98
N LEU D 181 14.92 -21.89 14.02
CA LEU D 181 15.88 -21.11 14.80
C LEU D 181 17.10 -20.78 13.98
N TYR D 182 17.57 -19.53 14.09
CA TYR D 182 18.87 -19.12 13.54
C TYR D 182 19.84 -19.11 14.72
N CYS D 183 20.88 -19.91 14.58
CA CYS D 183 21.87 -20.09 15.64
C CYS D 183 23.29 -19.96 15.04
N PRO D 184 24.14 -19.15 15.64
CA PRO D 184 25.49 -19.05 15.11
C PRO D 184 26.30 -20.33 15.28
N GLU D 185 27.17 -20.60 14.30
CA GLU D 185 27.96 -21.81 14.32
C GLU D 185 28.77 -22.00 15.60
N TYR D 186 29.16 -20.92 16.26
CA TYR D 186 29.96 -21.03 17.48
C TYR D 186 29.19 -21.54 18.70
N GLU D 187 27.87 -21.62 18.61
CA GLU D 187 27.05 -22.11 19.74
C GLU D 187 25.94 -23.03 19.28
N ARG D 188 26.33 -23.99 18.45
CA ARG D 188 25.43 -25.03 17.97
C ARG D 188 24.73 -25.72 19.14
N SER D 189 25.41 -25.80 20.28
CA SER D 189 24.83 -26.40 21.49
C SER D 189 23.54 -25.74 22.00
N ALA D 190 23.34 -24.45 21.70
CA ALA D 190 22.15 -23.73 22.17
C ALA D 190 20.86 -24.33 21.63
N ALA D 191 20.90 -24.84 20.41
CA ALA D 191 19.70 -25.32 19.74
C ALA D 191 18.97 -26.44 20.47
N GLN D 192 19.75 -27.26 21.20
N GLN D 192 19.71 -27.30 21.16
CA GLN D 192 19.22 -28.39 21.98
CA GLN D 192 19.11 -28.42 21.89
C GLN D 192 18.21 -28.00 23.04
C GLN D 192 18.19 -28.00 23.05
N TYR D 193 18.26 -26.75 23.51
CA TYR D 193 17.42 -26.30 24.62
C TYR D 193 16.07 -25.74 24.22
N PHE D 194 16.01 -25.10 23.06
CA PHE D 194 14.76 -24.51 22.59
C PHE D 194 13.83 -25.60 22.13
N SER D 195 12.53 -25.29 22.07
CA SER D 195 11.53 -26.21 21.61
C SER D 195 11.29 -25.98 20.13
N ILE D 196 12.37 -26.11 19.35
CA ILE D 196 12.35 -25.80 17.91
C ILE D 196 12.97 -26.95 17.09
N PRO D 197 12.18 -27.52 16.17
CA PRO D 197 12.63 -28.69 15.44
C PRO D 197 13.73 -28.49 14.38
N TYR D 198 13.83 -27.28 13.82
CA TYR D 198 14.71 -26.99 12.70
C TYR D 198 15.54 -25.76 12.97
N THR D 199 16.86 -25.91 12.85
CA THR D 199 17.87 -24.87 13.13
C THR D 199 18.83 -24.63 11.97
N LEU D 200 18.98 -23.35 11.62
CA LEU D 200 19.92 -22.88 10.61
C LEU D 200 21.14 -22.40 11.35
N LEU D 201 22.28 -23.00 11.04
CA LEU D 201 23.56 -22.65 11.63
C LEU D 201 24.18 -21.59 10.72
N ILE D 202 24.48 -20.44 11.32
CA ILE D 202 24.89 -19.23 10.56
C ILE D 202 26.35 -18.78 10.86
N PRO D 203 27.02 -18.23 9.85
CA PRO D 203 28.43 -17.86 9.93
C PRO D 203 28.66 -16.46 10.45
N ASN D 204 29.95 -16.11 10.61
CA ASN D 204 30.31 -14.80 11.12
C ASN D 204 30.26 -13.80 10.00
N SER D 205 29.05 -13.33 9.70
CA SER D 205 28.81 -12.44 8.59
C SER D 205 27.70 -11.47 8.96
N PHE D 206 27.94 -10.19 8.69
CA PHE D 206 26.94 -9.14 8.93
C PHE D 206 26.07 -8.91 7.70
N GLY D 207 24.77 -9.06 7.90
CA GLY D 207 23.79 -8.92 6.85
C GLY D 207 22.70 -7.91 7.20
N GLY D 208 22.89 -7.12 8.25
CA GLY D 208 21.93 -6.08 8.60
C GLY D 208 20.95 -6.39 9.72
N ALA D 209 20.96 -7.64 10.19
CA ALA D 209 20.01 -8.10 11.15
C ALA D 209 20.47 -8.01 12.59
N ASP D 211 20.58 -10.20 15.21
CA ASP D 211 21.47 -11.22 15.72
C ASP D 211 22.93 -11.02 15.29
N GLU D 212 23.11 -10.85 14.01
CA GLU D 212 24.42 -10.53 13.42
C GLU D 212 25.02 -9.25 14.01
N ALA D 213 24.23 -8.19 14.14
CA ALA D 213 24.70 -6.97 14.75
C ALA D 213 25.23 -7.21 16.16
N ALA D 214 24.54 -8.09 16.91
CA ALA D 214 24.91 -8.39 18.30
C ALA D 214 26.16 -9.28 18.37
N PHE D 215 26.28 -10.29 17.49
CA PHE D 215 27.38 -11.28 17.64
C PHE D 215 28.61 -11.05 16.83
N VAL D 216 28.47 -10.43 15.65
CA VAL D 216 29.61 -10.23 14.77
C VAL D 216 30.81 -9.56 15.49
N PRO D 217 30.58 -8.47 16.24
CA PRO D 217 31.76 -7.86 16.90
C PRO D 217 32.52 -8.78 17.87
N TRP D 218 31.75 -9.53 18.65
CA TRP D 218 32.29 -10.45 19.67
C TRP D 218 32.94 -11.68 19.04
N TRP D 219 32.39 -12.16 17.91
CA TRP D 219 32.93 -13.30 17.21
C TRP D 219 34.29 -12.90 16.55
N THR D 220 34.34 -11.71 15.96
CA THR D 220 35.55 -11.18 15.35
C THR D 220 36.62 -10.96 16.44
N LEU D 221 36.20 -10.39 17.57
CA LEU D 221 37.08 -10.18 18.73
C LEU D 221 37.69 -11.51 19.19
N ALA D 222 36.87 -12.57 19.24
CA ALA D 222 37.37 -13.89 19.64
C ALA D 222 38.43 -14.40 18.66
N GLU D 223 38.20 -14.22 17.36
CA GLU D 223 39.15 -14.60 16.31
C GLU D 223 40.49 -13.86 16.45
N VAL D 224 40.41 -12.55 16.63
CA VAL D 224 41.59 -11.69 16.82
C VAL D 224 42.35 -12.10 18.09
N ALA D 225 41.64 -12.21 19.22
CA ALA D 225 42.27 -12.64 20.47
C ALA D 225 43.03 -13.95 20.27
N SER D 226 42.33 -14.95 19.74
CA SER D 226 42.88 -16.28 19.48
C SER D 226 44.12 -16.21 18.60
N SER D 227 44.10 -15.33 17.60
CA SER D 227 45.24 -15.16 16.69
C SER D 227 46.49 -14.68 17.43
N HIS D 228 46.33 -14.07 18.61
CA HIS D 228 47.47 -13.65 19.46
C HIS D 228 47.64 -14.52 20.71
N GLY D 229 47.20 -15.77 20.63
CA GLY D 229 47.34 -16.71 21.72
C GLY D 229 46.46 -16.50 22.94
N ARG D 230 45.30 -15.87 22.74
CA ARG D 230 44.39 -15.64 23.85
C ARG D 230 43.02 -16.16 23.49
N GLU D 231 42.61 -17.22 24.17
CA GLU D 231 41.35 -17.87 23.91
C GLU D 231 40.26 -17.22 24.73
N LEU D 232 39.84 -16.04 24.26
CA LEU D 232 38.82 -15.27 24.92
C LEU D 232 37.46 -15.96 24.77
N GLY D 233 37.21 -16.53 23.60
CA GLY D 233 35.88 -17.12 23.30
C GLY D 233 34.92 -15.99 22.89
N VAL D 234 33.81 -16.39 22.24
CA VAL D 234 32.74 -15.45 21.82
C VAL D 234 31.88 -15.14 23.04
N ARG D 235 31.99 -13.92 23.54
CA ARG D 235 31.38 -13.53 24.78
C ARG D 235 29.91 -13.11 24.80
N VAL D 236 29.23 -13.25 23.65
N VAL D 236 29.23 -13.25 23.66
CA VAL D 236 27.80 -12.96 23.56
CA VAL D 236 27.79 -13.02 23.61
C VAL D 236 27.10 -14.06 22.75
C VAL D 236 27.14 -14.15 22.85
N SER D 237 25.88 -14.41 23.18
CA SER D 237 25.06 -15.39 22.51
C SER D 237 23.93 -14.55 21.87
N ALA D 238 23.60 -14.80 20.59
CA ALA D 238 22.56 -14.04 19.89
C ALA D 238 21.86 -14.98 18.93
N LEU D 239 20.59 -15.21 19.23
CA LEU D 239 19.77 -16.18 18.49
C LEU D 239 18.46 -15.55 18.03
N THR D 240 17.96 -16.03 16.90
CA THR D 240 16.69 -15.52 16.31
C THR D 240 15.72 -16.66 16.19
N LEU D 241 14.62 -16.54 16.92
CA LEU D 241 13.57 -17.54 16.90
C LEU D 241 12.48 -17.12 15.92
N GLU D 242 12.15 -18.00 14.97
CA GLU D 242 11.05 -17.78 13.99
C GLU D 242 9.94 -18.71 14.48
N LEU D 243 9.06 -18.12 15.28
CA LEU D 243 8.07 -18.90 15.99
C LEU D 243 6.73 -19.11 15.27
N GLY D 244 6.78 -19.93 14.24
CA GLY D 244 5.60 -20.24 13.50
C GLY D 244 5.15 -19.13 12.57
N SER D 245 3.83 -19.05 12.39
CA SER D 245 3.20 -18.15 11.40
C SER D 245 2.84 -16.74 11.89
N GLN D 246 2.84 -15.78 10.95
CA GLN D 246 2.53 -14.40 11.21
C GLN D 246 1.03 -14.23 11.34
N GLU D 247 0.64 -13.01 11.71
CA GLU D 247 -0.76 -12.61 11.82
C GLU D 247 -1.55 -13.58 12.68
N ARG D 248 -0.95 -13.98 13.79
N ARG D 248 -0.97 -13.88 13.82
CA ARG D 248 -1.48 -15.03 14.66
CA ARG D 248 -1.42 -14.98 14.66
C ARG D 248 -1.06 -14.82 16.10
C ARG D 248 -1.04 -14.80 16.13
N ILE D 249 -2.01 -14.94 17.03
CA ILE D 249 -1.75 -15.00 18.46
C ILE D 249 -2.34 -16.39 18.88
N ASP D 250 -1.51 -17.21 19.50
CA ASP D 250 -1.92 -18.50 20.07
C ASP D 250 -1.22 -18.58 21.42
N LEU D 251 -1.96 -18.34 22.49
CA LEU D 251 -1.38 -18.23 23.81
C LEU D 251 -0.78 -19.53 24.32
N ASP D 252 -1.49 -20.63 24.14
CA ASP D 252 -0.98 -21.92 24.62
C ASP D 252 0.29 -22.33 23.85
N ASP D 253 0.32 -22.08 22.54
CA ASP D 253 1.47 -22.38 21.73
C ASP D 253 2.64 -21.46 22.13
N ALA D 254 2.36 -20.17 22.42
CA ALA D 254 3.36 -19.22 22.95
C ALA D 254 3.98 -19.72 24.23
N LEU D 255 3.16 -20.35 25.08
CA LEU D 255 3.65 -20.93 26.34
C LEU D 255 4.72 -21.98 26.07
N GLU D 256 4.48 -22.84 25.09
N GLU D 256 4.49 -22.84 25.10
CA GLU D 256 5.45 -23.88 24.69
CA GLU D 256 5.48 -23.84 24.76
C GLU D 256 6.80 -23.25 24.27
C GLU D 256 6.80 -23.17 24.36
N ASP D 257 6.71 -22.15 23.52
CA ASP D 257 7.90 -21.43 23.08
C ASP D 257 8.68 -20.86 24.30
N ALA D 258 7.94 -20.20 25.19
CA ALA D 258 8.48 -19.58 26.40
C ALA D 258 9.20 -20.62 27.27
N GLU D 259 8.63 -21.81 27.41
CA GLU D 259 9.23 -22.86 28.22
C GLU D 259 10.55 -23.34 27.61
N GLY D 260 10.61 -23.40 26.28
CA GLY D 260 11.84 -23.73 25.58
C GLY D 260 12.89 -22.66 25.87
N ILE D 261 12.50 -21.39 25.77
CA ILE D 261 13.39 -20.29 26.08
C ILE D 261 13.93 -20.43 27.50
N LEU D 262 13.06 -20.72 28.44
CA LEU D 262 13.47 -20.83 29.84
C LEU D 262 14.43 -22.02 30.04
N ALA D 263 14.33 -23.07 29.24
CA ALA D 263 15.27 -24.22 29.34
C ALA D 263 16.65 -23.74 28.94
N TYR D 264 16.72 -22.93 27.89
CA TYR D 264 18.00 -22.35 27.51
C TYR D 264 18.54 -21.45 28.60
N LEU D 265 17.71 -20.60 29.15
CA LEU D 265 18.12 -19.69 30.20
C LEU D 265 18.57 -20.40 31.49
N SER D 266 17.86 -21.48 31.81
CA SER D 266 18.19 -22.32 32.96
C SER D 266 19.54 -22.97 32.69
N HIS D 267 19.68 -23.54 31.49
CA HIS D 267 20.98 -24.09 31.07
C HIS D 267 22.15 -23.09 31.22
N ARG D 268 21.92 -21.82 30.91
CA ARG D 268 22.95 -20.79 30.98
C ARG D 268 23.12 -20.19 32.37
N GLY D 269 22.29 -20.61 33.32
CA GLY D 269 22.40 -20.09 34.66
C GLY D 269 21.82 -18.73 34.90
N VAL D 270 20.89 -18.31 34.05
CA VAL D 270 20.21 -17.04 34.21
C VAL D 270 19.19 -17.13 35.32
N ILE D 271 18.54 -18.29 35.40
CA ILE D 271 17.60 -18.62 36.49
C ILE D 271 18.19 -19.82 37.28
N ALA D 272 17.99 -19.82 38.59
CA ALA D 272 18.57 -20.86 39.47
C ALA D 272 17.92 -22.21 39.30
N GLU D 273 16.62 -22.22 39.09
CA GLU D 273 15.89 -23.44 38.92
C GLU D 273 16.28 -24.21 37.65
N THR D 274 16.21 -25.52 37.76
CA THR D 274 16.43 -26.41 36.64
C THR D 274 15.16 -26.56 35.82
N VAL D 275 15.16 -25.98 34.63
CA VAL D 275 14.03 -26.14 33.71
C VAL D 275 14.62 -26.93 32.57
N LEU D 276 14.18 -28.19 32.40
CA LEU D 276 14.68 -29.06 31.36
C LEU D 276 14.02 -28.83 30.01
N PRO D 277 14.77 -29.04 28.92
CA PRO D 277 14.20 -28.89 27.60
C PRO D 277 13.23 -30.03 27.35
N LYS D 278 12.39 -29.81 26.36
CA LYS D 278 11.41 -30.75 25.91
C LYS D 278 12.05 -31.80 25.03
N PRO D 279 11.77 -33.12 25.29
CA PRO D 279 12.29 -34.12 24.39
C PRO D 279 11.58 -34.03 23.05
N LYS D 281 12.78 -34.49 18.48
CA LYS D 281 13.81 -34.60 17.47
C LYS D 281 14.16 -33.17 17.01
N ARG D 282 15.45 -32.92 16.87
CA ARG D 282 15.92 -31.63 16.43
C ARG D 282 16.88 -31.82 15.27
N TYR D 283 16.73 -30.98 14.23
CA TYR D 283 17.54 -31.05 13.05
C TYR D 283 18.20 -29.72 12.78
N GLY D 284 19.27 -29.81 12.01
CA GLY D 284 20.03 -28.64 11.63
C GLY D 284 20.33 -28.62 10.16
N CYS D 285 20.82 -27.47 9.74
CA CYS D 285 21.18 -27.23 8.39
C CYS D 285 22.09 -26.02 8.36
N PHE D 286 23.14 -26.06 7.54
CA PHE D 286 24.01 -24.89 7.36
C PHE D 286 23.30 -23.89 6.44
N LEU D 287 23.39 -22.62 6.77
CA LEU D 287 22.68 -21.55 6.05
C LEU D 287 22.80 -21.63 4.54
N LYS D 288 24.01 -21.95 4.03
CA LYS D 288 24.20 -22.04 2.59
C LYS D 288 23.28 -23.04 1.90
N ASN D 289 22.78 -23.99 2.65
CA ASN D 289 21.87 -24.99 2.11
C ASN D 289 20.38 -24.69 2.27
N TYR D 290 20.06 -23.48 2.72
CA TYR D 290 18.66 -23.03 2.86
C TYR D 290 18.35 -22.34 1.55
N ARG D 291 17.41 -22.90 0.82
CA ARG D 291 17.13 -22.47 -0.53
C ARG D 291 15.77 -21.82 -0.70
N LYS D 292 15.70 -20.90 -1.67
CA LYS D 292 14.46 -20.22 -2.03
C LYS D 292 13.93 -20.79 -3.31
N PHE D 293 12.67 -21.19 -3.27
CA PHE D 293 11.98 -21.69 -4.46
C PHE D 293 10.99 -20.65 -5.00
N HIS D 294 11.22 -20.17 -6.20
CA HIS D 294 10.39 -19.13 -6.81
C HIS D 294 9.44 -19.69 -7.84
N ALA D 295 8.30 -19.03 -8.00
CA ALA D 295 7.31 -19.49 -8.98
C ALA D 295 7.95 -19.45 -10.37
N PRO D 296 7.99 -20.61 -11.07
CA PRO D 296 8.54 -20.63 -12.44
C PRO D 296 7.56 -20.08 -13.46
N LYS D 297 6.29 -19.93 -13.07
CA LYS D 297 5.22 -19.43 -13.89
C LYS D 297 4.22 -18.77 -12.93
N ALA D 298 3.42 -17.83 -13.43
CA ALA D 298 2.40 -17.20 -12.57
C ALA D 298 1.22 -18.15 -12.38
N GLY D 299 0.38 -17.85 -11.39
CA GLY D 299 -0.87 -18.52 -11.27
C GLY D 299 -1.43 -18.58 -9.88
N VAL D 301 -2.14 -20.82 -6.57
CA VAL D 301 -1.42 -21.89 -5.89
C VAL D 301 -2.14 -22.60 -4.74
N GLU D 302 -2.13 -23.94 -4.79
CA GLU D 302 -2.59 -24.78 -3.68
C GLU D 302 -1.30 -25.37 -3.13
N TYR D 303 -0.97 -25.06 -1.87
CA TYR D 303 0.23 -25.52 -1.24
C TYR D 303 0.06 -26.99 -0.78
N LEU D 304 0.96 -27.84 -1.23
CA LEU D 304 0.90 -29.29 -0.91
C LEU D 304 2.00 -29.66 0.09
N GLY D 305 3.16 -29.04 -0.05
CA GLY D 305 4.25 -29.24 0.89
C GLY D 305 3.91 -28.62 2.20
N LYS D 306 3.80 -29.43 3.24
CA LYS D 306 3.46 -28.95 4.58
C LYS D 306 4.69 -28.46 5.26
N VAL D 307 4.62 -27.34 5.96
CA VAL D 307 5.81 -26.81 6.58
C VAL D 307 6.31 -27.71 7.71
N GLY D 308 7.64 -27.85 7.78
CA GLY D 308 8.29 -28.65 8.81
C GLY D 308 8.24 -30.16 8.60
N VAL D 309 7.78 -30.58 7.42
CA VAL D 309 7.66 -32.01 7.10
C VAL D 309 8.63 -32.31 5.96
N PRO D 310 9.60 -33.21 6.20
CA PRO D 310 10.51 -33.58 5.14
C PRO D 310 9.83 -34.10 3.88
N LYS D 312 10.74 -35.26 -0.61
CA LYS D 312 11.71 -35.71 -1.58
C LYS D 312 11.57 -34.92 -2.85
N ALA D 313 12.59 -34.85 -3.70
N ALA D 313 12.74 -34.81 -3.49
CA ALA D 313 12.44 -34.11 -4.97
CA ALA D 313 12.93 -34.21 -4.78
C ALA D 313 11.29 -34.63 -5.85
C ALA D 313 11.95 -34.92 -5.65
N THR D 314 10.84 -35.86 -5.59
N THR D 314 11.26 -34.13 -6.46
CA THR D 314 9.78 -36.46 -6.39
CA THR D 314 10.25 -34.59 -7.39
C THR D 314 8.36 -36.10 -5.93
C THR D 314 8.88 -34.73 -6.75
N ASP D 315 8.26 -35.48 -4.76
N ASP D 315 8.75 -34.66 -5.41
CA ASP D 315 6.97 -35.10 -4.20
CA ASP D 315 7.41 -34.76 -4.75
C ASP D 315 6.49 -33.74 -4.75
C ASP D 315 6.55 -33.52 -5.03
N PRO D 316 5.19 -33.64 -5.02
CA PRO D 316 4.46 -32.41 -5.36
C PRO D 316 4.60 -31.36 -4.26
N LEU D 317 4.95 -30.14 -4.66
CA LEU D 317 5.13 -29.03 -3.73
C LEU D 317 3.89 -28.12 -3.78
N VAL D 318 3.40 -27.81 -5.00
CA VAL D 318 2.18 -27.06 -5.15
C VAL D 318 1.49 -27.53 -6.42
N ASN D 319 0.18 -27.33 -6.46
CA ASN D 319 -0.60 -27.38 -7.69
C ASN D 319 -0.72 -25.90 -8.14
N LEU D 320 -0.45 -25.67 -9.41
CA LEU D 320 -0.54 -24.35 -10.05
C LEU D 320 -1.73 -24.40 -10.98
N LEU D 321 -2.73 -23.56 -10.68
CA LEU D 321 -3.99 -23.53 -11.40
C LEU D 321 -4.10 -22.29 -12.27
N ARG D 322 -4.44 -22.50 -13.52
CA ARG D 322 -4.48 -21.49 -14.55
C ARG D 322 -5.79 -21.53 -15.30
N LEU D 323 -6.77 -20.80 -14.79
CA LEU D 323 -8.10 -20.73 -15.42
C LEU D 323 -8.08 -20.11 -16.79
N ASP D 324 -7.11 -19.21 -17.01
CA ASP D 324 -6.91 -18.61 -18.33
C ASP D 324 -6.39 -19.61 -19.40
N LEU D 325 -5.91 -20.77 -18.95
CA LEU D 325 -5.36 -21.82 -19.81
C LEU D 325 -6.21 -23.11 -19.81
N TYR D 326 -7.46 -22.98 -19.37
CA TYR D 326 -8.39 -24.12 -19.32
C TYR D 326 -8.52 -24.77 -20.69
N GLY D 327 -8.54 -26.09 -20.68
CA GLY D 327 -8.64 -26.87 -21.92
C GLY D 327 -7.29 -27.16 -22.54
N THR D 328 -6.21 -26.84 -21.83
CA THR D 328 -4.87 -27.15 -22.30
C THR D 328 -4.18 -27.87 -21.16
N GLY D 329 -3.03 -28.47 -21.43
CA GLY D 329 -2.27 -29.17 -20.40
C GLY D 329 -1.77 -28.27 -19.28
N GLU D 330 -1.74 -26.96 -19.52
CA GLU D 330 -1.23 -26.03 -18.51
C GLU D 330 -2.33 -25.53 -17.58
N GLU D 331 -3.56 -26.04 -17.72
CA GLU D 331 -4.69 -25.64 -16.88
C GLU D 331 -4.40 -25.94 -15.40
N LEU D 332 -3.70 -27.04 -15.14
CA LEU D 332 -3.36 -27.45 -13.79
C LEU D 332 -2.09 -28.26 -13.87
N THR D 333 -1.04 -27.79 -13.22
CA THR D 333 0.22 -28.47 -13.23
C THR D 333 0.80 -28.56 -11.84
N VAL D 334 1.74 -29.48 -11.66
CA VAL D 334 2.33 -29.74 -10.37
C VAL D 334 3.77 -29.26 -10.41
N LEU D 335 4.16 -28.46 -9.41
CA LEU D 335 5.54 -27.98 -9.29
C LEU D 335 6.17 -28.83 -8.20
N ARG D 336 7.43 -29.20 -8.41
CA ARG D 336 8.16 -30.07 -7.51
C ARG D 336 9.47 -29.48 -7.03
N LEU D 337 9.94 -29.99 -5.92
N LEU D 337 9.93 -29.89 -5.86
CA LEU D 337 11.16 -29.54 -5.23
CA LEU D 337 11.19 -29.35 -5.37
C LEU D 337 12.38 -30.06 -6.02
C LEU D 337 12.31 -29.98 -6.15
N PRO D 338 13.33 -29.18 -6.44
CA PRO D 338 14.51 -29.68 -7.14
C PRO D 338 15.34 -30.69 -6.36
N GLU D 339 15.28 -30.68 -5.04
CA GLU D 339 16.12 -31.49 -4.21
C GLU D 339 15.38 -31.88 -2.93
N ASP D 340 15.78 -32.98 -2.29
CA ASP D 340 15.18 -33.42 -1.06
C ASP D 340 15.39 -32.33 -0.02
N GLY D 341 14.41 -32.12 0.84
CA GLY D 341 14.56 -31.12 1.86
C GLY D 341 13.34 -30.97 2.71
N VAL D 342 13.42 -30.01 3.62
CA VAL D 342 12.34 -29.71 4.50
C VAL D 342 11.81 -28.32 4.23
N PRO D 343 10.59 -28.22 3.67
CA PRO D 343 10.00 -26.88 3.54
C PRO D 343 9.80 -26.26 4.92
N ILE D 344 10.30 -25.05 5.11
CA ILE D 344 10.18 -24.36 6.38
C ILE D 344 9.00 -23.38 6.37
N LEU D 345 8.81 -22.70 5.25
CA LEU D 345 7.81 -21.66 5.16
C LEU D 345 7.37 -21.46 3.72
N HIS D 346 6.14 -20.99 3.55
CA HIS D 346 5.61 -20.67 2.23
C HIS D 346 4.86 -19.34 2.21
N PHE D 347 4.66 -18.88 1.00
CA PHE D 347 4.04 -17.58 0.72
C PHE D 347 2.65 -17.54 1.32
N ALA D 348 2.26 -16.38 1.89
CA ALA D 348 1.01 -16.25 2.63
C ALA D 348 -0.24 -16.06 1.80
N SER D 349 -0.06 -15.98 0.49
CA SER D 349 -1.14 -15.69 -0.45
C SER D 349 -1.21 -16.81 -1.50
N ALA D 350 -2.33 -16.95 -2.17
CA ALA D 350 -2.54 -18.02 -3.17
C ALA D 350 -2.36 -17.57 -4.62
N SER D 351 -2.04 -16.30 -4.87
CA SER D 351 -1.89 -15.85 -6.25
C SER D 351 -0.48 -15.29 -6.37
N VAL D 352 0.26 -15.80 -7.35
CA VAL D 352 1.66 -15.45 -7.53
C VAL D 352 1.96 -14.99 -8.96
N HIS D 353 2.93 -14.10 -9.06
CA HIS D 353 3.49 -13.74 -10.36
C HIS D 353 4.70 -14.61 -10.58
N GLN D 354 5.19 -14.64 -11.82
CA GLN D 354 6.40 -15.39 -12.07
C GLN D 354 7.48 -14.77 -11.18
N GLY D 355 8.20 -15.60 -10.46
CA GLY D 355 9.27 -15.13 -9.60
C GLY D 355 8.92 -14.91 -8.15
N THR D 356 7.62 -14.91 -7.81
CA THR D 356 7.21 -14.77 -6.39
C THR D 356 7.81 -15.93 -5.62
N GLU D 357 8.41 -15.64 -4.47
CA GLU D 357 9.00 -16.66 -3.66
C GLU D 357 7.88 -17.52 -3.05
N LEU D 358 7.86 -18.79 -3.43
CA LEU D 358 6.82 -19.72 -2.95
C LEU D 358 7.16 -20.40 -1.63
N TYR D 359 8.39 -20.86 -1.52
CA TYR D 359 8.88 -21.58 -0.34
C TYR D 359 10.32 -21.30 -0.02
N LYS D 360 10.68 -21.48 1.24
CA LYS D 360 12.10 -21.60 1.63
C LYS D 360 12.24 -23.05 2.19
N VAL D 361 13.30 -23.74 1.77
CA VAL D 361 13.51 -25.14 2.03
C VAL D 361 14.90 -25.41 2.55
N THR D 363 17.89 -27.81 2.91
CA THR D 363 18.43 -28.98 2.21
C THR D 363 19.66 -29.48 2.98
N LYS D 364 20.06 -30.73 2.73
CA LYS D 364 21.22 -31.31 3.44
C LYS D 364 21.09 -31.18 4.96
N VAL D 365 19.89 -31.53 5.41
CA VAL D 365 19.52 -31.49 6.78
C VAL D 365 20.10 -32.68 7.54
N PHE D 366 20.54 -32.42 8.76
CA PHE D 366 21.11 -33.46 9.62
C PHE D 366 20.52 -33.38 11.01
N GLU D 367 20.55 -34.47 11.76
CA GLU D 367 20.03 -34.43 13.09
C GLU D 367 21.05 -33.72 13.94
N LEU D 368 20.62 -32.83 14.82
CA LEU D 368 21.58 -32.02 15.61
C LEU D 368 22.36 -32.87 16.59
#